data_7TAB
# 
_entry.id   7TAB 
# 
_audit_conform.dict_name       mmcif_pdbx.dic 
_audit_conform.dict_version    5.380 
_audit_conform.dict_location   http://mmcif.pdb.org/dictionaries/ascii/mmcif_pdbx.dic 
# 
loop_
_database_2.database_id 
_database_2.database_code 
_database_2.pdbx_database_accession 
_database_2.pdbx_DOI 
PDB   7TAB         pdb_00007tab 10.2210/pdb7tab/pdb 
WWPDB D_1000261920 ?            ?                   
# 
_pdbx_database_status.status_code                     REL 
_pdbx_database_status.status_code_sf                  REL 
_pdbx_database_status.status_code_mr                  ? 
_pdbx_database_status.entry_id                        7TAB 
_pdbx_database_status.recvd_initial_deposition_date   2021-12-20 
_pdbx_database_status.SG_entry                        N 
_pdbx_database_status.deposit_site                    RCSB 
_pdbx_database_status.process_site                    RCSB 
_pdbx_database_status.status_code_cs                  ? 
_pdbx_database_status.status_code_nmr_data            ? 
_pdbx_database_status.methods_development_category    ? 
_pdbx_database_status.pdb_format_compatible           Y 
# 
loop_
_audit_author.name 
_audit_author.pdbx_ordinal 
_audit_author.identifier_ORCID 
'Tang, Y.'      1 0000-0002-1738-8342 
'Poy, F.'       2 ?                   
'Taylor, A.M.'  3 ?                   
'Cochran, A.G.' 4 0000-0001-6469-795X 
'Bellon, S.F.'  5 ?                   
# 
_citation.abstract                  ? 
_citation.abstract_id_CAS           ? 
_citation.book_id_ISBN              ? 
_citation.book_publisher            ? 
_citation.book_publisher_city       ? 
_citation.book_title                ? 
_citation.coordinate_linkage        ? 
_citation.country                   US 
_citation.database_id_Medline       ? 
_citation.details                   ? 
_citation.id                        primary 
_citation.journal_abbrev            J.Med.Chem. 
_citation.journal_id_ASTM           JMCMAR 
_citation.journal_id_CSD            0151 
_citation.journal_id_ISSN           0022-2623 
_citation.journal_full              ? 
_citation.journal_issue             ? 
_citation.journal_volume            65 
_citation.language                  ? 
_citation.page_first                11177 
_citation.page_last                 11186 
_citation.title                     
;GNE-064: A Potent, Selective, and Orally Bioavailable Chemical Probe for the Bromodomains of SMARCA2 and SMARCA4 and the Fifth Bromodomain of PBRM1.
;
_citation.year                      2022 
_citation.database_id_CSD           ? 
_citation.pdbx_database_id_DOI      10.1021/acs.jmedchem.2c00662 
_citation.pdbx_database_id_PubMed   35930799 
_citation.pdbx_database_id_patent   ? 
_citation.unpublished_flag          ? 
# 
loop_
_citation_author.citation_id 
_citation_author.name 
_citation_author.ordinal 
_citation_author.identifier_ORCID 
primary 'Taylor, A.M.'     1  ? 
primary 'Bailey, C.'       2  ? 
primary 'Belmont, L.D.'    3  ? 
primary 'Campbell, R.'     4  ? 
primary 'Cantone, N.'      5  ? 
primary 'Cote, A.'         6  ? 
primary 'Crawford, T.D.'   7  ? 
primary 'Cummings, R.'     8  ? 
primary 'DeMent, K.'       9  ? 
primary 'Duplessis, M.'    10 ? 
primary 'Flynn, M.'        11 ? 
primary 'Good, A.C.'       12 ? 
primary 'Huang, H.R.'      13 ? 
primary 'Joshi, S.'        14 ? 
primary 'Leblanc, Y.'      15 ? 
primary 'Murray, J.'       16 ? 
primary 'Nasveschuk, C.G.' 17 ? 
primary 'Neiss, A.'        18 ? 
primary 'Poy, F.'          19 ? 
primary 'Romero, F.A.'     20 ? 
primary 'Sandy, P.'        21 ? 
primary 'Tang, Y.'         22 ? 
primary 'Tsui, V.'         23 ? 
primary 'Zawadzke, L.'     24 ? 
primary 'Sims 3rd, R.J.'   25 ? 
primary 'Audia, J.E.'      26 ? 
primary 'Bellon, S.F.'     27 ? 
primary 'Magnuson, S.R.'   28 ? 
primary 'Albrecht, B.K.'   29 ? 
primary 'Cochran, A.G.'    30 ? 
# 
_cell.angle_alpha                  90.000 
_cell.angle_alpha_esd              ? 
_cell.angle_beta                   91.310 
_cell.angle_beta_esd               ? 
_cell.angle_gamma                  90.000 
_cell.angle_gamma_esd              ? 
_cell.entry_id                     7TAB 
_cell.details                      ? 
_cell.formula_units_Z              ? 
_cell.length_a                     30.227 
_cell.length_a_esd                 ? 
_cell.length_b                     28.597 
_cell.length_b_esd                 ? 
_cell.length_c                     65.740 
_cell.length_c_esd                 ? 
_cell.volume                       ? 
_cell.volume_esd                   ? 
_cell.Z_PDB                        2 
_cell.reciprocal_angle_alpha       ? 
_cell.reciprocal_angle_beta        ? 
_cell.reciprocal_angle_gamma       ? 
_cell.reciprocal_angle_alpha_esd   ? 
_cell.reciprocal_angle_beta_esd    ? 
_cell.reciprocal_angle_gamma_esd   ? 
_cell.reciprocal_length_a          ? 
_cell.reciprocal_length_b          ? 
_cell.reciprocal_length_c          ? 
_cell.reciprocal_length_a_esd      ? 
_cell.reciprocal_length_b_esd      ? 
_cell.reciprocal_length_c_esd      ? 
_cell.pdbx_unique_axis             ? 
# 
_symmetry.entry_id                         7TAB 
_symmetry.cell_setting                     ? 
_symmetry.Int_Tables_number                4 
_symmetry.space_group_name_Hall            ? 
_symmetry.space_group_name_H-M             'P 1 21 1' 
_symmetry.pdbx_full_space_group_name_H-M   ? 
# 
loop_
_entity.id 
_entity.type 
_entity.src_method 
_entity.pdbx_description 
_entity.formula_weight 
_entity.pdbx_number_of_molecules 
_entity.pdbx_ec 
_entity.pdbx_mutation 
_entity.pdbx_fragment 
_entity.details 
1 polymer     man 'Isoform 4 of Transcription activator BRG1' 15104.229 1   3.6.4.- ? ? ? 
2 non-polymer syn '2-(6-amino-5-phenylpyridazin-3-yl)phenol'  263.294   1   ?       ? ? ? 
3 water       nat water                                       18.015    126 ?       ? ? ? 
# 
_entity_name_com.entity_id   1 
_entity_name_com.name        
;ATP-dependent helicase SMARCA4,BRG1-associated factor 190A,BAF190A,Mitotic growth and transcription activator,Protein BRG-1,Protein brahma homolog 1,SNF2-beta,SWI/SNF-related matrix-associated actin-dependent regulator of chromatin subfamily A member 4
;
# 
_entity_poly.entity_id                      1 
_entity_poly.type                           'polypeptide(L)' 
_entity_poly.nstd_linkage                   no 
_entity_poly.nstd_monomer                   no 
_entity_poly.pdbx_seq_one_letter_code       
;GSAEKLSPNPPNLTKKMKKIVDAVIKYKDSSSGRQLSEVFIQLPSRKELPEYYELIRKPVDFKKIKERIRNHKYRSLNDL
EKDVMLLCQNAQTFNLEGSLIYEDSIVLQSVFTSVRQKIEKEDDSEGEES
;
_entity_poly.pdbx_seq_one_letter_code_can   
;GSAEKLSPNPPNLTKKMKKIVDAVIKYKDSSSGRQLSEVFIQLPSRKELPEYYELIRKPVDFKKIKERIRNHKYRSLNDL
EKDVMLLCQNAQTFNLEGSLIYEDSIVLQSVFTSVRQKIEKEDDSEGEES
;
_entity_poly.pdbx_strand_id                 A 
_entity_poly.pdbx_target_identifier         ? 
# 
loop_
_entity_poly_seq.entity_id 
_entity_poly_seq.num 
_entity_poly_seq.mon_id 
_entity_poly_seq.hetero 
1 1   GLY n 
1 2   SER n 
1 3   ALA n 
1 4   GLU n 
1 5   LYS n 
1 6   LEU n 
1 7   SER n 
1 8   PRO n 
1 9   ASN n 
1 10  PRO n 
1 11  PRO n 
1 12  ASN n 
1 13  LEU n 
1 14  THR n 
1 15  LYS n 
1 16  LYS n 
1 17  MET n 
1 18  LYS n 
1 19  LYS n 
1 20  ILE n 
1 21  VAL n 
1 22  ASP n 
1 23  ALA n 
1 24  VAL n 
1 25  ILE n 
1 26  LYS n 
1 27  TYR n 
1 28  LYS n 
1 29  ASP n 
1 30  SER n 
1 31  SER n 
1 32  SER n 
1 33  GLY n 
1 34  ARG n 
1 35  GLN n 
1 36  LEU n 
1 37  SER n 
1 38  GLU n 
1 39  VAL n 
1 40  PHE n 
1 41  ILE n 
1 42  GLN n 
1 43  LEU n 
1 44  PRO n 
1 45  SER n 
1 46  ARG n 
1 47  LYS n 
1 48  GLU n 
1 49  LEU n 
1 50  PRO n 
1 51  GLU n 
1 52  TYR n 
1 53  TYR n 
1 54  GLU n 
1 55  LEU n 
1 56  ILE n 
1 57  ARG n 
1 58  LYS n 
1 59  PRO n 
1 60  VAL n 
1 61  ASP n 
1 62  PHE n 
1 63  LYS n 
1 64  LYS n 
1 65  ILE n 
1 66  LYS n 
1 67  GLU n 
1 68  ARG n 
1 69  ILE n 
1 70  ARG n 
1 71  ASN n 
1 72  HIS n 
1 73  LYS n 
1 74  TYR n 
1 75  ARG n 
1 76  SER n 
1 77  LEU n 
1 78  ASN n 
1 79  ASP n 
1 80  LEU n 
1 81  GLU n 
1 82  LYS n 
1 83  ASP n 
1 84  VAL n 
1 85  MET n 
1 86  LEU n 
1 87  LEU n 
1 88  CYS n 
1 89  GLN n 
1 90  ASN n 
1 91  ALA n 
1 92  GLN n 
1 93  THR n 
1 94  PHE n 
1 95  ASN n 
1 96  LEU n 
1 97  GLU n 
1 98  GLY n 
1 99  SER n 
1 100 LEU n 
1 101 ILE n 
1 102 TYR n 
1 103 GLU n 
1 104 ASP n 
1 105 SER n 
1 106 ILE n 
1 107 VAL n 
1 108 LEU n 
1 109 GLN n 
1 110 SER n 
1 111 VAL n 
1 112 PHE n 
1 113 THR n 
1 114 SER n 
1 115 VAL n 
1 116 ARG n 
1 117 GLN n 
1 118 LYS n 
1 119 ILE n 
1 120 GLU n 
1 121 LYS n 
1 122 GLU n 
1 123 ASP n 
1 124 ASP n 
1 125 SER n 
1 126 GLU n 
1 127 GLY n 
1 128 GLU n 
1 129 GLU n 
1 130 SER n 
# 
_entity_src_gen.entity_id                          1 
_entity_src_gen.pdbx_src_id                        1 
_entity_src_gen.pdbx_alt_source_flag               sample 
_entity_src_gen.pdbx_seq_type                      'Biological sequence' 
_entity_src_gen.pdbx_beg_seq_num                   1 
_entity_src_gen.pdbx_end_seq_num                   130 
_entity_src_gen.gene_src_common_name               human 
_entity_src_gen.gene_src_genus                     ? 
_entity_src_gen.pdbx_gene_src_gene                 'SMARCA4, BAF190A, BRG1, SNF2B, SNF2L4' 
_entity_src_gen.gene_src_species                   ? 
_entity_src_gen.gene_src_strain                    ? 
_entity_src_gen.gene_src_tissue                    ? 
_entity_src_gen.gene_src_tissue_fraction           ? 
_entity_src_gen.gene_src_details                   ? 
_entity_src_gen.pdbx_gene_src_fragment             ? 
_entity_src_gen.pdbx_gene_src_scientific_name      'Homo sapiens' 
_entity_src_gen.pdbx_gene_src_ncbi_taxonomy_id     9606 
_entity_src_gen.pdbx_gene_src_variant              ? 
_entity_src_gen.pdbx_gene_src_cell_line            ? 
_entity_src_gen.pdbx_gene_src_atcc                 ? 
_entity_src_gen.pdbx_gene_src_organ                ? 
_entity_src_gen.pdbx_gene_src_organelle            ? 
_entity_src_gen.pdbx_gene_src_cell                 ? 
_entity_src_gen.pdbx_gene_src_cellular_location    ? 
_entity_src_gen.host_org_common_name               ? 
_entity_src_gen.pdbx_host_org_scientific_name      'Escherichia coli' 
_entity_src_gen.pdbx_host_org_ncbi_taxonomy_id     562 
_entity_src_gen.host_org_genus                     ? 
_entity_src_gen.pdbx_host_org_gene                 ? 
_entity_src_gen.pdbx_host_org_organ                ? 
_entity_src_gen.host_org_species                   ? 
_entity_src_gen.pdbx_host_org_tissue               ? 
_entity_src_gen.pdbx_host_org_tissue_fraction      ? 
_entity_src_gen.pdbx_host_org_strain               ? 
_entity_src_gen.pdbx_host_org_variant              ? 
_entity_src_gen.pdbx_host_org_cell_line            ? 
_entity_src_gen.pdbx_host_org_atcc                 ? 
_entity_src_gen.pdbx_host_org_culture_collection   ? 
_entity_src_gen.pdbx_host_org_cell                 ? 
_entity_src_gen.pdbx_host_org_organelle            ? 
_entity_src_gen.pdbx_host_org_cellular_location    ? 
_entity_src_gen.pdbx_host_org_vector_type          ? 
_entity_src_gen.pdbx_host_org_vector               ? 
_entity_src_gen.host_org_details                   ? 
_entity_src_gen.expression_system_id               ? 
_entity_src_gen.plasmid_name                       ? 
_entity_src_gen.plasmid_details                    ? 
_entity_src_gen.pdbx_description                   ? 
# 
_struct_ref.id                         1 
_struct_ref.db_name                    UNP 
_struct_ref.db_code                    SMCA4-4_HUMAN 
_struct_ref.pdbx_db_accession          P51532-4 
_struct_ref.pdbx_db_isoform            ? 
_struct_ref.entity_id                  1 
_struct_ref.pdbx_seq_one_letter_code   
;AEKLSPNPPNLTKKMKKIVDAVIKYKDSSSGRQLSEVFIQLPSRKELPEYYELIRKPVDFKKIKERIRNHKYRSLNDLEK
DVMLLCQNAQTFNLEGSLIYEDSIVLQSVFTSVRQKIEKEDDSEGEES
;
_struct_ref.pdbx_align_begin           1418 
# 
_struct_ref_seq.align_id                      1 
_struct_ref_seq.ref_id                        1 
_struct_ref_seq.pdbx_PDB_id_code              7TAB 
_struct_ref_seq.pdbx_strand_id                A 
_struct_ref_seq.seq_align_beg                 3 
_struct_ref_seq.pdbx_seq_align_beg_ins_code   ? 
_struct_ref_seq.seq_align_end                 130 
_struct_ref_seq.pdbx_seq_align_end_ins_code   ? 
_struct_ref_seq.pdbx_db_accession             P51532-4 
_struct_ref_seq.db_align_beg                  1418 
_struct_ref_seq.pdbx_db_align_beg_ins_code    ? 
_struct_ref_seq.db_align_end                  1545 
_struct_ref_seq.pdbx_db_align_end_ins_code    ? 
_struct_ref_seq.pdbx_auth_seq_align_beg       1448 
_struct_ref_seq.pdbx_auth_seq_align_end       1575 
# 
loop_
_struct_ref_seq_dif.align_id 
_struct_ref_seq_dif.pdbx_pdb_id_code 
_struct_ref_seq_dif.mon_id 
_struct_ref_seq_dif.pdbx_pdb_strand_id 
_struct_ref_seq_dif.seq_num 
_struct_ref_seq_dif.pdbx_pdb_ins_code 
_struct_ref_seq_dif.pdbx_seq_db_name 
_struct_ref_seq_dif.pdbx_seq_db_accession_code 
_struct_ref_seq_dif.db_mon_id 
_struct_ref_seq_dif.pdbx_seq_db_seq_num 
_struct_ref_seq_dif.details 
_struct_ref_seq_dif.pdbx_auth_seq_num 
_struct_ref_seq_dif.pdbx_ordinal 
1 7TAB GLY A 1 ? UNP P51532-4 ? ? 'expression tag' 1446 1 
1 7TAB SER A 2 ? UNP P51532-4 ? ? 'expression tag' 1447 2 
# 
loop_
_chem_comp.id 
_chem_comp.type 
_chem_comp.mon_nstd_flag 
_chem_comp.name 
_chem_comp.pdbx_synonyms 
_chem_comp.formula 
_chem_comp.formula_weight 
ALA 'L-peptide linking' y ALANINE                                    ? 'C3 H7 N O2'     89.093  
ARG 'L-peptide linking' y ARGININE                                   ? 'C6 H15 N4 O2 1' 175.209 
ASN 'L-peptide linking' y ASPARAGINE                                 ? 'C4 H8 N2 O3'    132.118 
ASP 'L-peptide linking' y 'ASPARTIC ACID'                            ? 'C4 H7 N O4'     133.103 
CYS 'L-peptide linking' y CYSTEINE                                   ? 'C3 H7 N O2 S'   121.158 
GGU non-polymer         . '2-(6-amino-5-phenylpyridazin-3-yl)phenol' ? 'C16 H13 N3 O'   263.294 
GLN 'L-peptide linking' y GLUTAMINE                                  ? 'C5 H10 N2 O3'   146.144 
GLU 'L-peptide linking' y 'GLUTAMIC ACID'                            ? 'C5 H9 N O4'     147.129 
GLY 'peptide linking'   y GLYCINE                                    ? 'C2 H5 N O2'     75.067  
HIS 'L-peptide linking' y HISTIDINE                                  ? 'C6 H10 N3 O2 1' 156.162 
HOH non-polymer         . WATER                                      ? 'H2 O'           18.015  
ILE 'L-peptide linking' y ISOLEUCINE                                 ? 'C6 H13 N O2'    131.173 
LEU 'L-peptide linking' y LEUCINE                                    ? 'C6 H13 N O2'    131.173 
LYS 'L-peptide linking' y LYSINE                                     ? 'C6 H15 N2 O2 1' 147.195 
MET 'L-peptide linking' y METHIONINE                                 ? 'C5 H11 N O2 S'  149.211 
PHE 'L-peptide linking' y PHENYLALANINE                              ? 'C9 H11 N O2'    165.189 
PRO 'L-peptide linking' y PROLINE                                    ? 'C5 H9 N O2'     115.130 
SER 'L-peptide linking' y SERINE                                     ? 'C3 H7 N O3'     105.093 
THR 'L-peptide linking' y THREONINE                                  ? 'C4 H9 N O3'     119.119 
TYR 'L-peptide linking' y TYROSINE                                   ? 'C9 H11 N O3'    181.189 
VAL 'L-peptide linking' y VALINE                                     ? 'C5 H11 N O2'    117.146 
# 
_exptl.absorpt_coefficient_mu     ? 
_exptl.absorpt_correction_T_max   ? 
_exptl.absorpt_correction_T_min   ? 
_exptl.absorpt_correction_type    ? 
_exptl.absorpt_process_details    ? 
_exptl.entry_id                   7TAB 
_exptl.crystals_number            1 
_exptl.details                    ? 
_exptl.method                     'X-RAY DIFFRACTION' 
_exptl.method_details             ? 
# 
_exptl_crystal.colour                      ? 
_exptl_crystal.density_diffrn              ? 
_exptl_crystal.density_Matthews            1.88 
_exptl_crystal.density_method              ? 
_exptl_crystal.density_percent_sol         34.74 
_exptl_crystal.description                 'Very thin plates that nonetheless diffract to extreme high resolution.' 
_exptl_crystal.F_000                       ? 
_exptl_crystal.id                          1 
_exptl_crystal.preparation                 ? 
_exptl_crystal.size_max                    ? 
_exptl_crystal.size_mid                    ? 
_exptl_crystal.size_min                    ? 
_exptl_crystal.size_rad                    ? 
_exptl_crystal.colour_lustre               ? 
_exptl_crystal.colour_modifier             ? 
_exptl_crystal.colour_primary              ? 
_exptl_crystal.density_meas                ? 
_exptl_crystal.density_meas_esd            ? 
_exptl_crystal.density_meas_gt             ? 
_exptl_crystal.density_meas_lt             ? 
_exptl_crystal.density_meas_temp           ? 
_exptl_crystal.density_meas_temp_esd       ? 
_exptl_crystal.density_meas_temp_gt        ? 
_exptl_crystal.density_meas_temp_lt        ? 
_exptl_crystal.pdbx_crystal_image_url      ? 
_exptl_crystal.pdbx_crystal_image_format   ? 
_exptl_crystal.pdbx_mosaicity              ? 
_exptl_crystal.pdbx_mosaicity_esd          ? 
# 
_exptl_crystal_grow.apparatus       ? 
_exptl_crystal_grow.atmosphere      ? 
_exptl_crystal_grow.crystal_id      1 
_exptl_crystal_grow.details         ? 
_exptl_crystal_grow.method          'VAPOR DIFFUSION, SITTING DROP' 
_exptl_crystal_grow.method_ref      ? 
_exptl_crystal_grow.pH              8.5 
_exptl_crystal_grow.pressure        ? 
_exptl_crystal_grow.pressure_esd    ? 
_exptl_crystal_grow.seeding         ? 
_exptl_crystal_grow.seeding_ref     ? 
_exptl_crystal_grow.temp            277 
_exptl_crystal_grow.temp_details    '4 degree Celsius' 
_exptl_crystal_grow.temp_esd        ? 
_exptl_crystal_grow.time            ? 
_exptl_crystal_grow.pdbx_details    
;Protein in buffer: 20 mM Hepes pH 7.5, 150 mM NaCl, 0.5 mM TCEP, at a concentration of 15.55 mg/ml (1.03 mM) 

Reservoir solution contains: Jeffamine ED-2001 pH 7.0 at 30%, Tris-HCl pH 8.5 at 0.1 M, 4% PEG 400
;
_exptl_crystal_grow.pdbx_pH_range   8.2-8.8 
# 
_diffrn.ambient_environment              ? 
_diffrn.ambient_temp                     100 
_diffrn.ambient_temp_details             'LN2 flow' 
_diffrn.ambient_temp_esd                 ? 
_diffrn.crystal_id                       1 
_diffrn.crystal_support                  ? 
_diffrn.crystal_treatment                ? 
_diffrn.details                          ? 
_diffrn.id                               1 
_diffrn.ambient_pressure                 ? 
_diffrn.ambient_pressure_esd             ? 
_diffrn.ambient_pressure_gt              ? 
_diffrn.ambient_pressure_lt              ? 
_diffrn.ambient_temp_gt                  ? 
_diffrn.ambient_temp_lt                  ? 
_diffrn.pdbx_serial_crystal_experiment   N 
# 
_diffrn_detector.details                      ? 
_diffrn_detector.detector                     'IMAGE PLATE' 
_diffrn_detector.diffrn_id                    1 
_diffrn_detector.type                         'MAR scanner 300 mm plate' 
_diffrn_detector.area_resol_mean              ? 
_diffrn_detector.dtime                        ? 
_diffrn_detector.pdbx_frames_total            ? 
_diffrn_detector.pdbx_collection_time_total   ? 
_diffrn_detector.pdbx_collection_date         2013-12-15 
_diffrn_detector.pdbx_frequency               ? 
# 
_diffrn_radiation.collimation                      ? 
_diffrn_radiation.diffrn_id                        1 
_diffrn_radiation.filter_edge                      ? 
_diffrn_radiation.inhomogeneity                    ? 
_diffrn_radiation.monochromator                    graphite 
_diffrn_radiation.polarisn_norm                    ? 
_diffrn_radiation.polarisn_ratio                   ? 
_diffrn_radiation.probe                            ? 
_diffrn_radiation.type                             ? 
_diffrn_radiation.xray_symbol                      ? 
_diffrn_radiation.wavelength_id                    1 
_diffrn_radiation.pdbx_monochromatic_or_laue_m_l   M 
_diffrn_radiation.pdbx_wavelength_list             ? 
_diffrn_radiation.pdbx_wavelength                  ? 
_diffrn_radiation.pdbx_diffrn_protocol             'SINGLE WAVELENGTH' 
_diffrn_radiation.pdbx_analyzer                    ? 
_diffrn_radiation.pdbx_scattering_type             x-ray 
# 
_diffrn_radiation_wavelength.id           1 
_diffrn_radiation_wavelength.wavelength   0.98011 
_diffrn_radiation_wavelength.wt           1.0 
# 
_diffrn_source.current                     ? 
_diffrn_source.details                     ? 
_diffrn_source.diffrn_id                   1 
_diffrn_source.power                       ? 
_diffrn_source.size                        ? 
_diffrn_source.source                      SYNCHROTRON 
_diffrn_source.target                      ? 
_diffrn_source.type                        'APS BEAMLINE 22-BM' 
_diffrn_source.voltage                     ? 
_diffrn_source.take-off_angle              ? 
_diffrn_source.pdbx_wavelength_list        0.98011 
_diffrn_source.pdbx_wavelength             ? 
_diffrn_source.pdbx_synchrotron_beamline   22-BM 
_diffrn_source.pdbx_synchrotron_site       APS 
# 
_reflns.B_iso_Wilson_estimate                          ? 
_reflns.entry_id                                       7TAB 
_reflns.data_reduction_details                         ? 
_reflns.data_reduction_method                          ? 
_reflns.d_resolution_high                              1.160 
_reflns.d_resolution_low                               50.000 
_reflns.details                                        ? 
_reflns.limit_h_max                                    ? 
_reflns.limit_h_min                                    ? 
_reflns.limit_k_max                                    ? 
_reflns.limit_k_min                                    ? 
_reflns.limit_l_max                                    ? 
_reflns.limit_l_min                                    ? 
_reflns.number_all                                     ? 
_reflns.number_obs                                     38722 
_reflns.observed_criterion                             ? 
_reflns.observed_criterion_F_max                       ? 
_reflns.observed_criterion_F_min                       ? 
_reflns.observed_criterion_I_max                       ? 
_reflns.observed_criterion_I_min                       ? 
_reflns.observed_criterion_sigma_F                     ? 
_reflns.observed_criterion_sigma_I                     ? 
_reflns.percent_possible_obs                           98.400 
_reflns.R_free_details                                 ? 
_reflns.Rmerge_F_all                                   ? 
_reflns.Rmerge_F_obs                                   ? 
_reflns.Friedel_coverage                               ? 
_reflns.number_gt                                      ? 
_reflns.threshold_expression                           ? 
_reflns.pdbx_redundancy                                3.500 
_reflns.pdbx_Rmerge_I_obs                              0.080 
_reflns.pdbx_Rmerge_I_all                              ? 
_reflns.pdbx_Rsym_value                                ? 
_reflns.pdbx_netI_over_av_sigmaI                       ? 
_reflns.pdbx_netI_over_sigmaI                          8.600 
_reflns.pdbx_res_netI_over_av_sigmaI_2                 ? 
_reflns.pdbx_res_netI_over_sigmaI_2                    ? 
_reflns.pdbx_chi_squared                               1.036 
_reflns.pdbx_scaling_rejects                           ? 
_reflns.pdbx_d_res_high_opt                            ? 
_reflns.pdbx_d_res_low_opt                             ? 
_reflns.pdbx_d_res_opt_method                          ? 
_reflns.phase_calculation_details                      ? 
_reflns.pdbx_Rrim_I_all                                ? 
_reflns.pdbx_Rpim_I_all                                ? 
_reflns.pdbx_d_opt                                     ? 
_reflns.pdbx_number_measured_all                       134810 
_reflns.pdbx_diffrn_id                                 1 
_reflns.pdbx_ordinal                                   1 
_reflns.pdbx_CC_half                                   ? 
_reflns.pdbx_CC_star                                   ? 
_reflns.pdbx_R_split                                   ? 
_reflns.pdbx_aniso_diffraction_limit_axis_1_ortho[1]   ? 
_reflns.pdbx_aniso_diffraction_limit_axis_1_ortho[2]   ? 
_reflns.pdbx_aniso_diffraction_limit_axis_1_ortho[3]   ? 
_reflns.pdbx_aniso_diffraction_limit_axis_2_ortho[1]   ? 
_reflns.pdbx_aniso_diffraction_limit_axis_2_ortho[2]   ? 
_reflns.pdbx_aniso_diffraction_limit_axis_2_ortho[3]   ? 
_reflns.pdbx_aniso_diffraction_limit_axis_3_ortho[1]   ? 
_reflns.pdbx_aniso_diffraction_limit_axis_3_ortho[2]   ? 
_reflns.pdbx_aniso_diffraction_limit_axis_3_ortho[3]   ? 
_reflns.pdbx_aniso_diffraction_limit_1                 ? 
_reflns.pdbx_aniso_diffraction_limit_2                 ? 
_reflns.pdbx_aniso_diffraction_limit_3                 ? 
_reflns.pdbx_aniso_B_tensor_eigenvector_1_ortho[1]     ? 
_reflns.pdbx_aniso_B_tensor_eigenvector_1_ortho[2]     ? 
_reflns.pdbx_aniso_B_tensor_eigenvector_1_ortho[3]     ? 
_reflns.pdbx_aniso_B_tensor_eigenvector_2_ortho[1]     ? 
_reflns.pdbx_aniso_B_tensor_eigenvector_2_ortho[2]     ? 
_reflns.pdbx_aniso_B_tensor_eigenvector_2_ortho[3]     ? 
_reflns.pdbx_aniso_B_tensor_eigenvector_3_ortho[1]     ? 
_reflns.pdbx_aniso_B_tensor_eigenvector_3_ortho[2]     ? 
_reflns.pdbx_aniso_B_tensor_eigenvector_3_ortho[3]     ? 
_reflns.pdbx_aniso_B_tensor_eigenvalue_1               ? 
_reflns.pdbx_aniso_B_tensor_eigenvalue_2               ? 
_reflns.pdbx_aniso_B_tensor_eigenvalue_3               ? 
_reflns.pdbx_orthogonalization_convention              ? 
_reflns.pdbx_percent_possible_ellipsoidal              ? 
_reflns.pdbx_percent_possible_spherical                ? 
_reflns.pdbx_percent_possible_ellipsoidal_anomalous    ? 
_reflns.pdbx_percent_possible_spherical_anomalous      ? 
_reflns.pdbx_redundancy_anomalous                      ? 
_reflns.pdbx_CC_half_anomalous                         ? 
_reflns.pdbx_absDiff_over_sigma_anomalous              ? 
_reflns.pdbx_percent_possible_anomalous                ? 
_reflns.pdbx_observed_signal_threshold                 ? 
_reflns.pdbx_signal_type                               ? 
_reflns.pdbx_signal_details                            ? 
_reflns.pdbx_signal_software_id                        ? 
# 
loop_
_reflns_shell.d_res_high 
_reflns_shell.d_res_low 
_reflns_shell.meanI_over_sigI_all 
_reflns_shell.meanI_over_sigI_obs 
_reflns_shell.number_measured_all 
_reflns_shell.number_measured_obs 
_reflns_shell.number_possible 
_reflns_shell.number_unique_all 
_reflns_shell.number_unique_obs 
_reflns_shell.percent_possible_all 
_reflns_shell.percent_possible_obs 
_reflns_shell.Rmerge_F_all 
_reflns_shell.Rmerge_F_obs 
_reflns_shell.Rmerge_I_all 
_reflns_shell.Rmerge_I_obs 
_reflns_shell.meanI_over_sigI_gt 
_reflns_shell.meanI_over_uI_all 
_reflns_shell.meanI_over_uI_gt 
_reflns_shell.number_measured_gt 
_reflns_shell.number_unique_gt 
_reflns_shell.percent_possible_gt 
_reflns_shell.Rmerge_F_gt 
_reflns_shell.Rmerge_I_gt 
_reflns_shell.pdbx_redundancy 
_reflns_shell.pdbx_Rsym_value 
_reflns_shell.pdbx_chi_squared 
_reflns_shell.pdbx_netI_over_sigmaI_all 
_reflns_shell.pdbx_netI_over_sigmaI_obs 
_reflns_shell.pdbx_Rrim_I_all 
_reflns_shell.pdbx_Rpim_I_all 
_reflns_shell.pdbx_rejects 
_reflns_shell.pdbx_ordinal 
_reflns_shell.pdbx_diffrn_id 
_reflns_shell.pdbx_CC_half 
_reflns_shell.pdbx_CC_star 
_reflns_shell.pdbx_R_split 
_reflns_shell.pdbx_percent_possible_ellipsoidal 
_reflns_shell.pdbx_percent_possible_spherical 
_reflns_shell.pdbx_percent_possible_ellipsoidal_anomalous 
_reflns_shell.pdbx_percent_possible_spherical_anomalous 
_reflns_shell.pdbx_redundancy_anomalous 
_reflns_shell.pdbx_CC_half_anomalous 
_reflns_shell.pdbx_absDiff_over_sigma_anomalous 
_reflns_shell.pdbx_percent_possible_anomalous 
1.160 1.200  ? ? ? ? ? ? 3349 86.400  ? ? ? ? 0.570 ? ? ? ? ? ? ? ? 2.800 ? 1.054 ? ? ? ? ? 1  1 ? ? ? ? ? ? ? ? ? ? ? 
1.200 1.250  ? ? ? ? ? ? 3898 100.000 ? ? ? ? 0.503 ? ? ? ? ? ? ? ? 3.400 ? 1.061 ? ? ? ? ? 2  1 ? ? ? ? ? ? ? ? ? ? ? 
1.250 1.310  ? ? ? ? ? ? 3943 100.000 ? ? ? ? 0.371 ? ? ? ? ? ? ? ? 3.500 ? 1.011 ? ? ? ? ? 3  1 ? ? ? ? ? ? ? ? ? ? ? 
1.310 1.380  ? ? ? ? ? ? 3916 100.000 ? ? ? ? 0.281 ? ? ? ? ? ? ? ? 3.600 ? 1.023 ? ? ? ? ? 4  1 ? ? ? ? ? ? ? ? ? ? ? 
1.380 1.460  ? ? ? ? ? ? 3883 100.000 ? ? ? ? 0.209 ? ? ? ? ? ? ? ? 3.600 ? 1.067 ? ? ? ? ? 5  1 ? ? ? ? ? ? ? ? ? ? ? 
1.460 1.570  ? ? ? ? ? ? 3916 100.000 ? ? ? ? 0.145 ? ? ? ? ? ? ? ? 3.600 ? 1.028 ? ? ? ? ? 6  1 ? ? ? ? ? ? ? ? ? ? ? 
1.570 1.730  ? ? ? ? ? ? 3921 99.900  ? ? ? ? 0.112 ? ? ? ? ? ? ? ? 3.600 ? 1.002 ? ? ? ? ? 7  1 ? ? ? ? ? ? ? ? ? ? ? 
1.730 1.980  ? ? ? ? ? ? 3950 99.700  ? ? ? ? 0.089 ? ? ? ? ? ? ? ? 3.600 ? 1.044 ? ? ? ? ? 8  1 ? ? ? ? ? ? ? ? ? ? ? 
1.980 2.500  ? ? ? ? ? ? 3932 99.500  ? ? ? ? 0.064 ? ? ? ? ? ? ? ? 3.600 ? 1.028 ? ? ? ? ? 9  1 ? ? ? ? ? ? ? ? ? ? ? 
2.500 50.000 ? ? ? ? ? ? 4014 98.400  ? ? ? ? 0.050 ? ? ? ? ? ? ? ? 3.400 ? 1.051 ? ? ? ? ? 10 1 ? ? ? ? ? ? ? ? ? ? ? 
# 
_refine.aniso_B[1][1]                            -0.2000 
_refine.aniso_B[1][2]                            -0.0000 
_refine.aniso_B[1][3]                            -0.0300 
_refine.aniso_B[2][2]                            0.1900 
_refine.aniso_B[2][3]                            0.0000 
_refine.aniso_B[3][3]                            0.0100 
_refine.B_iso_max                                42.280 
_refine.B_iso_mean                               13.0910 
_refine.B_iso_min                                5.470 
_refine.correlation_coeff_Fo_to_Fc               0.9620 
_refine.correlation_coeff_Fo_to_Fc_free          0.9570 
_refine.details                                  'U VALUES      : REFINED INDIVIDUALLY' 
_refine.diff_density_max                         ? 
_refine.diff_density_max_esd                     ? 
_refine.diff_density_min                         ? 
_refine.diff_density_min_esd                     ? 
_refine.diff_density_rms                         ? 
_refine.diff_density_rms_esd                     ? 
_refine.entry_id                                 7TAB 
_refine.pdbx_refine_id                           'X-RAY DIFFRACTION' 
_refine.ls_abs_structure_details                 ? 
_refine.ls_abs_structure_Flack                   ? 
_refine.ls_abs_structure_Flack_esd               ? 
_refine.ls_abs_structure_Rogers                  ? 
_refine.ls_abs_structure_Rogers_esd              ? 
_refine.ls_d_res_high                            1.1600 
_refine.ls_d_res_low                             32.8800 
_refine.ls_extinction_coef                       ? 
_refine.ls_extinction_coef_esd                   ? 
_refine.ls_extinction_expression                 ? 
_refine.ls_extinction_method                     ? 
_refine.ls_goodness_of_fit_all                   ? 
_refine.ls_goodness_of_fit_all_esd               ? 
_refine.ls_goodness_of_fit_obs                   ? 
_refine.ls_goodness_of_fit_obs_esd               ? 
_refine.ls_hydrogen_treatment                    ? 
_refine.ls_matrix_type                           ? 
_refine.ls_number_constraints                    ? 
_refine.ls_number_parameters                     ? 
_refine.ls_number_reflns_all                     ? 
_refine.ls_number_reflns_obs                     36670 
_refine.ls_number_reflns_R_free                  1943 
_refine.ls_number_reflns_R_work                  ? 
_refine.ls_number_restraints                     ? 
_refine.ls_percent_reflns_obs                    98.1200 
_refine.ls_percent_reflns_R_free                 5.0000 
_refine.ls_R_factor_all                          ? 
_refine.ls_R_factor_obs                          0.1809 
_refine.ls_R_factor_R_free                       0.2009 
_refine.ls_R_factor_R_free_error                 ? 
_refine.ls_R_factor_R_free_error_details         ? 
_refine.ls_R_factor_R_work                       0.1798 
_refine.ls_R_Fsqd_factor_obs                     ? 
_refine.ls_R_I_factor_obs                        ? 
_refine.ls_redundancy_reflns_all                 ? 
_refine.ls_redundancy_reflns_obs                 ? 
_refine.ls_restrained_S_all                      ? 
_refine.ls_restrained_S_obs                      ? 
_refine.ls_shift_over_esd_max                    ? 
_refine.ls_shift_over_esd_mean                   ? 
_refine.ls_structure_factor_coef                 ? 
_refine.ls_weighting_details                     ? 
_refine.ls_weighting_scheme                      ? 
_refine.ls_wR_factor_all                         ? 
_refine.ls_wR_factor_obs                         ? 
_refine.ls_wR_factor_R_free                      ? 
_refine.ls_wR_factor_R_work                      ? 
_refine.occupancy_max                            ? 
_refine.occupancy_min                            ? 
_refine.solvent_model_details                    MASK 
_refine.solvent_model_param_bsol                 ? 
_refine.solvent_model_param_ksol                 ? 
_refine.pdbx_R_complete                          ? 
_refine.ls_R_factor_gt                           ? 
_refine.ls_goodness_of_fit_gt                    ? 
_refine.ls_goodness_of_fit_ref                   ? 
_refine.ls_shift_over_su_max                     ? 
_refine.ls_shift_over_su_max_lt                  ? 
_refine.ls_shift_over_su_mean                    ? 
_refine.ls_shift_over_su_mean_lt                 ? 
_refine.pdbx_ls_sigma_I                          ? 
_refine.pdbx_ls_sigma_F                          0.000 
_refine.pdbx_ls_sigma_Fsqd                       ? 
_refine.pdbx_data_cutoff_high_absF               ? 
_refine.pdbx_data_cutoff_high_rms_absF           ? 
_refine.pdbx_data_cutoff_low_absF                ? 
_refine.pdbx_isotropic_thermal_model             ? 
_refine.pdbx_ls_cross_valid_method               THROUGHOUT 
_refine.pdbx_method_to_determine_struct          'MOLECULAR REPLACEMENT' 
_refine.pdbx_starting_model                      2GRC 
_refine.pdbx_stereochemistry_target_values       'MAXIMUM LIKELIHOOD' 
_refine.pdbx_R_Free_selection_details            RANDOM 
_refine.pdbx_stereochem_target_val_spec_case     ? 
_refine.pdbx_overall_ESU_R                       0.0410 
_refine.pdbx_overall_ESU_R_Free                  0.0430 
_refine.pdbx_solvent_vdw_probe_radii             1.2000 
_refine.pdbx_solvent_ion_probe_radii             0.8000 
_refine.pdbx_solvent_shrinkage_radii             0.8000 
_refine.pdbx_real_space_R                        ? 
_refine.pdbx_density_correlation                 ? 
_refine.pdbx_pd_number_of_powder_patterns        ? 
_refine.pdbx_pd_number_of_points                 ? 
_refine.pdbx_pd_meas_number_of_points            ? 
_refine.pdbx_pd_proc_ls_prof_R_factor            ? 
_refine.pdbx_pd_proc_ls_prof_wR_factor           ? 
_refine.pdbx_pd_Marquardt_correlation_coeff      ? 
_refine.pdbx_pd_Fsqrd_R_factor                   ? 
_refine.pdbx_pd_ls_matrix_band_width             ? 
_refine.pdbx_overall_phase_error                 ? 
_refine.pdbx_overall_SU_R_free_Cruickshank_DPI   ? 
_refine.pdbx_overall_SU_R_free_Blow_DPI          ? 
_refine.pdbx_overall_SU_R_Blow_DPI               ? 
_refine.pdbx_TLS_residual_ADP_flag               ? 
_refine.pdbx_diffrn_id                           1 
_refine.overall_SU_B                             0.4340 
_refine.overall_SU_ML                            0.0220 
_refine.overall_SU_R_Cruickshank_DPI             ? 
_refine.overall_SU_R_free                        ? 
_refine.overall_FOM_free_R_set                   ? 
_refine.overall_FOM_work_R_set                   ? 
_refine.pdbx_average_fsc_overall                 ? 
_refine.pdbx_average_fsc_work                    ? 
_refine.pdbx_average_fsc_free                    ? 
# 
_refine_hist.pdbx_refine_id                   'X-RAY DIFFRACTION' 
_refine_hist.cycle_id                         final 
_refine_hist.details                          ? 
_refine_hist.d_res_high                       1.1600 
_refine_hist.d_res_low                        32.8800 
_refine_hist.number_atoms_solvent             126 
_refine_hist.number_atoms_total               1158 
_refine_hist.number_reflns_all                ? 
_refine_hist.number_reflns_obs                ? 
_refine_hist.number_reflns_R_free             ? 
_refine_hist.number_reflns_R_work             ? 
_refine_hist.R_factor_all                     ? 
_refine_hist.R_factor_obs                     ? 
_refine_hist.R_factor_R_free                  ? 
_refine_hist.R_factor_R_work                  ? 
_refine_hist.pdbx_number_residues_total       123 
_refine_hist.pdbx_B_iso_mean_ligand           10.60 
_refine_hist.pdbx_B_iso_mean_solvent          19.00 
_refine_hist.pdbx_number_atoms_protein        1012 
_refine_hist.pdbx_number_atoms_nucleic_acid   0 
_refine_hist.pdbx_number_atoms_ligand         20 
_refine_hist.pdbx_number_atoms_lipid          ? 
_refine_hist.pdbx_number_atoms_carb           ? 
_refine_hist.pdbx_pseudo_atom_details         ? 
# 
loop_
_refine_ls_restr.pdbx_refine_id 
_refine_ls_restr.criterion 
_refine_ls_restr.dev_ideal 
_refine_ls_restr.dev_ideal_target 
_refine_ls_restr.number 
_refine_ls_restr.rejects 
_refine_ls_restr.type 
_refine_ls_restr.weight 
_refine_ls_restr.pdbx_restraint_function 
'X-RAY DIFFRACTION' ? 0.014  0.012  1063 ? r_bond_refined_d       ? ? 
'X-RAY DIFFRACTION' ? 2.041  1.644  1429 ? r_angle_refined_deg    ? ? 
'X-RAY DIFFRACTION' ? 5.254  5.000  126  ? r_dihedral_angle_1_deg ? ? 
'X-RAY DIFFRACTION' ? 33.143 23.091 55   ? r_dihedral_angle_2_deg ? ? 
'X-RAY DIFFRACTION' ? 13.979 15.000 219  ? r_dihedral_angle_3_deg ? ? 
'X-RAY DIFFRACTION' ? 12.363 15.000 7    ? r_dihedral_angle_4_deg ? ? 
'X-RAY DIFFRACTION' ? 0.116  0.200  135  ? r_chiral_restr         ? ? 
'X-RAY DIFFRACTION' ? 0.013  0.020  785  ? r_gen_planes_refined   ? ? 
# 
_refine_ls_shell.pdbx_refine_id                   'X-RAY DIFFRACTION' 
_refine_ls_shell.d_res_high                       1.1600 
_refine_ls_shell.d_res_low                        1.1890 
_refine_ls_shell.number_reflns_all                ? 
_refine_ls_shell.number_reflns_obs                ? 
_refine_ls_shell.number_reflns_R_free             114 
_refine_ls_shell.number_reflns_R_work             2252 
_refine_ls_shell.percent_reflns_obs               81.5900 
_refine_ls_shell.percent_reflns_R_free            ? 
_refine_ls_shell.R_factor_all                     ? 
_refine_ls_shell.R_factor_obs                     ? 
_refine_ls_shell.R_factor_R_free                  0.1630 
_refine_ls_shell.R_factor_R_free_error            0.0000 
_refine_ls_shell.R_factor_R_work                  0.1670 
_refine_ls_shell.redundancy_reflns_all            ? 
_refine_ls_shell.redundancy_reflns_obs            ? 
_refine_ls_shell.wR_factor_all                    ? 
_refine_ls_shell.wR_factor_obs                    ? 
_refine_ls_shell.wR_factor_R_free                 ? 
_refine_ls_shell.wR_factor_R_work                 ? 
_refine_ls_shell.pdbx_R_complete                  ? 
_refine_ls_shell.pdbx_total_number_of_bins_used   ? 
_refine_ls_shell.pdbx_phase_error                 ? 
_refine_ls_shell.pdbx_fsc_work                    ? 
_refine_ls_shell.pdbx_fsc_free                    ? 
# 
_struct.entry_id                     7TAB 
_struct.title                        'G-925 bound to the SMARCA4 (BRG1) Bromodomain' 
_struct.pdbx_model_details           ? 
_struct.pdbx_formula_weight          ? 
_struct.pdbx_formula_weight_method   ? 
_struct.pdbx_model_type_details      ? 
_struct.pdbx_CASP_flag               N 
# 
_struct_keywords.entry_id        7TAB 
_struct_keywords.text            'bromodomain BRG1 SMARCA4 inhibitor, protein binding, HYDROLASE-HYDROLASE INHIBITOR complex' 
_struct_keywords.pdbx_keywords   'HYDROLASE/HYDROLASE INHIBITOR' 
# 
loop_
_struct_asym.id 
_struct_asym.pdbx_blank_PDB_chainid_flag 
_struct_asym.pdbx_modified 
_struct_asym.entity_id 
_struct_asym.details 
A N N 1 ? 
B N N 2 ? 
C N N 3 ? 
# 
loop_
_struct_conf.conf_type_id 
_struct_conf.id 
_struct_conf.pdbx_PDB_helix_id 
_struct_conf.beg_label_comp_id 
_struct_conf.beg_label_asym_id 
_struct_conf.beg_label_seq_id 
_struct_conf.pdbx_beg_PDB_ins_code 
_struct_conf.end_label_comp_id 
_struct_conf.end_label_asym_id 
_struct_conf.end_label_seq_id 
_struct_conf.pdbx_end_PDB_ins_code 
_struct_conf.beg_auth_comp_id 
_struct_conf.beg_auth_asym_id 
_struct_conf.beg_auth_seq_id 
_struct_conf.end_auth_comp_id 
_struct_conf.end_auth_asym_id 
_struct_conf.end_auth_seq_id 
_struct_conf.pdbx_PDB_helix_class 
_struct_conf.details 
_struct_conf.pdbx_PDB_helix_length 
HELX_P HELX_P1 AA1 PRO A 10 ? TYR A 27  ? PRO A 1455 TYR A 1472 1 ? 18 
HELX_P HELX_P2 AA2 GLN A 35 ? ILE A 41  ? GLN A 1480 ILE A 1486 5 ? 7  
HELX_P HELX_P3 AA3 LEU A 49 ? ILE A 56  ? LEU A 1494 ILE A 1501 1 ? 8  
HELX_P HELX_P4 AA4 ASP A 61 ? ASN A 71  ? ASP A 1506 ASN A 1516 1 ? 11 
HELX_P HELX_P5 AA5 SER A 76 ? ASN A 95  ? SER A 1521 ASN A 1540 1 ? 20 
HELX_P HELX_P6 AA6 SER A 99 ? ASP A 124 ? SER A 1544 ASP A 1569 1 ? 26 
# 
_struct_conf_type.id          HELX_P 
_struct_conf_type.criteria    ? 
_struct_conf_type.reference   ? 
# 
_atom_sites.entry_id                    7TAB 
_atom_sites.Cartn_transf_matrix[1][1]   ? 
_atom_sites.Cartn_transf_matrix[1][2]   ? 
_atom_sites.Cartn_transf_matrix[1][3]   ? 
_atom_sites.Cartn_transf_matrix[2][1]   ? 
_atom_sites.Cartn_transf_matrix[2][2]   ? 
_atom_sites.Cartn_transf_matrix[2][3]   ? 
_atom_sites.Cartn_transf_matrix[3][1]   ? 
_atom_sites.Cartn_transf_matrix[3][2]   ? 
_atom_sites.Cartn_transf_matrix[3][3]   ? 
_atom_sites.Cartn_transf_vector[1]      ? 
_atom_sites.Cartn_transf_vector[2]      ? 
_atom_sites.Cartn_transf_vector[3]      ? 
_atom_sites.fract_transf_matrix[1][1]   -0.00378584 
_atom_sites.fract_transf_matrix[1][2]   -0.01525058 
_atom_sites.fract_transf_matrix[1][3]   0.02912288 
_atom_sites.fract_transf_matrix[2][1]   0.03395097 
_atom_sites.fract_transf_matrix[2][2]   0.00474869 
_atom_sites.fract_transf_matrix[2][3]   0.00690018 
_atom_sites.fract_transf_matrix[3][1]   -0.00324086 
_atom_sites.fract_transf_matrix[3][2]   0.01318044 
_atom_sites.fract_transf_matrix[3][3]   0.00687525 
_atom_sites.fract_transf_vector[1]      0.066714 
_atom_sites.fract_transf_vector[2]      -0.019576 
_atom_sites.fract_transf_vector[3]      0.245080 
_atom_sites.solution_primary            ? 
_atom_sites.solution_secondary          ? 
_atom_sites.solution_hydrogens          ? 
_atom_sites.special_details             ? 
# 
loop_
_atom_type.symbol 
C 
N 
O 
S 
# 
loop_
_atom_site.group_PDB 
_atom_site.id 
_atom_site.type_symbol 
_atom_site.label_atom_id 
_atom_site.label_alt_id 
_atom_site.label_comp_id 
_atom_site.label_asym_id 
_atom_site.label_entity_id 
_atom_site.label_seq_id 
_atom_site.pdbx_PDB_ins_code 
_atom_site.Cartn_x 
_atom_site.Cartn_y 
_atom_site.Cartn_z 
_atom_site.occupancy 
_atom_site.B_iso_or_equiv 
_atom_site.pdbx_formal_charge 
_atom_site.auth_seq_id 
_atom_site.auth_comp_id 
_atom_site.auth_asym_id 
_atom_site.auth_atom_id 
_atom_site.pdbx_PDB_model_num 
ATOM   1    N N   . ALA A 1 3   ? 15.841  8.272   15.547  1.00 18.69 ? 1448 ALA A N   1 
ATOM   2    C CA  . ALA A 1 3   ? 14.861  7.403   16.251  1.00 17.57 ? 1448 ALA A CA  1 
ATOM   3    C C   . ALA A 1 3   ? 15.519  6.066   16.609  1.00 17.67 ? 1448 ALA A C   1 
ATOM   4    O O   . ALA A 1 3   ? 16.381  5.548   15.893  1.00 18.79 ? 1448 ALA A O   1 
ATOM   5    C CB  . ALA A 1 3   ? 13.652  7.162   15.395  1.00 20.20 ? 1448 ALA A CB  1 
ATOM   6    N N   . GLU A 1 4   ? 15.080  5.512   17.731  1.00 16.63 ? 1449 GLU A N   1 
ATOM   7    C CA  . GLU A 1 4   ? 15.690  4.242   18.131  1.00 17.67 ? 1449 GLU A CA  1 
ATOM   8    C C   . GLU A 1 4   ? 15.328  3.096   17.159  1.00 15.81 ? 1449 GLU A C   1 
ATOM   9    O O   . GLU A 1 4   ? 14.182  3.034   16.727  1.00 17.55 ? 1449 GLU A O   1 
ATOM   10   C CB  . GLU A 1 4   ? 15.342  3.994   19.599  1.00 20.55 ? 1449 GLU A CB  1 
ATOM   11   C CG  . GLU A 1 4   ? 16.162  4.914   20.527  1.00 24.79 ? 1449 GLU A CG  1 
ATOM   12   C CD  . GLU A 1 4   ? 17.686  4.985   20.334  1.00 25.06 ? 1449 GLU A CD  1 
ATOM   13   O OE1 . GLU A 1 4   ? 18.388  3.957   20.508  1.00 18.69 ? 1449 GLU A OE1 1 
ATOM   14   O OE2 . GLU A 1 4   ? 18.207  6.067   20.018  1.00 33.12 ? 1449 GLU A OE2 1 
ATOM   15   N N   . LYS A 1 5   ? 16.294  2.209   16.813  1.00 13.57 ? 1450 LYS A N   1 
ATOM   16   C CA  . LYS A 1 5   ? 16.039  1.011   15.984  1.00 12.38 ? 1450 LYS A CA  1 
ATOM   17   C C   . LYS A 1 5   ? 15.008  0.131   16.685  1.00 9.96  ? 1450 LYS A C   1 
ATOM   18   O O   . LYS A 1 5   ? 15.175  -0.124  17.905  1.00 9.76  ? 1450 LYS A O   1 
ATOM   19   C CB  . LYS A 1 5   ? 17.307  0.182   15.700  1.00 14.55 ? 1450 LYS A CB  1 
ATOM   20   C CG  . LYS A 1 5   ? 17.157  -1.041  14.791  1.00 17.92 ? 1450 LYS A CG  1 
ATOM   21   C CD  . LYS A 1 5   ? 18.513  -1.713  14.382  1.00 17.02 ? 1450 LYS A CD  1 
ATOM   22   C CE  . LYS A 1 5   ? 18.368  -3.037  13.645  1.00 18.43 ? 1450 LYS A CE  1 
ATOM   23   N NZ  . LYS A 1 5   ? 19.639  -3.800  13.503  1.00 18.92 ? 1450 LYS A NZ  1 
ATOM   24   N N   . LEU A 1 6   ? 14.058  -0.446  15.937  1.00 10.19 ? 1451 LEU A N   1 
ATOM   25   C CA  . LEU A 1 6   ? 13.038  -1.300  16.509  1.00 9.01  ? 1451 LEU A CA  1 
ATOM   26   C C   . LEU A 1 6   ? 13.452  -2.759  16.437  1.00 8.32  ? 1451 LEU A C   1 
ATOM   27   O O   . LEU A 1 6   ? 14.319  -3.186  15.669  1.00 9.65  ? 1451 LEU A O   1 
ATOM   28   C CB  . LEU A 1 6   ? 11.709  -1.123  15.745  1.00 9.75  ? 1451 LEU A CB  1 
ATOM   29   C CG  . LEU A 1 6   ? 11.127  0.295   15.782  1.00 11.11 ? 1451 LEU A CG  1 
ATOM   30   C CD1 . LEU A 1 6   ? 9.869   0.415   14.944  1.00 12.54 ? 1451 LEU A CD1 1 
ATOM   31   C CD2 . LEU A 1 6   ? 10.880  0.823   17.184  1.00 12.45 ? 1451 LEU A CD2 1 
ATOM   32   N N   . SER A 1 7   ? 12.791  -3.547  17.260  1.00 8.25  ? 1452 SER A N   1 
ATOM   33   C CA  . SER A 1 7   ? 13.129  -4.953  17.345  1.00 8.36  ? 1452 SER A CA  1 
ATOM   34   C C   . SER A 1 7   ? 12.705  -5.670  16.088  1.00 7.81  ? 1452 SER A C   1 
ATOM   35   O O   . SER A 1 7   ? 11.537  -5.536  15.653  1.00 8.31  ? 1452 SER A O   1 
ATOM   36   C CB  . SER A 1 7   ? 12.365  -5.506  18.514  1.00 8.76  ? 1452 SER A CB  1 
ATOM   37   O OG  . SER A 1 7   ? 12.586  -6.912  18.648  1.00 11.03 ? 1452 SER A OG  1 
ATOM   38   N N   . PRO A 1 8   ? 13.569  -6.461  15.423  1.00 7.78  ? 1453 PRO A N   1 
ATOM   39   C CA  . PRO A 1 8   ? 13.139  -7.101  14.183  1.00 9.08  ? 1453 PRO A CA  1 
ATOM   40   C C   . PRO A 1 8   ? 11.912  -7.977  14.415  1.00 8.21  ? 1453 PRO A C   1 
ATOM   41   O O   . PRO A 1 8   ? 11.804  -8.732  15.411  1.00 9.26  ? 1453 PRO A O   1 
ATOM   42   C CB  . PRO A 1 8   ? 14.365  -7.925  13.777  1.00 9.98  ? 1453 PRO A CB  1 
ATOM   43   C CG  . PRO A 1 8   ? 15.536  -7.097  14.306  1.00 10.98 ? 1453 PRO A CG  1 
ATOM   44   C CD  . PRO A 1 8   ? 15.019  -6.685  15.685  1.00 10.50 ? 1453 PRO A CD  1 
ATOM   45   N N   . ASN A 1 9   ? 10.978  -7.996  13.434  1.00 7.43  ? 1454 ASN A N   1 
ATOM   46   C CA  . ASN A 1 9   ? 9.880   -8.931  13.450  1.00 8.03  ? 1454 ASN A CA  1 
ATOM   47   C C   . ASN A 1 9   ? 10.393  -10.349 13.231  1.00 8.31  ? 1454 ASN A C   1 
ATOM   48   O O   . ASN A 1 9   ? 11.485  -10.547 12.686  1.00 8.40  ? 1454 ASN A O   1 
ATOM   49   C CB  . ASN A 1 9   ? 8.909   -8.563  12.333  1.00 8.49  ? 1454 ASN A CB  1 
ATOM   50   C CG  . ASN A 1 9   ? 8.020   -7.414  12.734  1.00 8.18  ? 1454 ASN A CG  1 
ATOM   51   O OD1 . ASN A 1 9   ? 7.476   -7.409  13.844  1.00 9.58  ? 1454 ASN A OD1 1 
ATOM   52   N ND2 . ASN A 1 9   ? 7.807   -6.468  11.830  1.00 9.63  ? 1454 ASN A ND2 1 
ATOM   53   N N   . PRO A 1 10  ? 9.580   -11.360 13.559  1.00 9.02  ? 1455 PRO A N   1 
ATOM   54   C CA  . PRO A 1 10  ? 9.959   -12.719 13.173  1.00 8.93  ? 1455 PRO A CA  1 
ATOM   55   C C   . PRO A 1 10  ? 10.091  -12.751 11.656  1.00 7.77  ? 1455 PRO A C   1 
ATOM   56   O O   . PRO A 1 10  ? 9.339   -12.078 10.915  1.00 7.95  ? 1455 PRO A O   1 
ATOM   57   C CB  . PRO A 1 10  ? 8.830   -13.591 13.679  1.00 10.85 ? 1455 PRO A CB  1 
ATOM   58   C CG  . PRO A 1 10  ? 8.101   -12.775 14.696  1.00 12.30 ? 1455 PRO A CG  1 
ATOM   59   C CD  . PRO A 1 10  ? 8.319   -11.336 14.295  1.00 9.08  ? 1455 PRO A CD  1 
ATOM   60   N N   . PRO A 1 11  ? 11.018  -13.558 11.138  1.00 7.68  ? 1456 PRO A N   1 
ATOM   61   C CA  . PRO A 1 11  ? 11.327  -13.498 9.721   1.00 8.38  ? 1456 PRO A CA  1 
ATOM   62   C C   . PRO A 1 11  ? 10.149  -13.845 8.807   1.00 6.58  ? 1456 PRO A C   1 
ATOM   63   O O   . PRO A 1 11  ? 10.004  -13.268 7.743   1.00 6.84  ? 1456 PRO A O   1 
ATOM   64   C CB  . PRO A 1 11  ? 12.529  -14.446 9.560   1.00 8.37  ? 1456 PRO A CB  1 
ATOM   65   C CG  . PRO A 1 11  ? 12.355  -15.391 10.740  1.00 9.49  ? 1456 PRO A CG  1 
ATOM   66   C CD  . PRO A 1 11  ? 11.923  -14.496 11.864  1.00 7.92  ? 1456 PRO A CD  1 
ATOM   67   N N   . ASN A 1 12  ? 9.343   -14.823 9.210   1.00 7.05  ? 1457 ASN A N   1 
ATOM   68   C CA  . ASN A 1 12  ? 8.231   -15.194 8.312   1.00 8.27  ? 1457 ASN A CA  1 
ATOM   69   C C   . ASN A 1 12  ? 7.218   -14.061 8.212   1.00 7.19  ? 1457 ASN A C   1 
ATOM   70   O O   . ASN A 1 12  ? 6.577   -13.929 7.171   1.00 7.32  ? 1457 ASN A O   1 
ATOM   71   C CB  . ASN A 1 12  ? 7.615   -16.529 8.759   1.00 8.98  ? 1457 ASN A CB  1 
ATOM   72   C CG  . ASN A 1 12  ? 6.785   -17.225 7.681   1.00 10.71 ? 1457 ASN A CG  1 
ATOM   73   O OD1 . ASN A 1 12  ? 7.154   -17.235 6.513   1.00 13.99 ? 1457 ASN A OD1 1 
ATOM   74   N ND2 . ASN A 1 12  ? 5.690   -17.846 8.107   1.00 11.44 ? 1457 ASN A ND2 1 
ATOM   75   N N   . LEU A 1 13  ? 7.073   -13.279 9.291   1.00 7.18  ? 1458 LEU A N   1 
ATOM   76   C CA  . LEU A 1 13  ? 6.142   -12.162 9.245   1.00 7.39  ? 1458 LEU A CA  1 
ATOM   77   C C   . LEU A 1 13  ? 6.656   -11.094 8.292   1.00 7.16  ? 1458 LEU A C   1 
ATOM   78   O O   . LEU A 1 13  ? 5.889   -10.627 7.427   1.00 7.07  ? 1458 LEU A O   1 
ATOM   79   C CB  . LEU A 1 13  ? 5.963   -11.618 10.658  1.00 7.29  ? 1458 LEU A CB  1 
ATOM   80   C CG  . LEU A 1 13  ? 4.995   -10.431 10.729  1.00 7.19  ? 1458 LEU A CG  1 
ATOM   81   C CD1 . LEU A 1 13  ? 3.576   -10.743 10.251  1.00 9.93  ? 1458 LEU A CD1 1 
ATOM   82   C CD2 . LEU A 1 13  ? 4.944   -9.865  12.130  1.00 9.00  ? 1458 LEU A CD2 1 
ATOM   83   N N   . THR A 1 14  ? 7.930   -10.698 8.353   1.00 6.72  ? 1459 THR A N   1 
ATOM   84   C CA  . THR A 1 14  ? 8.480   -9.748  7.425   1.00 7.18  ? 1459 THR A CA  1 
ATOM   85   C C   . THR A 1 14  ? 8.365   -10.259 6.004   1.00 6.84  ? 1459 THR A C   1 
ATOM   86   O O   . THR A 1 14  ? 8.073   -9.489  5.092   1.00 7.00  ? 1459 THR A O   1 
ATOM   87   C CB  . THR A 1 14  ? 9.948   -9.455  7.805   1.00 7.69  ? 1459 THR A CB  1 
ATOM   88   O OG1 . THR A 1 14  ? 9.966   -8.865  9.096   1.00 7.81  ? 1459 THR A OG1 1 
ATOM   89   C CG2 . THR A 1 14  ? 10.628  -8.525  6.841   1.00 8.59  ? 1459 THR A CG2 1 
ATOM   90   N N   . LYS A 1 15  ? 8.672   -11.526 5.769   1.00 6.85  ? 1460 LYS A N   1 
ATOM   91   C CA  . LYS A 1 15  ? 8.568   -12.107 4.440   1.00 7.50  ? 1460 LYS A CA  1 
ATOM   92   C C   . LYS A 1 15  ? 7.151   -11.969 3.883   1.00 6.66  ? 1460 LYS A C   1 
ATOM   93   O O   . LYS A 1 15  ? 6.995   -11.564 2.730   1.00 7.17  ? 1460 LYS A O   1 
ATOM   94   C CB  . LYS A 1 15  ? 8.953   -13.587 4.497   1.00 8.63  ? 1460 LYS A CB  1 
ATOM   95   C CG  . LYS A 1 15  ? 8.817   -14.283 3.158   1.00 9.01  ? 1460 LYS A CG  1 
ATOM   96   C CD  . LYS A 1 15  ? 9.097   -15.796 3.248   1.00 10.99 ? 1460 LYS A CD  1 
ATOM   97   C CE  . LYS A 1 15  ? 8.497   -16.533 2.034   1.00 14.65 ? 1460 LYS A CE  1 
ATOM   98   N NZ  . LYS A 1 15  ? 8.687   -18.031 1.990   1.00 16.41 ? 1460 LYS A NZ  1 
ATOM   99   N N   . LYS A 1 16  ? 6.136   -12.267 4.665   1.00 6.35  ? 1461 LYS A N   1 
ATOM   100  C CA  . LYS A 1 16  ? 4.767   -12.159 4.200   1.00 6.25  ? 1461 LYS A CA  1 
ATOM   101  C C   . LYS A 1 16  ? 4.457   -10.689 3.904   1.00 5.47  ? 1461 LYS A C   1 
ATOM   102  O O   . LYS A 1 16  ? 3.779   -10.421 2.880   1.00 6.77  ? 1461 LYS A O   1 
ATOM   103  C CB  . LYS A 1 16  ? 3.813   -12.687 5.260   1.00 7.36  ? 1461 LYS A CB  1 
ATOM   104  C CG  . LYS A 1 16  ? 3.850   -14.197 5.358   1.00 8.72  ? 1461 LYS A CG  1 
ATOM   105  C CD  . LYS A 1 16  ? 2.817   -14.956 6.177   1.00 13.87 ? 1461 LYS A CD  1 
ATOM   106  C CE  . LYS A 1 16  ? 3.006   -14.771 7.659   1.00 16.02 ? 1461 LYS A CE  1 
ATOM   107  N NZ  . LYS A 1 16  ? 2.518   -15.988 8.430   1.00 10.64 ? 1461 LYS A NZ  1 
ATOM   108  N N   . MET A 1 17  ? 4.889   -9.754  4.748   1.00 5.47  ? 1462 MET A N   1 
ATOM   109  C CA  . MET A 1 17  ? 4.656   -8.338  4.456   1.00 5.48  ? 1462 MET A CA  1 
ATOM   110  C C   . MET A 1 17  ? 5.258   -7.953  3.113   1.00 6.74  ? 1462 MET A C   1 
ATOM   111  O O   . MET A 1 17  ? 4.580   -7.292  2.291   1.00 7.15  ? 1462 MET A O   1 
ATOM   112  C CB  . MET A 1 17  ? 5.247   -7.419  5.519   1.00 6.33  ? 1462 MET A CB  1 
ATOM   113  C CG  . MET A 1 17  ? 4.658   -7.529  6.918   1.00 6.57  ? 1462 MET A CG  1 
ATOM   114  S SD  . MET A 1 17  ? 5.587   -6.534  8.100   1.00 8.31  ? 1462 MET A SD  1 
ATOM   115  C CE  . MET A 1 17  ? 4.517   -6.761  9.546   1.00 8.45  ? 1462 MET A CE  1 
ATOM   116  N N   . LYS A 1 18  ? 6.512   -8.283  2.869   1.00 6.97  ? 1463 LYS A N   1 
ATOM   117  C CA  . LYS A 1 18  ? 7.168   -7.967  1.622   1.00 6.90  ? 1463 LYS A CA  1 
ATOM   118  C C   . LYS A 1 18  ? 6.500   -8.659  0.447   1.00 7.71  ? 1463 LYS A C   1 
ATOM   119  O O   . LYS A 1 18  ? 6.294   -8.004  -0.613  1.00 7.90  ? 1463 LYS A O   1 
ATOM   120  C CB  . LYS A 1 18  ? 8.650   -8.334  1.690   1.00 8.58  ? 1463 LYS A CB  1 
ATOM   121  C CG  . LYS A 1 18  ? 9.430   -7.458  2.648   1.00 10.08 ? 1463 LYS A CG  1 
ATOM   122  C CD  . LYS A 1 18  ? 10.914  -7.859  2.626   1.00 11.95 ? 1463 LYS A CD  1 
ATOM   123  C CE  . LYS A 1 18  ? 11.810  -6.929  3.419   1.00 15.32 ? 1463 LYS A CE  1 
ATOM   124  N NZ  . LYS A 1 18  ? 13.244  -7.061  3.011   1.00 20.01 ? 1463 LYS A NZ  1 
ATOM   125  N N   . LYS A 1 19  ? 6.142   -9.949  0.549   1.00 7.33  ? 1464 LYS A N   1 
ATOM   126  C CA  . LYS A 1 19  ? 5.442   -10.619 -0.517  1.00 8.36  ? 1464 LYS A CA  1 
ATOM   127  C C   . LYS A 1 19  ? 4.113   -9.946  -0.856  1.00 8.03  ? 1464 LYS A C   1 
ATOM   128  O O   . LYS A 1 19  ? 3.727   -9.860  -2.059  1.00 8.64  ? 1464 LYS A O   1 
ATOM   129  C CB  . LYS A 1 19  ? 5.267   -12.091 -0.190  1.00 9.38  ? 1464 LYS A CB  1 
ATOM   130  C CG  . LYS A 1 19  ? 6.583   -12.889 -0.237  1.00 12.04 ? 1464 LYS A CG  1 
ATOM   131  C CD  . LYS A 1 19  ? 6.413   -14.359 0.024   1.00 15.14 ? 1464 LYS A CD  1 
ATOM   132  C CE  . LYS A 1 19  ? 7.658   -15.216 -0.168  1.00 18.01 ? 1464 LYS A CE  1 
ATOM   133  N NZ  . LYS A 1 19  ? 8.185   -15.231 -1.561  1.00 19.19 ? 1464 LYS A NZ  1 
ATOM   134  N N   . ILE A 1 20  ? 3.303   -9.601  0.148   1.00 7.50  ? 1465 ILE A N   1 
ATOM   135  C CA  . ILE A 1 20  ? 2.020   -8.969  -0.093  1.00 7.57  ? 1465 ILE A CA  1 
ATOM   136  C C   . ILE A 1 20  ? 2.213   -7.661  -0.844  1.00 7.13  ? 1465 ILE A C   1 
ATOM   137  O O   . ILE A 1 20  ? 1.548   -7.403  -1.883  1.00 7.13  ? 1465 ILE A O   1 
ATOM   138  C CB  . ILE A 1 20  ? 1.250   -8.805  1.247   1.00 7.52  ? 1465 ILE A CB  1 
ATOM   139  C CG1 . ILE A 1 20  ? 0.814   -10.146 1.795   1.00 7.44  ? 1465 ILE A CG1 1 
ATOM   140  C CG2 . ILE A 1 20  ? 0.034   -7.879  1.030   1.00 8.47  ? 1465 ILE A CG2 1 
ATOM   141  C CD1 . ILE A 1 20  ? 0.394   -10.142 3.273   1.00 8.27  ? 1465 ILE A CD1 1 
ATOM   142  N N   . VAL A 1 21  ? 3.086   -6.808  -0.350  1.00 7.01  ? 1466 VAL A N   1 
ATOM   143  C CA  . VAL A 1 21  ? 3.237   -5.518  -1.009  1.00 7.96  ? 1466 VAL A CA  1 
ATOM   144  C C   . VAL A 1 21  ? 3.862   -5.677  -2.404  1.00 7.40  ? 1466 VAL A C   1 
ATOM   145  O O   . VAL A 1 21  ? 3.425   -4.977  -3.335  1.00 7.76  ? 1466 VAL A O   1 
ATOM   146  C CB  . VAL A 1 21  ? 4.093   -4.575  -0.123  1.00 8.16  ? 1466 VAL A CB  1 
ATOM   147  C CG1 . VAL A 1 21  ? 4.503   -3.324  -0.920  1.00 10.33 ? 1466 VAL A CG1 1 
ATOM   148  C CG2 . VAL A 1 21  ? 3.362   -4.210  1.162   1.00 9.77  ? 1466 VAL A CG2 1 
ATOM   149  N N   . ASP A 1 22  ? 4.761   -6.629  -2.605  1.00 7.41  ? 1467 ASP A N   1 
ATOM   150  C CA  . ASP A 1 22  ? 5.300   -6.804  -3.941  1.00 7.72  ? 1467 ASP A CA  1 
ATOM   151  C C   . ASP A 1 22  ? 4.198   -7.226  -4.928  1.00 7.75  ? 1467 ASP A C   1 
ATOM   152  O O   . ASP A 1 22  ? 4.178   -6.739  -6.093  1.00 7.96  ? 1467 ASP A O   1 
ATOM   153  C CB  . ASP A 1 22  ? 6.362   -7.909  -3.892  1.00 10.58 ? 1467 ASP A CB  1 
ATOM   154  C CG  . ASP A 1 22  ? 7.194   -8.032  -5.149  1.00 13.80 ? 1467 ASP A CG  1 
ATOM   155  O OD1 . ASP A 1 22  ? 7.742   -6.969  -5.539  1.00 16.64 ? 1467 ASP A OD1 1 
ATOM   156  O OD2 . ASP A 1 22  ? 7.263   -9.179  -5.702  1.00 17.94 ? 1467 ASP A OD2 1 
ATOM   157  N N   . ALA A 1 23  ? 3.272   -8.127  -4.507  1.00 7.49  ? 1468 ALA A N   1 
ATOM   158  C CA  . ALA A 1 23  ? 2.220   -8.574  -5.399  1.00 8.36  ? 1468 ALA A CA  1 
ATOM   159  C C   . ALA A 1 23  ? 1.248   -7.427  -5.654  1.00 7.52  ? 1468 ALA A C   1 
ATOM   160  O O   . ALA A 1 23  ? 0.698   -7.356  -6.791  1.00 8.27  ? 1468 ALA A O   1 
ATOM   161  C CB  . ALA A 1 23  ? 1.549   -9.800  -4.831  1.00 9.70  ? 1468 ALA A CB  1 
ATOM   162  N N   . VAL A 1 24  ? 0.949   -6.580  -4.660  1.00 7.37  ? 1469 VAL A N   1 
ATOM   163  C CA  . VAL A 1 24  ? 0.054   -5.472  -4.903  1.00 7.90  ? 1469 VAL A CA  1 
ATOM   164  C C   . VAL A 1 24  ? 0.659   -4.516  -5.910  1.00 7.17  ? 1469 VAL A C   1 
ATOM   165  O O   . VAL A 1 24  ? -0.016  -3.978  -6.813  1.00 7.35  ? 1469 VAL A O   1 
ATOM   166  C CB  . VAL A 1 24  ? -0.283  -4.797  -3.546  1.00 8.03  ? 1469 VAL A CB  1 
ATOM   167  C CG1 . VAL A 1 24  ? -1.000  -3.464  -3.756  1.00 9.11  ? 1469 VAL A CG1 1 
ATOM   168  C CG2 . VAL A 1 24  ? -1.101  -5.686  -2.676  1.00 8.76  ? 1469 VAL A CG2 1 
ATOM   169  N N   . ILE A 1 25  ? 1.967   -4.221  -5.755  1.00 7.05  ? 1470 ILE A N   1 
ATOM   170  C CA  . ILE A 1 25  ? 2.674   -3.346  -6.669  1.00 7.50  ? 1470 ILE A CA  1 
ATOM   171  C C   . ILE A 1 25  ? 2.664   -3.925  -8.075  1.00 7.47  ? 1470 ILE A C   1 
ATOM   172  O O   . ILE A 1 25  ? 2.495   -3.177  -9.053  1.00 8.18  ? 1470 ILE A O   1 
ATOM   173  C CB  . ILE A 1 25  ? 4.068   -3.010  -6.157  1.00 7.58  ? 1470 ILE A CB  1 
ATOM   174  C CG1 . ILE A 1 25  ? 3.938   -2.101  -4.924  1.00 9.30  ? 1470 ILE A CG1 1 
ATOM   175  C CG2 . ILE A 1 25  ? 4.892   -2.351  -7.265  1.00 8.70  ? 1470 ILE A CG2 1 
ATOM   176  C CD1 . ILE A 1 25  ? 5.245   -1.861  -4.195  1.00 10.39 ? 1470 ILE A CD1 1 
ATOM   177  N N   . LYS A 1 26  ? 2.914   -5.211  -8.206  1.00 7.05  ? 1471 LYS A N   1 
ATOM   178  C CA  . LYS A 1 26  ? 3.064   -5.841  -9.514  1.00 7.59  ? 1471 LYS A CA  1 
ATOM   179  C C   . LYS A 1 26  ? 1.741   -6.053  -10.197 1.00 7.36  ? 1471 LYS A C   1 
ATOM   180  O O   . LYS A 1 26  ? 1.710   -6.292  -11.417 1.00 9.45  ? 1471 LYS A O   1 
ATOM   181  C CB  . LYS A 1 26  ? 3.790   -7.186  -9.373  1.00 9.15  ? 1471 LYS A CB  1 
ATOM   182  C CG  . LYS A 1 26  ? 5.291   -6.954  -9.215  1.00 12.02 ? 1471 LYS A CG  1 
ATOM   183  C CD  . LYS A 1 26  ? 6.035   -8.232  -8.958  1.00 14.78 ? 1471 LYS A CD  1 
ATOM   184  C CE  . LYS A 1 26  ? 7.531   -8.034  -8.913  1.00 18.49 ? 1471 LYS A CE  1 
ATOM   185  N NZ  . LYS A 1 26  ? 8.168   -9.239  -8.346  1.00 19.65 ? 1471 LYS A NZ  1 
ATOM   186  N N   . TYR A 1 27  ? 0.645   -5.956  -9.483  1.00 7.25  ? 1472 TYR A N   1 
ATOM   187  C CA  . TYR A 1 27  ? -0.661  -6.185  -10.100 1.00 6.98  ? 1472 TYR A CA  1 
ATOM   188  C C   . TYR A 1 27  ? -0.912  -5.356  -11.351 1.00 6.36  ? 1472 TYR A C   1 
ATOM   189  O O   . TYR A 1 27  ? -0.732  -4.158  -11.353 1.00 6.98  ? 1472 TYR A O   1 
ATOM   190  C CB  . TYR A 1 27  ? -1.733  -5.952  -9.034  1.00 8.06  ? 1472 TYR A CB  1 
ATOM   191  C CG  . TYR A 1 27  ? -3.126  -6.050  -9.605  1.00 8.61  ? 1472 TYR A CG  1 
ATOM   192  C CD1 . TYR A 1 27  ? -3.788  -7.258  -9.699  1.00 11.08 ? 1472 TYR A CD1 1 
ATOM   193  C CD2 . TYR A 1 27  ? -3.810  -4.943  -10.074 1.00 9.79  ? 1472 TYR A CD2 1 
ATOM   194  C CE1 . TYR A 1 27  ? -5.082  -7.328  -10.251 1.00 12.22 ? 1472 TYR A CE1 1 
ATOM   195  C CE2 . TYR A 1 27  ? -5.078  -5.001  -10.663 1.00 12.33 ? 1472 TYR A CE2 1 
ATOM   196  C CZ  . TYR A 1 27  ? -5.714  -6.204  -10.730 1.00 11.57 ? 1472 TYR A CZ  1 
ATOM   197  O OH  . TYR A 1 27  ? -6.984  -6.164  -11.308 1.00 16.10 ? 1472 TYR A OH  1 
ATOM   198  N N   . LYS A 1 28  ? -1.427  -6.037  -12.395 1.00 6.80  ? 1473 LYS A N   1 
ATOM   199  C CA  . LYS A 1 28  ? -1.831  -5.335  -13.641 1.00 7.11  ? 1473 LYS A CA  1 
ATOM   200  C C   . LYS A 1 28  ? -3.258  -5.729  -13.988 1.00 7.37  ? 1473 LYS A C   1 
ATOM   201  O O   . LYS A 1 28  ? -3.646  -6.894  -13.865 1.00 7.81  ? 1473 LYS A O   1 
ATOM   202  C CB  . LYS A 1 28  ? -0.885  -5.768  -14.739 1.00 6.49  ? 1473 LYS A CB  1 
ATOM   203  C CG  . LYS A 1 28  ? 0.485   -5.112  -14.572 1.00 6.74  ? 1473 LYS A CG  1 
ATOM   204  C CD  . LYS A 1 28  ? 1.525   -5.578  -15.579 1.00 7.24  ? 1473 LYS A CD  1 
ATOM   205  C CE  . LYS A 1 28  ? 2.758   -4.670  -15.519 1.00 8.21  ? 1473 LYS A CE  1 
ATOM   206  N NZ  . LYS A 1 28  ? 3.790   -5.110  -16.495 1.00 8.01  ? 1473 LYS A NZ  1 
ATOM   207  N N   . ASP A 1 29  ? -4.001  -4.728  -14.436 1.00 8.52  ? 1474 ASP A N   1 
ATOM   208  C CA  . ASP A 1 29  ? -5.350  -5.007  -14.927 1.00 8.79  ? 1474 ASP A CA  1 
ATOM   209  C C   . ASP A 1 29  ? -5.291  -6.131  -15.963 1.00 7.63  ? 1474 ASP A C   1 
ATOM   210  O O   . ASP A 1 29  ? -4.449  -6.139  -16.861 1.00 7.78  ? 1474 ASP A O   1 
ATOM   211  C CB  . ASP A 1 29  ? -5.878  -3.728  -15.559 1.00 11.45 ? 1474 ASP A CB  1 
ATOM   212  C CG  . ASP A 1 29  ? -7.273  -3.799  -16.165 1.00 12.61 ? 1474 ASP A CG  1 
ATOM   213  O OD1 . ASP A 1 29  ? -7.453  -4.272  -17.247 1.00 12.66 ? 1474 ASP A OD1 1 
ATOM   214  O OD2 . ASP A 1 29  ? -8.146  -3.069  -15.646 1.00 17.26 ? 1474 ASP A OD2 1 
ATOM   215  N N   A SER A 1 30  ? -6.159  -7.148  -15.821 0.50 8.67  ? 1475 SER A N   1 
ATOM   216  N N   B SER A 1 30  ? -6.250  -7.043  -15.802 0.50 8.77  ? 1475 SER A N   1 
ATOM   217  C CA  A SER A 1 30  ? -6.015  -8.335  -16.658 0.50 9.44  ? 1475 SER A CA  1 
ATOM   218  C CA  B SER A 1 30  ? -6.229  -8.276  -16.559 0.50 9.64  ? 1475 SER A CA  1 
ATOM   219  C C   A SER A 1 30  ? -6.240  -8.031  -18.134 0.50 8.64  ? 1475 SER A C   1 
ATOM   220  C C   B SER A 1 30  ? -6.291  -8.037  -18.059 0.50 8.71  ? 1475 SER A C   1 
ATOM   221  O O   A SER A 1 30  ? -5.585  -8.624  -18.971 0.50 10.13 ? 1475 SER A O   1 
ATOM   222  O O   B SER A 1 30  ? -5.587  -8.686  -18.814 0.50 10.04 ? 1475 SER A O   1 
ATOM   223  C CB  A SER A 1 30  ? -6.898  -9.480  -16.209 0.50 11.27 ? 1475 SER A CB  1 
ATOM   224  C CB  B SER A 1 30  ? -7.315  -9.217  -16.137 0.50 12.29 ? 1475 SER A CB  1 
ATOM   225  O OG  A SER A 1 30  ? -8.236  -9.093  -16.471 0.50 13.88 ? 1475 SER A OG  1 
ATOM   226  O OG  B SER A 1 30  ? -7.328  -10.314 -17.029 0.50 13.65 ? 1475 SER A OG  1 
ATOM   227  N N   . SER A 1 31  ? -7.134  -7.099  -18.487 1.00 9.06  ? 1476 SER A N   1 
ATOM   228  C CA  . SER A 1 31  ? -7.346  -6.837  -19.901 1.00 9.00  ? 1476 SER A CA  1 
ATOM   229  C C   . SER A 1 31  ? -6.351  -5.883  -20.509 1.00 7.83  ? 1476 SER A C   1 
ATOM   230  O O   . SER A 1 31  ? -5.913  -6.057  -21.632 1.00 10.07 ? 1476 SER A O   1 
ATOM   231  C CB  . SER A 1 31  ? -8.782  -6.426  -20.215 1.00 9.53  ? 1476 SER A CB  1 
ATOM   232  O OG  . SER A 1 31  ? -9.078  -5.167  -19.703 1.00 16.14 ? 1476 SER A OG  1 
ATOM   233  N N   . SER A 1 32  ? -6.016  -4.816  -19.767 1.00 7.63  ? 1477 SER A N   1 
ATOM   234  C CA  . SER A 1 32  ? -5.241  -3.742  -20.329 1.00 7.30  ? 1477 SER A CA  1 
ATOM   235  C C   . SER A 1 32  ? -3.729  -3.839  -20.044 1.00 6.95  ? 1477 SER A C   1 
ATOM   236  O O   . SER A 1 32  ? -2.908  -3.165  -20.667 1.00 7.31  ? 1477 SER A O   1 
ATOM   237  C CB  . SER A 1 32  ? -5.723  -2.381  -19.834 1.00 7.95  ? 1477 SER A CB  1 
ATOM   238  O OG  . SER A 1 32  ? -5.358  -2.227  -18.475 1.00 8.81  ? 1477 SER A OG  1 
ATOM   239  N N   . GLY A 1 33  ? -3.358  -4.594  -19.013 1.00 6.71  ? 1478 GLY A N   1 
ATOM   240  C CA  . GLY A 1 33  ? -1.961  -4.626  -18.638 1.00 6.39  ? 1478 GLY A CA  1 
ATOM   241  C C   . GLY A 1 33  ? -1.525  -3.455  -17.788 1.00 6.04  ? 1478 GLY A C   1 
ATOM   242  O O   . GLY A 1 33  ? -0.337  -3.352  -17.390 1.00 7.65  ? 1478 GLY A O   1 
ATOM   243  N N   . ARG A 1 34  ? -2.413  -2.514  -17.488 1.00 6.22  ? 1479 ARG A N   1 
ATOM   244  C CA  . ARG A 1 34  ? -1.983  -1.317  -16.744 1.00 6.97  ? 1479 ARG A CA  1 
ATOM   245  C C   . ARG A 1 34  ? -1.623  -1.628  -15.302 1.00 6.47  ? 1479 ARG A C   1 
ATOM   246  O O   . ARG A 1 34  ? -2.350  -2.299  -14.571 1.00 6.73  ? 1479 ARG A O   1 
ATOM   247  C CB  . ARG A 1 34  ? -3.127  -0.289  -16.849 1.00 8.31  ? 1479 ARG A CB  1 
ATOM   248  C CG  . ARG A 1 34  ? -2.716  1.040   -16.260 1.00 8.65  ? 1479 ARG A CG  1 
ATOM   249  C CD  . ARG A 1 34  ? -3.736  2.093   -16.700 1.00 9.66  ? 1479 ARG A CD  1 
ATOM   250  N NE  . ARG A 1 34  ? -5.060  1.820   -16.148 1.00 10.55 ? 1479 ARG A NE  1 
ATOM   251  C CZ  . ARG A 1 34  ? -5.446  2.185   -14.932 1.00 9.62  ? 1479 ARG A CZ  1 
ATOM   252  N NH1 . ARG A 1 34  ? -4.627  2.911   -14.157 1.00 11.27 ? 1479 ARG A NH1 1 
ATOM   253  N NH2 . ARG A 1 34  ? -6.666  1.871   -14.516 1.00 11.89 ? 1479 ARG A NH2 1 
ATOM   254  N N   . GLN A 1 35  ? -0.464  -1.156  -14.854 1.00 6.62  ? 1480 GLN A N   1 
ATOM   255  C CA  . GLN A 1 35  ? 0.035   -1.394  -13.490 1.00 6.88  ? 1480 GLN A CA  1 
ATOM   256  C C   . GLN A 1 35  ? -0.594  -0.339  -12.581 1.00 7.13  ? 1480 GLN A C   1 
ATOM   257  O O   . GLN A 1 35  ? -0.125  0.783   -12.514 1.00 8.68  ? 1480 GLN A O   1 
ATOM   258  C CB  . GLN A 1 35  ? 1.570   -1.345  -13.515 1.00 7.91  ? 1480 GLN A CB  1 
ATOM   259  C CG  . GLN A 1 35  ? 2.184   -1.834  -12.167 1.00 9.84  ? 1480 GLN A CG  1 
ATOM   260  C CD  . GLN A 1 35  ? 3.670   -2.108  -12.336 1.00 11.88 ? 1480 GLN A CD  1 
ATOM   261  O OE1 . GLN A 1 35  ? 4.280   -1.909  -13.374 1.00 13.38 ? 1480 GLN A OE1 1 
ATOM   262  N NE2 . GLN A 1 35  ? 4.227   -2.748  -11.326 1.00 13.43 ? 1480 GLN A NE2 1 
ATOM   263  N N   . LEU A 1 36  ? -1.648  -0.692  -11.882 1.00 6.82  ? 1481 LEU A N   1 
ATOM   264  C CA  . LEU A 1 36  ? -2.409  0.290   -11.146 1.00 8.33  ? 1481 LEU A CA  1 
ATOM   265  C C   . LEU A 1 36  ? -1.618  1.013   -10.076 1.00 8.29  ? 1481 LEU A C   1 
ATOM   266  O O   . LEU A 1 36  ? -1.836  2.214   -9.833  1.00 10.28 ? 1481 LEU A O   1 
ATOM   267  C CB  . LEU A 1 36  ? -3.605  -0.384  -10.485 1.00 10.14 ? 1481 LEU A CB  1 
ATOM   268  C CG  . LEU A 1 36  ? -4.539  -1.235  -11.335 1.00 13.82 ? 1481 LEU A CG  1 
ATOM   269  C CD1 . LEU A 1 36  ? -5.812  -1.349  -10.517 1.00 15.36 ? 1481 LEU A CD1 1 
ATOM   270  C CD2 . LEU A 1 36  ? -4.867  -0.680  -12.697 1.00 13.94 ? 1481 LEU A CD2 1 
ATOM   271  N N   . SER A 1 37  ? -0.634  0.309   -9.489  1.00 6.62  ? 1482 SER A N   1 
ATOM   272  C CA  . SER A 1 37  ? 0.170   0.909   -8.439  1.00 7.04  ? 1482 SER A CA  1 
ATOM   273  C C   . SER A 1 37  ? 1.035   2.071   -8.912  1.00 7.01  ? 1482 SER A C   1 
ATOM   274  O O   . SER A 1 37  ? 1.622   2.776   -8.041  1.00 7.11  ? 1482 SER A O   1 
ATOM   275  C CB  . SER A 1 37  ? 1.095   -0.089  -7.788  1.00 7.41  ? 1482 SER A CB  1 
ATOM   276  O OG  . SER A 1 37  ? 2.045   -0.577  -8.727  1.00 7.77  ? 1482 SER A OG  1 
ATOM   277  N N   . GLU A 1 38  ? 1.236   2.271   -10.245 1.00 7.46  ? 1483 GLU A N   1 
ATOM   278  C CA  . GLU A 1 38  ? 2.309   3.140   -10.682 1.00 7.93  ? 1483 GLU A CA  1 
ATOM   279  C C   . GLU A 1 38  ? 2.134   4.584   -10.192 1.00 7.61  ? 1483 GLU A C   1 
ATOM   280  O O   . GLU A 1 38  ? 3.131   5.257   -9.960  1.00 9.09  ? 1483 GLU A O   1 
ATOM   281  C CB  . GLU A 1 38  ? 2.422   3.065   -12.214 1.00 8.15  ? 1483 GLU A CB  1 
ATOM   282  C CG  . GLU A 1 38  ? 1.240   3.675   -12.989 1.00 7.89  ? 1483 GLU A CG  1 
ATOM   283  C CD  . GLU A 1 38  ? 1.623   4.351   -14.273 1.00 9.02  ? 1483 GLU A CD  1 
ATOM   284  O OE1 . GLU A 1 38  ? 0.702   5.115   -14.814 1.00 11.17 ? 1483 GLU A OE1 1 
ATOM   285  O OE2 . GLU A 1 38  ? 2.771   4.200   -14.757 1.00 8.50  ? 1483 GLU A OE2 1 
ATOM   286  N N   . VAL A 1 39  ? 0.920   5.032   -9.931  1.00 7.61  ? 1484 VAL A N   1 
ATOM   287  C CA  . VAL A 1 39  ? 0.701   6.395   -9.468  1.00 8.43  ? 1484 VAL A CA  1 
ATOM   288  C C   . VAL A 1 39  ? 0.927   6.506   -7.970  1.00 7.64  ? 1484 VAL A C   1 
ATOM   289  O O   . VAL A 1 39  ? 0.924   7.625   -7.429  1.00 9.87  ? 1484 VAL A O   1 
ATOM   290  C CB  . VAL A 1 39  ? -0.709  6.881   -9.848  1.00 8.57  ? 1484 VAL A CB  1 
ATOM   291  C CG1 . VAL A 1 39  ? -0.851  7.041   -11.352 1.00 10.00 ? 1484 VAL A CG1 1 
ATOM   292  C CG2 . VAL A 1 39  ? -1.847  6.122   -9.182  1.00 11.29 ? 1484 VAL A CG2 1 
ATOM   293  N N   . PHE A 1 40  ? 1.055   5.369   -7.260  1.00 7.27  ? 1485 PHE A N   1 
ATOM   294  C CA  . PHE A 1 40  ? 1.113   5.348   -5.811  1.00 6.88  ? 1485 PHE A CA  1 
ATOM   295  C C   . PHE A 1 40  ? 2.489   5.016   -5.284  1.00 7.42  ? 1485 PHE A C   1 
ATOM   296  O O   . PHE A 1 40  ? 2.661   4.949   -4.058  1.00 7.87  ? 1485 PHE A O   1 
ATOM   297  C CB  . PHE A 1 40  ? 0.090   4.379   -5.219  1.00 6.82  ? 1485 PHE A CB  1 
ATOM   298  C CG  . PHE A 1 40  ? -1.319  4.740   -5.626  1.00 7.71  ? 1485 PHE A CG  1 
ATOM   299  C CD1 . PHE A 1 40  ? -1.934  5.899   -5.194  1.00 8.69  ? 1485 PHE A CD1 1 
ATOM   300  C CD2 . PHE A 1 40  ? -2.061  3.879   -6.416  1.00 9.66  ? 1485 PHE A CD2 1 
ATOM   301  C CE1 . PHE A 1 40  ? -3.230  6.220   -5.601  1.00 8.76  ? 1485 PHE A CE1 1 
ATOM   302  C CE2 . PHE A 1 40  ? -3.399  4.197   -6.780  1.00 10.38 ? 1485 PHE A CE2 1 
ATOM   303  C CZ  . PHE A 1 40  ? -3.965  5.397   -6.369  1.00 10.09 ? 1485 PHE A CZ  1 
ATOM   304  N N   . ILE A 1 41  ? 3.455   4.854   -6.153  1.00 8.05  ? 1486 ILE A N   1 
ATOM   305  C CA  . ILE A 1 41  ? 4.786   4.535   -5.691  1.00 9.00  ? 1486 ILE A CA  1 
ATOM   306  C C   . ILE A 1 41  ? 5.388   5.685   -4.888  1.00 8.86  ? 1486 ILE A C   1 
ATOM   307  O O   . ILE A 1 41  ? 6.021   5.491   -3.831  1.00 9.37  ? 1486 ILE A O   1 
ATOM   308  C CB  . ILE A 1 41  ? 5.664   4.115   -6.880  1.00 9.01  ? 1486 ILE A CB  1 
ATOM   309  C CG1 . ILE A 1 41  ? 5.108   2.909   -7.630  1.00 8.80  ? 1486 ILE A CG1 1 
ATOM   310  C CG2 . ILE A 1 41  ? 7.081   3.841   -6.453  1.00 11.26 ? 1486 ILE A CG2 1 
ATOM   311  C CD1 . ILE A 1 41  ? 4.842   1.668   -6.799  1.00 9.40  ? 1486 ILE A CD1 1 
ATOM   312  N N   . GLN A 1 42  ? 5.269   6.871   -5.487  1.00 9.09  ? 1487 GLN A N   1 
ATOM   313  C CA  . GLN A 1 42  ? 5.944   8.052   -4.989  1.00 11.13 ? 1487 GLN A CA  1 
ATOM   314  C C   . GLN A 1 42  ? 4.985   9.231   -4.929  1.00 10.15 ? 1487 GLN A C   1 
ATOM   315  O O   . GLN A 1 42  ? 4.524   9.697   -5.967  1.00 11.05 ? 1487 GLN A O   1 
ATOM   316  C CB  . GLN A 1 42  ? 7.110   8.427   -5.936  1.00 11.64 ? 1487 GLN A CB  1 
ATOM   317  C CG  . GLN A 1 42  ? 7.941   9.639   -5.503  1.00 14.14 ? 1487 GLN A CG  1 
ATOM   318  C CD  . GLN A 1 42  ? 9.047   9.853   -6.520  1.00 15.07 ? 1487 GLN A CD  1 
ATOM   319  O OE1 . GLN A 1 42  ? 9.409   8.952   -7.262  1.00 18.31 ? 1487 GLN A OE1 1 
ATOM   320  N NE2 . GLN A 1 42  ? 9.557   11.067  -6.665  1.00 14.41 ? 1487 GLN A NE2 1 
ATOM   321  N N   . LEU A 1 43  ? 4.714   9.765   -3.748  1.00 12.35 ? 1488 LEU A N   1 
ATOM   322  C CA  . LEU A 1 43  ? 3.947   11.005  -3.613  1.00 12.40 ? 1488 LEU A CA  1 
ATOM   323  C C   . LEU A 1 43  ? 4.597   12.211  -4.330  1.00 12.97 ? 1488 LEU A C   1 
ATOM   324  O O   . LEU A 1 43  ? 5.768   12.218  -4.696  1.00 16.28 ? 1488 LEU A O   1 
ATOM   325  C CB  . LEU A 1 43  ? 3.585   11.309  -2.151  1.00 17.67 ? 1488 LEU A CB  1 
ATOM   326  C CG  . LEU A 1 43  ? 2.159   10.960  -1.669  1.00 18.99 ? 1488 LEU A CG  1 
ATOM   327  C CD1 . LEU A 1 43  ? 2.081   11.151  -0.169  1.00 20.01 ? 1488 LEU A CD1 1 
ATOM   328  C CD2 . LEU A 1 43  ? 1.062   11.787  -2.383  1.00 19.67 ? 1488 LEU A CD2 1 
ATOM   329  N N   . PRO A 1 44  ? 3.828   13.178  -4.866  1.00 14.63 ? 1489 PRO A N   1 
ATOM   330  C CA  . PRO A 1 44  ? 4.417   14.468  -5.261  1.00 16.54 ? 1489 PRO A CA  1 
ATOM   331  C C   . PRO A 1 44  ? 4.918   15.184  -4.007  1.00 19.79 ? 1489 PRO A C   1 
ATOM   332  O O   . PRO A 1 44  ? 4.463   14.925  -2.891  1.00 21.77 ? 1489 PRO A O   1 
ATOM   333  C CB  . PRO A 1 44  ? 3.227   15.230  -5.849  1.00 20.40 ? 1489 PRO A CB  1 
ATOM   334  C CG  . PRO A 1 44  ? 2.424   14.125  -6.437  1.00 20.68 ? 1489 PRO A CG  1 
ATOM   335  C CD  . PRO A 1 44  ? 2.452   13.066  -5.347  1.00 17.19 ? 1489 PRO A CD  1 
ATOM   336  N N   . SER A 1 45  ? 5.785   16.182  -4.257  1.00 29.86 ? 1490 SER A N   1 
ATOM   337  C CA  . SER A 1 45  ? 6.331   17.059  -3.228  1.00 30.92 ? 1490 SER A CA  1 
ATOM   338  C C   . SER A 1 45  ? 5.226   17.920  -2.623  1.00 22.67 ? 1490 SER A C   1 
ATOM   339  O O   . SER A 1 45  ? 4.242   18.237  -3.299  1.00 28.36 ? 1490 SER A O   1 
ATOM   340  C CB  . SER A 1 45  ? 7.428   17.943  -3.784  1.00 31.38 ? 1490 SER A CB  1 
ATOM   341  O OG  . SER A 1 45  ? 6.971   18.648  -4.937  1.00 36.03 ? 1490 SER A OG  1 
ATOM   342  N N   . ARG A 1 46  ? 5.473   18.385  -1.382  1.00 30.92 ? 1491 ARG A N   1 
ATOM   343  C CA  . ARG A 1 46  ? 4.658   19.401  -0.728  1.00 30.80 ? 1491 ARG A CA  1 
ATOM   344  C C   . ARG A 1 46  ? 4.774   20.725  -1.505  1.00 31.04 ? 1491 ARG A C   1 
ATOM   345  O O   . ARG A 1 46  ? 3.935   21.595  -1.334  1.00 36.17 ? 1491 ARG A O   1 
ATOM   346  C CB  . ARG A 1 46  ? 4.910   19.438  0.795   1.00 29.42 ? 1491 ARG A CB  1 
ATOM   347  C CG  . ARG A 1 46  ? 3.925   20.272  1.615   1.00 30.97 ? 1491 ARG A CG  1 
ATOM   348  C CD  . ARG A 1 46  ? 3.866   20.126  3.145   1.00 27.75 ? 1491 ARG A CD  1 
ATOM   349  N NE  . ARG A 1 46  ? 2.692   20.821  3.703   1.00 24.59 ? 1491 ARG A NE  1 
ATOM   350  C CZ  . ARG A 1 46  ? 2.142   20.649  4.918   1.00 22.87 ? 1491 ARG A CZ  1 
ATOM   351  N NH1 . ARG A 1 46  ? 2.655   19.801  5.802   1.00 23.60 ? 1491 ARG A NH1 1 
ATOM   352  N NH2 . ARG A 1 46  ? 1.075   21.363  5.254   1.00 23.05 ? 1491 ARG A NH2 1 
ATOM   353  N N   . LYS A 1 47  ? 5.715   20.783  -2.466  1.00 31.54 ? 1492 LYS A N   1 
ATOM   354  C CA  . LYS A 1 47  ? 6.096   21.961  -3.235  1.00 36.23 ? 1492 LYS A CA  1 
ATOM   355  C C   . LYS A 1 47  ? 5.551   21.930  -4.670  1.00 37.88 ? 1492 LYS A C   1 
ATOM   356  O O   . LYS A 1 47  ? 5.413   22.989  -5.285  1.00 41.20 ? 1492 LYS A O   1 
ATOM   357  C CB  . LYS A 1 47  ? 7.623   22.080  -3.208  1.00 39.46 ? 1492 LYS A CB  1 
ATOM   358  C CG  . LYS A 1 47  ? 8.236   23.306  -3.874  1.00 40.13 ? 1492 LYS A CG  1 
ATOM   359  C CD  . LYS A 1 47  ? 9.709   23.443  -3.536  1.00 39.81 ? 1492 LYS A CD  1 
ATOM   360  C CE  . LYS A 1 47  ? 10.584  23.644  -4.755  1.00 40.89 ? 1492 LYS A CE  1 
ATOM   361  N NZ  . LYS A 1 47  ? 12.025  23.524  -4.436  1.00 39.93 ? 1492 LYS A NZ  1 
ATOM   362  N N   . GLU A 1 48  ? 5.254   20.744  -5.235  1.00 35.10 ? 1493 GLU A N   1 
ATOM   363  C CA  . GLU A 1 48  ? 4.604   20.699  -6.545  1.00 31.56 ? 1493 GLU A CA  1 
ATOM   364  C C   . GLU A 1 48  ? 3.092   20.639  -6.326  1.00 25.14 ? 1493 GLU A C   1 
ATOM   365  O O   . GLU A 1 48  ? 2.288   21.099  -7.147  1.00 32.70 ? 1493 GLU A O   1 
ATOM   366  C CB  . GLU A 1 48  ? 5.159   19.569  -7.433  1.00 33.57 ? 1493 GLU A CB  1 
ATOM   367  C CG  . GLU A 1 48  ? 4.179   18.439  -7.758  1.00 31.51 ? 1493 GLU A CG  1 
ATOM   368  C CD  . GLU A 1 48  ? 4.692   17.339  -8.686  1.00 30.71 ? 1493 GLU A CD  1 
ATOM   369  O OE1 . GLU A 1 48  ? 4.408   17.418  -9.904  1.00 29.33 ? 1493 GLU A OE1 1 
ATOM   370  O OE2 . GLU A 1 48  ? 5.353   16.371  -8.180  1.00 28.94 ? 1493 GLU A OE2 1 
ATOM   371  N N   . LEU A 1 49  ? 2.735   20.114  -5.158  1.00 21.29 ? 1494 LEU A N   1 
ATOM   372  C CA  . LEU A 1 49  ? 1.382   19.853  -4.726  1.00 20.23 ? 1494 LEU A CA  1 
ATOM   373  C C   . LEU A 1 49  ? 1.274   20.171  -3.233  1.00 19.96 ? 1494 LEU A C   1 
ATOM   374  O O   . LEU A 1 49  ? 0.924   19.314  -2.421  1.00 18.83 ? 1494 LEU A O   1 
ATOM   375  C CB  . LEU A 1 49  ? 1.124   18.364  -5.006  1.00 22.93 ? 1494 LEU A CB  1 
ATOM   376  C CG  . LEU A 1 49  ? -0.333  17.921  -5.085  1.00 25.58 ? 1494 LEU A CG  1 
ATOM   377  C CD1 . LEU A 1 49  ? -1.002  18.484  -6.328  1.00 29.06 ? 1494 LEU A CD1 1 
ATOM   378  C CD2 . LEU A 1 49  ? -0.439  16.393  -5.073  1.00 24.97 ? 1494 LEU A CD2 1 
ATOM   379  N N   . PRO A 1 50  ? 1.492   21.445  -2.795  1.00 20.85 ? 1495 PRO A N   1 
ATOM   380  C CA  . PRO A 1 50  ? 1.302   21.788  -1.377  1.00 20.05 ? 1495 PRO A CA  1 
ATOM   381  C C   . PRO A 1 50  ? -0.102  21.504  -0.872  1.00 16.16 ? 1495 PRO A C   1 
ATOM   382  O O   . PRO A 1 50  ? -0.288  21.132  0.295   1.00 20.15 ? 1495 PRO A O   1 
ATOM   383  C CB  . PRO A 1 50  ? 1.541   23.302  -1.332  1.00 23.59 ? 1495 PRO A CB  1 
ATOM   384  C CG  . PRO A 1 50  ? 1.340   23.738  -2.769  1.00 22.67 ? 1495 PRO A CG  1 
ATOM   385  C CD  . PRO A 1 50  ? 1.865   22.599  -3.623  1.00 22.05 ? 1495 PRO A CD  1 
ATOM   386  N N   . GLU A 1 51  ? -1.077  21.587  -1.775  1.00 17.64 ? 1496 GLU A N   1 
ATOM   387  C CA  . GLU A 1 51  ? -2.472  21.345  -1.453  1.00 18.33 ? 1496 GLU A CA  1 
ATOM   388  C C   . GLU A 1 51  ? -2.721  19.921  -0.913  1.00 17.38 ? 1496 GLU A C   1 
ATOM   389  O O   . GLU A 1 51  ? -3.600  19.701  -0.085  1.00 19.10 ? 1496 GLU A O   1 
ATOM   390  C CB  . GLU A 1 51  ? -3.399  21.705  -2.614  1.00 22.78 ? 1496 GLU A CB  1 
ATOM   391  C CG  . GLU A 1 51  ? -3.201  20.845  -3.843  1.00 25.36 ? 1496 GLU A CG  1 
ATOM   392  C CD  . GLU A 1 51  ? -2.462  21.574  -4.947  1.00 24.64 ? 1496 GLU A CD  1 
ATOM   393  O OE1 . GLU A 1 51  ? -1.419  22.217  -4.649  1.00 25.21 ? 1496 GLU A OE1 1 
ATOM   394  O OE2 . GLU A 1 51  ? -2.916  21.481  -6.102  1.00 35.34 ? 1496 GLU A OE2 1 
ATOM   395  N N   . TYR A 1 52  ? -1.948  18.924  -1.381  1.00 15.91 ? 1497 TYR A N   1 
ATOM   396  C CA  . TYR A 1 52  ? -2.145  17.529  -0.957  1.00 12.97 ? 1497 TYR A CA  1 
ATOM   397  C C   . TYR A 1 52  ? -2.021  17.421  0.576   1.00 16.13 ? 1497 TYR A C   1 
ATOM   398  O O   . TYR A 1 52  ? -2.749  16.744  1.291   1.00 16.62 ? 1497 TYR A O   1 
ATOM   399  C CB  . TYR A 1 52  ? -1.229  16.558  -1.721  1.00 13.72 ? 1497 TYR A CB  1 
ATOM   400  C CG  . TYR A 1 52  ? -1.476  15.079  -1.454  1.00 12.93 ? 1497 TYR A CG  1 
ATOM   401  C CD1 . TYR A 1 52  ? -0.977  14.417  -0.331  1.00 15.20 ? 1497 TYR A CD1 1 
ATOM   402  C CD2 . TYR A 1 52  ? -2.373  14.378  -2.247  1.00 14.06 ? 1497 TYR A CD2 1 
ATOM   403  C CE1 . TYR A 1 52  ? -1.268  13.079  -0.095  1.00 14.29 ? 1497 TYR A CE1 1 
ATOM   404  C CE2 . TYR A 1 52  ? -2.647  13.025  -2.047  1.00 12.26 ? 1497 TYR A CE2 1 
ATOM   405  C CZ  . TYR A 1 52  ? -2.118  12.374  -0.941  1.00 12.81 ? 1497 TYR A CZ  1 
ATOM   406  O OH  . TYR A 1 52  ? -2.367  11.040  -0.674  1.00 11.97 ? 1497 TYR A OH  1 
ATOM   407  N N   . TYR A 1 53  ? -0.980  18.052  1.053   1.00 17.70 ? 1498 TYR A N   1 
ATOM   408  C CA  . TYR A 1 53  ? -0.578  17.954  2.449   1.00 19.24 ? 1498 TYR A CA  1 
ATOM   409  C C   . TYR A 1 53  ? -1.494  18.761  3.383   1.00 20.46 ? 1498 TYR A C   1 
ATOM   410  O O   . TYR A 1 53  ? -1.605  18.481  4.579   1.00 21.67 ? 1498 TYR A O   1 
ATOM   411  C CB  . TYR A 1 53  ? 0.900   18.338  2.454   1.00 19.03 ? 1498 TYR A CB  1 
ATOM   412  C CG  . TYR A 1 53  ? 1.787   17.358  1.734   1.00 22.92 ? 1498 TYR A CG  1 
ATOM   413  C CD1 . TYR A 1 53  ? 2.380   16.300  2.403   1.00 22.55 ? 1498 TYR A CD1 1 
ATOM   414  C CD2 . TYR A 1 53  ? 2.029   17.481  0.378   1.00 22.12 ? 1498 TYR A CD2 1 
ATOM   415  C CE1 . TYR A 1 53  ? 3.180   15.382  1.733   1.00 22.91 ? 1498 TYR A CE1 1 
ATOM   416  C CE2 . TYR A 1 53  ? 2.785   16.550  -0.314  1.00 23.72 ? 1498 TYR A CE2 1 
ATOM   417  C CZ  . TYR A 1 53  ? 3.384   15.507  0.368   1.00 20.46 ? 1498 TYR A CZ  1 
ATOM   418  O OH  . TYR A 1 53  ? 4.136   14.667  -0.401  1.00 25.35 ? 1498 TYR A OH  1 
ATOM   419  N N   . GLU A 1 54  ? -2.185  19.758  2.829   1.00 22.02 ? 1499 GLU A N   1 
ATOM   420  C CA  . GLU A 1 54  ? -3.152  20.492  3.632   1.00 23.24 ? 1499 GLU A CA  1 
ATOM   421  C C   . GLU A 1 54  ? -4.356  19.604  3.959   1.00 21.99 ? 1499 GLU A C   1 
ATOM   422  O O   . GLU A 1 54  ? -4.890  19.689  5.065   1.00 27.75 ? 1499 GLU A O   1 
ATOM   423  C CB  . GLU A 1 54  ? -3.626  21.734  2.873   1.00 28.63 ? 1499 GLU A CB  1 
ATOM   424  C CG  . GLU A 1 54  ? -2.528  22.737  2.565   1.00 33.85 ? 1499 GLU A CG  1 
ATOM   425  C CD  . GLU A 1 54  ? -2.965  23.944  1.737   1.00 40.46 ? 1499 GLU A CD  1 
ATOM   426  O OE1 . GLU A 1 54  ? -4.101  23.918  1.195   1.00 42.28 ? 1499 GLU A OE1 1 
ATOM   427  O OE2 . GLU A 1 54  ? -2.175  24.914  1.634   1.00 41.75 ? 1499 GLU A OE2 1 
ATOM   428  N N   . LEU A 1 55  ? -4.758  18.727  3.018   1.00 19.02 ? 1500 LEU A N   1 
ATOM   429  C CA  . LEU A 1 55  ? -5.958  17.921  3.166   1.00 18.68 ? 1500 LEU A CA  1 
ATOM   430  C C   . LEU A 1 55  ? -5.625  16.575  3.814   1.00 19.40 ? 1500 LEU A C   1 
ATOM   431  O O   . LEU A 1 55  ? -6.480  15.984  4.452   1.00 24.68 ? 1500 LEU A O   1 
ATOM   432  C CB  . LEU A 1 55  ? -6.547  17.680  1.777   1.00 23.05 ? 1500 LEU A CB  1 
ATOM   433  C CG  . LEU A 1 55  ? -8.042  17.398  1.772   1.00 29.23 ? 1500 LEU A CG  1 
ATOM   434  C CD1 . LEU A 1 55  ? -8.802  18.675  2.115   1.00 27.37 ? 1500 LEU A CD1 1 
ATOM   435  C CD2 . LEU A 1 55  ? -8.464  16.868  0.410   1.00 32.22 ? 1500 LEU A CD2 1 
ATOM   436  N N   . ILE A 1 56  ? -4.404  16.074  3.576   1.00 17.32 ? 1501 ILE A N   1 
ATOM   437  C CA  . ILE A 1 56  ? -4.044  14.720  3.981   1.00 15.63 ? 1501 ILE A CA  1 
ATOM   438  C C   . ILE A 1 56  ? -3.088  14.790  5.168   1.00 16.20 ? 1501 ILE A C   1 
ATOM   439  O O   . ILE A 1 56  ? -1.943  15.160  4.994   1.00 15.39 ? 1501 ILE A O   1 
ATOM   440  C CB  . ILE A 1 56  ? -3.465  13.891  2.814   1.00 14.71 ? 1501 ILE A CB  1 
ATOM   441  C CG1 . ILE A 1 56  ? -4.488  13.763  1.665   1.00 15.62 ? 1501 ILE A CG1 1 
ATOM   442  C CG2 . ILE A 1 56  ? -2.998  12.533  3.341   1.00 14.01 ? 1501 ILE A CG2 1 
ATOM   443  C CD1 . ILE A 1 56  ? -5.835  13.248  2.007   1.00 17.16 ? 1501 ILE A CD1 1 
ATOM   444  N N   . ARG A 1 57  ? -3.594  14.347  6.333   1.00 16.47 ? 1502 ARG A N   1 
ATOM   445  C CA  . ARG A 1 57  ? -2.922  14.455  7.621   1.00 18.16 ? 1502 ARG A CA  1 
ATOM   446  C C   . ARG A 1 57  ? -1.727  13.489  7.701   1.00 16.73 ? 1502 ARG A C   1 
ATOM   447  O O   . ARG A 1 57  ? -0.731  13.789  8.351   1.00 18.23 ? 1502 ARG A O   1 
ATOM   448  C CB  . ARG A 1 57  ? -3.923  14.264  8.780   1.00 21.68 ? 1502 ARG A CB  1 
ATOM   449  C CG  . ARG A 1 57  ? -5.116  15.214  8.821   1.00 23.71 ? 1502 ARG A CG  1 
ATOM   450  C CD  . ARG A 1 57  ? -4.867  16.648  9.254   1.00 23.45 ? 1502 ARG A CD  1 
ATOM   451  N NE  . ARG A 1 57  ? -4.089  16.642  10.479  1.00 25.72 ? 1502 ARG A NE  1 
ATOM   452  C CZ  . ARG A 1 57  ? -3.389  17.675  10.963  1.00 24.45 ? 1502 ARG A CZ  1 
ATOM   453  N NH1 . ARG A 1 57  ? -2.733  17.512  12.088  1.00 22.93 ? 1502 ARG A NH1 1 
ATOM   454  N NH2 . ARG A 1 57  ? -3.393  18.836  10.339  1.00 27.96 ? 1502 ARG A NH2 1 
ATOM   455  N N   . LYS A 1 58  ? -1.810  12.275  7.103   1.00 15.59 ? 1503 LYS A N   1 
ATOM   456  C CA  . LYS A 1 58  ? -0.841  11.198  7.274   1.00 14.85 ? 1503 LYS A CA  1 
ATOM   457  C C   . LYS A 1 58  ? -0.522  10.671  5.878   1.00 14.18 ? 1503 LYS A C   1 
ATOM   458  O O   . LYS A 1 58  ? -0.994  9.588   5.481   1.00 13.27 ? 1503 LYS A O   1 
ATOM   459  C CB  . LYS A 1 58  ? -1.434  10.091  8.156   1.00 18.33 ? 1503 LYS A CB  1 
ATOM   460  C CG  . LYS A 1 58  ? -1.729  10.547  9.583   1.00 20.44 ? 1503 LYS A CG  1 
ATOM   461  C CD  . LYS A 1 58  ? -1.606  9.400   10.561  1.00 28.42 ? 1503 LYS A CD  1 
ATOM   462  C CE  . LYS A 1 58  ? -1.667  9.872   11.999  1.00 32.56 ? 1503 LYS A CE  1 
ATOM   463  N NZ  . LYS A 1 58  ? -2.036  8.761   12.919  1.00 38.60 ? 1503 LYS A NZ  1 
ATOM   464  N N   . PRO A 1 59  ? 0.263   11.414  5.086   1.00 14.05 ? 1504 PRO A N   1 
ATOM   465  C CA  . PRO A 1 59  ? 0.594   10.933  3.741   1.00 14.07 ? 1504 PRO A CA  1 
ATOM   466  C C   . PRO A 1 59  ? 1.463   9.688   3.747   1.00 15.58 ? 1504 PRO A C   1 
ATOM   467  O O   . PRO A 1 59  ? 2.336   9.542   4.611   1.00 15.83 ? 1504 PRO A O   1 
ATOM   468  C CB  . PRO A 1 59  ? 1.369   12.099  3.120   1.00 15.22 ? 1504 PRO A CB  1 
ATOM   469  C CG  . PRO A 1 59  ? 0.885   13.313  3.926   1.00 18.86 ? 1504 PRO A CG  1 
ATOM   470  C CD  . PRO A 1 59  ? 0.692   12.811  5.354   1.00 15.64 ? 1504 PRO A CD  1 
ATOM   471  N N   . VAL A 1 60  ? 1.249   8.840   2.732   1.00 11.12 ? 1505 VAL A N   1 
ATOM   472  C CA  . VAL A 1 60  ? 2.036   7.619   2.608   1.00 11.89 ? 1505 VAL A CA  1 
ATOM   473  C C   . VAL A 1 60  ? 1.979   7.148   1.158   1.00 10.15 ? 1505 VAL A C   1 
ATOM   474  O O   . VAL A 1 60  ? 0.947   7.322   0.447   1.00 10.79 ? 1505 VAL A O   1 
ATOM   475  C CB  . VAL A 1 60  ? 1.533   6.517   3.539   1.00 13.48 ? 1505 VAL A CB  1 
ATOM   476  C CG1 . VAL A 1 60  ? 0.061   6.297   3.361   1.00 13.41 ? 1505 VAL A CG1 1 
ATOM   477  C CG2 . VAL A 1 60  ? 2.283   5.219   3.400   1.00 13.32 ? 1505 VAL A CG2 1 
ATOM   478  N N   . ASP A 1 61  ? 3.092   6.592   0.706   1.00 10.05 ? 1506 ASP A N   1 
ATOM   479  C CA  . ASP A 1 61  ? 3.146   5.992   -0.628  1.00 9.78  ? 1506 ASP A CA  1 
ATOM   480  C C   . ASP A 1 61  ? 3.769   4.604   -0.492  1.00 8.28  ? 1506 ASP A C   1 
ATOM   481  O O   . ASP A 1 61  ? 4.185   4.169   0.593   1.00 7.86  ? 1506 ASP A O   1 
ATOM   482  C CB  . ASP A 1 61  ? 3.902   6.918   -1.618  1.00 11.10 ? 1506 ASP A CB  1 
ATOM   483  C CG  . ASP A 1 61  ? 5.285   7.338   -1.120  1.00 11.57 ? 1506 ASP A CG  1 
ATOM   484  O OD1 . ASP A 1 61  ? 5.853   6.617   -0.240  1.00 12.21 ? 1506 ASP A OD1 1 
ATOM   485  O OD2 . ASP A 1 61  ? 5.898   8.354   -1.640  1.00 12.71 ? 1506 ASP A OD2 1 
ATOM   486  N N   . PHE A 1 62  ? 3.872   3.833   -1.568  1.00 7.57  ? 1507 PHE A N   1 
ATOM   487  C CA  . PHE A 1 62  ? 4.431   2.477   -1.449  1.00 7.41  ? 1507 PHE A CA  1 
ATOM   488  C C   . PHE A 1 62  ? 5.892   2.498   -1.091  1.00 7.79  ? 1507 PHE A C   1 
ATOM   489  O O   . PHE A 1 62  ? 6.315   1.568   -0.430  1.00 8.30  ? 1507 PHE A O   1 
ATOM   490  C CB  . PHE A 1 62  ? 4.144   1.617   -2.688  1.00 8.94  ? 1507 PHE A CB  1 
ATOM   491  C CG  . PHE A 1 62  ? 2.725   1.125   -2.777  1.00 8.26  ? 1507 PHE A CG  1 
ATOM   492  C CD1 . PHE A 1 62  ? 2.319   0.144   -1.873  1.00 9.10  ? 1507 PHE A CD1 1 
ATOM   493  C CD2 . PHE A 1 62  ? 1.827   1.565   -3.751  1.00 8.15  ? 1507 PHE A CD2 1 
ATOM   494  C CE1 . PHE A 1 62  ? 1.035   -0.379  -1.883  1.00 10.03 ? 1507 PHE A CE1 1 
ATOM   495  C CE2 . PHE A 1 62  ? 0.502   1.086   -3.700  1.00 8.76  ? 1507 PHE A CE2 1 
ATOM   496  C CZ  . PHE A 1 62  ? 0.137   0.092   -2.820  1.00 10.07 ? 1507 PHE A CZ  1 
ATOM   497  N N   . LYS A 1 63  ? 6.645   3.491   -1.541  1.00 8.54  ? 1508 LYS A N   1 
ATOM   498  C CA  . LYS A 1 63  ? 8.015   3.556   -1.043  1.00 9.20  ? 1508 LYS A CA  1 
ATOM   499  C C   . LYS A 1 63  ? 8.057   3.670   0.481   1.00 9.80  ? 1508 LYS A C   1 
ATOM   500  O O   . LYS A 1 63  ? 8.913   3.004   1.116   1.00 10.13 ? 1508 LYS A O   1 
ATOM   501  C CB  . LYS A 1 63  ? 8.723   4.749   -1.686  1.00 11.95 ? 1508 LYS A CB  1 
ATOM   502  C CG  . LYS A 1 63  ? 9.107   4.458   -3.135  1.00 16.62 ? 1508 LYS A CG  1 
ATOM   503  C CD  . LYS A 1 63  ? 9.814   5.585   -3.865  1.00 20.61 ? 1508 LYS A CD  1 
ATOM   504  C CE  . LYS A 1 63  ? 10.496  6.616   -2.986  1.00 25.66 ? 1508 LYS A CE  1 
ATOM   505  N NZ  . LYS A 1 63  ? 10.946  7.806   -3.753  1.00 29.19 ? 1508 LYS A NZ  1 
ATOM   506  N N   . LYS A 1 64  ? 7.206   4.486   1.075   1.00 8.81  ? 1509 LYS A N   1 
ATOM   507  C CA  . LYS A 1 64  ? 7.204   4.588   2.539   1.00 10.04 ? 1509 LYS A CA  1 
ATOM   508  C C   . LYS A 1 64  ? 6.796   3.283   3.217   1.00 9.12  ? 1509 LYS A C   1 
ATOM   509  O O   . LYS A 1 64  ? 7.350   2.930   4.278   1.00 9.79  ? 1509 LYS A O   1 
ATOM   510  C CB  . LYS A 1 64  ? 6.292   5.748   2.974   1.00 11.97 ? 1509 LYS A CB  1 
ATOM   511  C CG  . LYS A 1 64  ? 6.398   6.073   4.450   1.00 13.48 ? 1509 LYS A CG  1 
ATOM   512  C CD  . LYS A 1 64  ? 7.827   6.391   4.843   1.00 18.09 ? 1509 LYS A CD  1 
ATOM   513  C CE  . LYS A 1 64  ? 8.016   6.853   6.266   1.00 25.49 ? 1509 LYS A CE  1 
ATOM   514  N NZ  . LYS A 1 64  ? 7.389   8.180   6.462   1.00 29.80 ? 1509 LYS A NZ  1 
ATOM   515  N N   . ILE A 1 65  ? 5.786   2.616   2.639   1.00 8.05  ? 1510 ILE A N   1 
ATOM   516  C CA  . ILE A 1 65  ? 5.370   1.340   3.187   1.00 8.20  ? 1510 ILE A CA  1 
ATOM   517  C C   . ILE A 1 65  ? 6.517   0.347   3.182   1.00 8.77  ? 1510 ILE A C   1 
ATOM   518  O O   . ILE A 1 65  ? 6.706   -0.379  4.172   1.00 8.28  ? 1510 ILE A O   1 
ATOM   519  C CB  . ILE A 1 65  ? 4.142   0.846   2.418   1.00 8.37  ? 1510 ILE A CB  1 
ATOM   520  C CG1 . ILE A 1 65  ? 2.964   1.763   2.757   1.00 9.79  ? 1510 ILE A CG1 1 
ATOM   521  C CG2 . ILE A 1 65  ? 3.838   -0.602  2.756   1.00 8.21  ? 1510 ILE A CG2 1 
ATOM   522  C CD1 . ILE A 1 65  ? 1.712   1.532   1.911   1.00 10.66 ? 1510 ILE A CD1 1 
ATOM   523  N N   . LYS A 1 66  ? 7.283   0.308   2.102   1.00 9.24  ? 1511 LYS A N   1 
ATOM   524  C CA  . LYS A 1 66  ? 8.404   -0.599  2.070   1.00 10.18 ? 1511 LYS A CA  1 
ATOM   525  C C   . LYS A 1 66  ? 9.479   -0.269  3.126   1.00 9.92  ? 1511 LYS A C   1 
ATOM   526  O O   . LYS A 1 66  ? 10.032  -1.190  3.762   1.00 9.73  ? 1511 LYS A O   1 
ATOM   527  C CB  . LYS A 1 66  ? 9.013   -0.607  0.674   1.00 11.24 ? 1511 LYS A CB  1 
ATOM   528  C CG  . LYS A 1 66  ? 8.205   -1.372  -0.360  1.00 13.35 ? 1511 LYS A CG  1 
ATOM   529  C CD  . LYS A 1 66  ? 8.907   -1.364  -1.669  1.00 17.15 ? 1511 LYS A CD  1 
ATOM   530  C CE  . LYS A 1 66  ? 8.234   -2.315  -2.627  1.00 19.46 ? 1511 LYS A CE  1 
ATOM   531  N NZ  . LYS A 1 66  ? 8.988   -2.336  -3.907  1.00 21.15 ? 1511 LYS A NZ  1 
ATOM   532  N N   . GLU A 1 67  ? 9.728   1.008   3.387   1.00 9.27  ? 1512 GLU A N   1 
ATOM   533  C CA  . GLU A 1 67  ? 10.650  1.411   4.429   1.00 9.82  ? 1512 GLU A CA  1 
ATOM   534  C C   . GLU A 1 67  ? 10.085  1.000   5.789   1.00 8.55  ? 1512 GLU A C   1 
ATOM   535  O O   . GLU A 1 67  ? 10.859  0.576   6.664   1.00 10.64 ? 1512 GLU A O   1 
ATOM   536  C CB  . GLU A 1 67  ? 10.893  2.918   4.361   1.00 12.33 ? 1512 GLU A CB  1 
ATOM   537  C CG  . GLU A 1 67  ? 11.695  3.569   5.471   1.00 18.77 ? 1512 GLU A CG  1 
ATOM   538  C CD  . GLU A 1 67  ? 12.115  4.976   5.029   1.00 28.14 ? 1512 GLU A CD  1 
ATOM   539  O OE1 . GLU A 1 67  ? 13.152  5.474   5.536   1.00 34.44 ? 1512 GLU A OE1 1 
ATOM   540  O OE2 . GLU A 1 67  ? 11.386  5.594   4.186   1.00 34.35 ? 1512 GLU A OE2 1 
ATOM   541  N N   . ARG A 1 68  ? 8.803   1.169   6.020   1.00 8.13  ? 1513 ARG A N   1 
ATOM   542  C CA  . ARG A 1 68  ? 8.159   0.787   7.294   1.00 8.18  ? 1513 ARG A CA  1 
ATOM   543  C C   . ARG A 1 68  ? 8.181   -0.727  7.523   1.00 8.00  ? 1513 ARG A C   1 
ATOM   544  O O   . ARG A 1 68  ? 8.324   -1.142  8.696   1.00 9.84  ? 1513 ARG A O   1 
ATOM   545  C CB  . ARG A 1 68  ? 6.739   1.362   7.409   1.00 8.82  ? 1513 ARG A CB  1 
ATOM   546  C CG  . ARG A 1 68  ? 6.757   2.884   7.561   1.00 9.66  ? 1513 ARG A CG  1 
ATOM   547  C CD  . ARG A 1 68  ? 5.383   3.496   7.434   1.00 10.25 ? 1513 ARG A CD  1 
ATOM   548  N NE  . ARG A 1 68  ? 5.484   4.891   7.828   1.00 11.30 ? 1513 ARG A NE  1 
ATOM   549  C CZ  . ARG A 1 68  ? 4.534   5.809   7.556   1.00 11.45 ? 1513 ARG A CZ  1 
ATOM   550  N NH1 . ARG A 1 68  ? 3.390   5.534   6.965   1.00 13.22 ? 1513 ARG A NH1 1 
ATOM   551  N NH2 . ARG A 1 68  ? 4.791   7.079   7.860   1.00 15.11 ? 1513 ARG A NH2 1 
ATOM   552  N N   . ILE A 1 69  ? 8.150   -1.564  6.480   1.00 7.99  ? 1514 ILE A N   1 
ATOM   553  C CA  . ILE A 1 69  ? 8.401   -2.983  6.635   1.00 7.56  ? 1514 ILE A CA  1 
ATOM   554  C C   . ILE A 1 69  ? 9.831   -3.197  7.049   1.00 8.02  ? 1514 ILE A C   1 
ATOM   555  O O   . ILE A 1 69  ? 10.136  -3.903  8.029   1.00 8.50  ? 1514 ILE A O   1 
ATOM   556  C CB  . ILE A 1 69  ? 8.071   -3.764  5.365   1.00 7.71  ? 1514 ILE A CB  1 
ATOM   557  C CG1 . ILE A 1 69  ? 6.578   -3.699  5.038   1.00 8.67  ? 1514 ILE A CG1 1 
ATOM   558  C CG2 . ILE A 1 69  ? 8.557   -5.202  5.461   1.00 9.09  ? 1514 ILE A CG2 1 
ATOM   559  C CD1 . ILE A 1 69  ? 6.241   -4.173  3.600   1.00 9.11  ? 1514 ILE A CD1 1 
ATOM   560  N N   . ARG A 1 70  ? 10.769  -2.583  6.313   1.00 8.20  ? 1515 ARG A N   1 
ATOM   561  C CA  . ARG A 1 70  ? 12.180  -2.853  6.581   1.00 8.54  ? 1515 ARG A CA  1 
ATOM   562  C C   . ARG A 1 70  ? 12.596  -2.445  7.987   1.00 9.30  ? 1515 ARG A C   1 
ATOM   563  O O   . ARG A 1 70  ? 13.406  -3.179  8.597   1.00 10.90 ? 1515 ARG A O   1 
ATOM   564  C CB  . ARG A 1 70  ? 13.109  -2.159  5.582   1.00 10.92 ? 1515 ARG A CB  1 
ATOM   565  C CG  . ARG A 1 70  ? 14.605  -2.284  5.924   1.00 15.17 ? 1515 ARG A CG  1 
ATOM   566  C CD  . ARG A 1 70  ? 15.392  -1.797  4.725   1.00 17.97 ? 1515 ARG A CD  1 
ATOM   567  N NE  . ARG A 1 70  ? 14.831  -0.586  4.116   1.00 22.75 ? 1515 ARG A NE  1 
ATOM   568  C CZ  . ARG A 1 70  ? 15.032  0.609   4.662   1.00 21.74 ? 1515 ARG A CZ  1 
ATOM   569  N NH1 . ARG A 1 70  ? 14.498  1.715   4.140   1.00 27.14 ? 1515 ARG A NH1 1 
ATOM   570  N NH2 . ARG A 1 70  ? 15.769  0.650   5.761   1.00 19.45 ? 1515 ARG A NH2 1 
ATOM   571  N N   . ASN A 1 71  ? 12.002  -1.391  8.506   1.00 8.38  ? 1516 ASN A N   1 
ATOM   572  C CA  . ASN A 1 71  ? 12.360  -0.827  9.800   1.00 10.10 ? 1516 ASN A CA  1 
ATOM   573  C C   . ASN A 1 71  ? 11.499  -1.455  10.870  1.00 8.68  ? 1516 ASN A C   1 
ATOM   574  O O   . ASN A 1 71  ? 11.652  -1.072  12.042  1.00 9.34  ? 1516 ASN A O   1 
ATOM   575  C CB  . ASN A 1 71  ? 12.079  0.682   9.773   1.00 12.26 ? 1516 ASN A CB  1 
ATOM   576  C CG  . ASN A 1 71  ? 13.208  1.435   9.110   1.00 16.55 ? 1516 ASN A CG  1 
ATOM   577  O OD1 . ASN A 1 71  ? 14.342  0.965   9.087   1.00 21.28 ? 1516 ASN A OD1 1 
ATOM   578  N ND2 . ASN A 1 71  ? 12.889  2.560   8.498   1.00 20.24 ? 1516 ASN A ND2 1 
ATOM   579  N N   . HIS A 1 72  ? 10.624  -2.404  10.535  1.00 8.33  ? 1517 HIS A N   1 
ATOM   580  C CA  . HIS A 1 72  ? 9.852   -3.117  11.570  1.00 7.56  ? 1517 HIS A CA  1 
ATOM   581  C C   . HIS A 1 72  ? 8.814   -2.238  12.260  1.00 7.39  ? 1517 HIS A C   1 
ATOM   582  O O   . HIS A 1 72  ? 8.400   -2.508  13.382  1.00 8.32  ? 1517 HIS A O   1 
ATOM   583  C CB  . HIS A 1 72  ? 10.682  -3.927  12.590  1.00 7.85  ? 1517 HIS A CB  1 
ATOM   584  C CG  . HIS A 1 72  ? 11.888  -4.550  11.989  1.00 8.48  ? 1517 HIS A CG  1 
ATOM   585  N ND1 . HIS A 1 72  ? 11.817  -5.673  11.170  1.00 8.46  ? 1517 HIS A ND1 1 
ATOM   586  C CD2 . HIS A 1 72  ? 13.198  -4.203  12.044  1.00 9.71  ? 1517 HIS A CD2 1 
ATOM   587  C CE1 . HIS A 1 72  ? 13.042  -6.013  10.764  1.00 9.73  ? 1517 HIS A CE1 1 
ATOM   588  N NE2 . HIS A 1 72  ? 13.886  -5.167  11.334  1.00 9.83  ? 1517 HIS A NE2 1 
ATOM   589  N N   . LYS A 1 73  ? 8.339   -1.179  11.587  1.00 7.80  ? 1518 LYS A N   1 
ATOM   590  C CA  . LYS A 1 73  ? 7.362   -0.301  12.193  1.00 8.00  ? 1518 LYS A CA  1 
ATOM   591  C C   . LYS A 1 73  ? 6.041   -1.006  12.334  1.00 8.19  ? 1518 LYS A C   1 
ATOM   592  O O   . LYS A 1 73  ? 5.307   -0.881  13.327  1.00 9.44  ? 1518 LYS A O   1 
ATOM   593  C CB  . LYS A 1 73  ? 7.180   0.964   11.363  1.00 10.51 ? 1518 LYS A CB  1 
ATOM   594  C CG  . LYS A 1 73  ? 6.354   2.006   12.098  1.00 15.07 ? 1518 LYS A CG  1 
ATOM   595  C CD  . LYS A 1 73  ? 6.108   3.282   11.349  1.00 16.38 ? 1518 LYS A CD  1 
ATOM   596  C CE  . LYS A 1 73  ? 5.268   4.249   12.174  1.00 18.69 ? 1518 LYS A CE  1 
ATOM   597  N NZ  . LYS A 1 73  ? 4.806   5.453   11.434  1.00 23.54 ? 1518 LYS A NZ  1 
ATOM   598  N N   . TYR A 1 74  ? 5.660   -1.803  11.308  1.00 7.66  ? 1519 TYR A N   1 
ATOM   599  C CA  . TYR A 1 74  ? 4.456   -2.642  11.386  1.00 7.73  ? 1519 TYR A CA  1 
ATOM   600  C C   . TYR A 1 74  ? 4.777   -3.838  12.261  1.00 7.34  ? 1519 TYR A C   1 
ATOM   601  O O   . TYR A 1 74  ? 5.841   -4.439  12.022  1.00 8.52  ? 1519 TYR A O   1 
ATOM   602  C CB  . TYR A 1 74  ? 4.012   -3.129  9.993   1.00 7.36  ? 1519 TYR A CB  1 
ATOM   603  C CG  . TYR A 1 74  ? 3.867   -2.021  8.959   1.00 7.42  ? 1519 TYR A CG  1 
ATOM   604  C CD1 . TYR A 1 74  ? 3.158   -0.866  9.266   1.00 7.69  ? 1519 TYR A CD1 1 
ATOM   605  C CD2 . TYR A 1 74  ? 4.425   -2.125  7.714   1.00 7.35  ? 1519 TYR A CD2 1 
ATOM   606  C CE1 . TYR A 1 74  ? 2.991   0.147   8.326   1.00 8.55  ? 1519 TYR A CE1 1 
ATOM   607  C CE2 . TYR A 1 74  ? 4.293   -1.152  6.741   1.00 8.32  ? 1519 TYR A CE2 1 
ATOM   608  C CZ  . TYR A 1 74  ? 3.609   0.002   7.075   1.00 7.85  ? 1519 TYR A CZ  1 
ATOM   609  O OH  . TYR A 1 74  ? 3.477   0.986   6.121   1.00 8.13  ? 1519 TYR A OH  1 
ATOM   610  N N   . ARG A 1 75  ? 3.893   -4.195  13.197  1.00 7.24  ? 1520 ARG A N   1 
ATOM   611  C CA  . ARG A 1 75  ? 4.175   -5.335  14.055  1.00 8.16  ? 1520 ARG A CA  1 
ATOM   612  C C   . ARG A 1 75  ? 3.266   -6.513  13.734  1.00 6.88  ? 1520 ARG A C   1 
ATOM   613  O O   . ARG A 1 75  ? 3.383   -7.539  14.402  1.00 7.56  ? 1520 ARG A O   1 
ATOM   614  C CB  . ARG A 1 75  ? 3.945   -4.924  15.521  1.00 8.15  ? 1520 ARG A CB  1 
ATOM   615  C CG  . ARG A 1 75  ? 4.788   -3.728  15.951  1.00 8.74  ? 1520 ARG A CG  1 
ATOM   616  C CD  . ARG A 1 75  ? 6.271   -3.762  15.608  1.00 9.97  ? 1520 ARG A CD  1 
ATOM   617  N NE  . ARG A 1 75  ? 6.918   -4.869  16.333  1.00 9.34  ? 1520 ARG A NE  1 
ATOM   618  C CZ  . ARG A 1 75  ? 8.208   -5.130  16.222  1.00 7.96  ? 1520 ARG A CZ  1 
ATOM   619  N NH1 . ARG A 1 75  ? 8.952   -4.472  15.375  1.00 8.91  ? 1520 ARG A NH1 1 
ATOM   620  N NH2 . ARG A 1 75  ? 8.750   -6.073  17.003  1.00 9.50  ? 1520 ARG A NH2 1 
ATOM   621  N N   . SER A 1 76  ? 2.437   -6.414  12.709  1.00 6.85  ? 1521 SER A N   1 
ATOM   622  C CA  . SER A 1 76  ? 1.468   -7.432  12.325  1.00 7.51  ? 1521 SER A CA  1 
ATOM   623  C C   . SER A 1 76  ? 1.028   -7.121  10.906  1.00 6.91  ? 1521 SER A C   1 
ATOM   624  O O   . SER A 1 76  ? 1.263   -6.003  10.400  1.00 7.03  ? 1521 SER A O   1 
ATOM   625  C CB  . SER A 1 76  ? 0.205   -7.380  13.207  1.00 8.22  ? 1521 SER A CB  1 
ATOM   626  O OG  . SER A 1 76  ? -0.436  -6.113  13.068  1.00 8.86  ? 1521 SER A OG  1 
ATOM   627  N N   . LEU A 1 77  ? 0.437   -8.103  10.236  1.00 7.19  ? 1522 LEU A N   1 
ATOM   628  C CA  . LEU A 1 77  ? -0.172  -7.838  8.951   1.00 6.93  ? 1522 LEU A CA  1 
ATOM   629  C C   . LEU A 1 77  ? -1.318  -6.857  9.087   1.00 6.93  ? 1522 LEU A C   1 
ATOM   630  O O   . LEU A 1 77  ? -1.523  -6.082  8.130   1.00 7.37  ? 1522 LEU A O   1 
ATOM   631  C CB  . LEU A 1 77  ? -0.648  -9.126  8.291   1.00 6.81  ? 1522 LEU A CB  1 
ATOM   632  C CG  . LEU A 1 77  ? 0.428   -10.145 7.982   1.00 7.92  ? 1522 LEU A CG  1 
ATOM   633  C CD1 . LEU A 1 77  ? -0.129  -11.348 7.239   1.00 9.15  ? 1522 LEU A CD1 1 
ATOM   634  C CD2 . LEU A 1 77  ? 1.582   -9.550  7.157   1.00 9.34  ? 1522 LEU A CD2 1 
ATOM   635  N N   . ASN A 1 78  ? -2.042  -6.851  10.202  1.00 6.53  ? 1523 ASN A N   1 
ATOM   636  C CA  . ASN A 1 78  ? -3.037  -5.813  10.418  1.00 7.24  ? 1523 ASN A CA  1 
ATOM   637  C C   . ASN A 1 78  ? -2.479  -4.414  10.349  1.00 6.82  ? 1523 ASN A C   1 
ATOM   638  O O   . ASN A 1 78  ? -3.094  -3.527  9.748   1.00 7.78  ? 1523 ASN A O   1 
ATOM   639  C CB  . ASN A 1 78  ? -3.752  -6.098  11.750  1.00 8.68  ? 1523 ASN A CB  1 
ATOM   640  C CG  . ASN A 1 78  ? -5.091  -5.347  11.835  1.00 10.42 ? 1523 ASN A CG  1 
ATOM   641  O OD1 . ASN A 1 78  ? -5.974  -5.521  11.015  1.00 11.00 ? 1523 ASN A OD1 1 
ATOM   642  N ND2 . ASN A 1 78  ? -5.226  -4.482  12.811  1.00 12.50 ? 1523 ASN A ND2 1 
ATOM   643  N N   . ASP A 1 79  ? -1.291  -4.210  10.910  1.00 7.34  ? 1524 ASP A N   1 
ATOM   644  C CA  . ASP A 1 79  ? -0.696  -2.897  10.844  1.00 7.21  ? 1524 ASP A CA  1 
ATOM   645  C C   . ASP A 1 79  ? -0.307  -2.502  9.421   1.00 6.88  ? 1524 ASP A C   1 
ATOM   646  O O   . ASP A 1 79  ? -0.497  -1.364  9.007   1.00 8.23  ? 1524 ASP A O   1 
ATOM   647  C CB  . ASP A 1 79  ? 0.585   -2.850  11.683  1.00 8.43  ? 1524 ASP A CB  1 
ATOM   648  C CG  . ASP A 1 79  ? 0.442   -2.836  13.190  1.00 8.71  ? 1524 ASP A CG  1 
ATOM   649  O OD1 . ASP A 1 79  ? -0.690  -2.573  13.682  1.00 10.12 ? 1524 ASP A OD1 1 
ATOM   650  O OD2 . ASP A 1 79  ? 1.419   -3.157  13.903  1.00 10.08 ? 1524 ASP A OD2 1 
ATOM   651  N N   . LEU A 1 80  ? 0.246   -3.462  8.668   1.00 7.19  ? 1525 LEU A N   1 
ATOM   652  C CA  . LEU A 1 80  ? 0.512   -3.218  7.256   1.00 7.12  ? 1525 LEU A CA  1 
ATOM   653  C C   . LEU A 1 80  ? -0.767  -2.898  6.482   1.00 6.88  ? 1525 LEU A C   1 
ATOM   654  O O   . LEU A 1 80  ? -0.807  -1.904  5.721   1.00 7.47  ? 1525 LEU A O   1 
ATOM   655  C CB  . LEU A 1 80  ? 1.196   -4.454  6.675   1.00 7.21  ? 1525 LEU A CB  1 
ATOM   656  C CG  . LEU A 1 80  ? 1.332   -4.425  5.133   1.00 7.00  ? 1525 LEU A CG  1 
ATOM   657  C CD1 . LEU A 1 80  ? 2.213   -3.293  4.616   1.00 7.83  ? 1525 LEU A CD1 1 
ATOM   658  C CD2 . LEU A 1 80  ? 1.894   -5.741  4.621   1.00 7.61  ? 1525 LEU A CD2 1 
ATOM   659  N N   . GLU A 1 81  ? -1.781  -3.680  6.693   1.00 7.00  ? 1526 GLU A N   1 
ATOM   660  C CA  . GLU A 1 81  ? -3.046  -3.463  6.001   1.00 7.76  ? 1526 GLU A CA  1 
ATOM   661  C C   . GLU A 1 81  ? -3.591  -2.094  6.310   1.00 7.28  ? 1526 GLU A C   1 
ATOM   662  O O   . GLU A 1 81  ? -4.090  -1.429  5.362   1.00 8.12  ? 1526 GLU A O   1 
ATOM   663  C CB  . GLU A 1 81  ? -4.028  -4.559  6.399   1.00 7.58  ? 1526 GLU A CB  1 
ATOM   664  C CG  . GLU A 1 81  ? -5.377  -4.330  5.725   1.00 9.38  ? 1526 GLU A CG  1 
ATOM   665  C CD  . GLU A 1 81  ? -6.276  -5.543  5.740   1.00 11.45 ? 1526 GLU A CD  1 
ATOM   666  O OE1 . GLU A 1 81  ? -7.509  -5.382  5.471   1.00 14.59 ? 1526 GLU A OE1 1 
ATOM   667  O OE2 . GLU A 1 81  ? -5.856  -6.674  5.974   1.00 12.09 ? 1526 GLU A OE2 1 
ATOM   668  N N   . LYS A 1 82  ? -3.522  -1.667  7.576   1.00 7.45  ? 1527 LYS A N   1 
ATOM   669  C CA  . LYS A 1 82  ? -4.009  -0.321  7.899   1.00 7.62  ? 1527 LYS A CA  1 
ATOM   670  C C   . LYS A 1 82  ? -3.321  0.757   7.092   1.00 8.13  ? 1527 LYS A C   1 
ATOM   671  O O   . LYS A 1 82  ? -4.004  1.729   6.645   1.00 8.22  ? 1527 LYS A O   1 
ATOM   672  C CB  . LYS A 1 82  ? -3.871  -0.102  9.400   1.00 9.39  ? 1527 LYS A CB  1 
ATOM   673  C CG  . LYS A 1 82  ? -4.907  -0.832  10.235  1.00 13.40 ? 1527 LYS A CG  1 
ATOM   674  C CD  . LYS A 1 82  ? -4.461  -0.802  11.678  1.00 16.03 ? 1527 LYS A CD  1 
ATOM   675  C CE  . LYS A 1 82  ? -4.763  0.561   12.238  1.00 16.20 ? 1527 LYS A CE  1 
ATOM   676  N NZ  . LYS A 1 82  ? -4.357  0.630   13.666  1.00 17.38 ? 1527 LYS A NZ  1 
ATOM   677  N N   . ASP A 1 83  ? -2.019  0.653   6.895   1.00 7.99  ? 1528 ASP A N   1 
ATOM   678  C CA  . ASP A 1 83  ? -1.296  1.652   6.142   1.00 8.65  ? 1528 ASP A CA  1 
ATOM   679  C C   . ASP A 1 83  ? -1.623  1.597   4.663   1.00 7.71  ? 1528 ASP A C   1 
ATOM   680  O O   . ASP A 1 83  ? -1.715  2.645   3.998   1.00 7.82  ? 1528 ASP A O   1 
ATOM   681  C CB  . ASP A 1 83  ? 0.229   1.612   6.351   1.00 9.40  ? 1528 ASP A CB  1 
ATOM   682  C CG  . ASP A 1 83  ? 0.826   2.855   6.973   1.00 10.13 ? 1528 ASP A CG  1 
ATOM   683  O OD1 . ASP A 1 83  ? 0.041   3.785   7.431   1.00 12.12 ? 1528 ASP A OD1 1 
ATOM   684  O OD2 . ASP A 1 83  ? 2.044   3.025   6.904   1.00 11.18 ? 1528 ASP A OD2 1 
ATOM   685  N N   . VAL A 1 84  ? -1.758  0.403   4.067   1.00 7.27  ? 1529 VAL A N   1 
ATOM   686  C CA  . VAL A 1 84  ? -2.167  0.333   2.650   1.00 7.27  ? 1529 VAL A CA  1 
ATOM   687  C C   . VAL A 1 84  ? -3.567  0.943   2.512   1.00 7.54  ? 1529 VAL A C   1 
ATOM   688  O O   . VAL A 1 84  ? -3.849  1.677   1.557   1.00 8.25  ? 1529 VAL A O   1 
ATOM   689  C CB  . VAL A 1 84  ? -2.086  -1.107  2.122   1.00 7.96  ? 1529 VAL A CB  1 
ATOM   690  C CG1 . VAL A 1 84  ? -2.724  -1.189  0.757   1.00 9.04  ? 1529 VAL A CG1 1 
ATOM   691  C CG2 . VAL A 1 84  ? -0.647  -1.626  2.121   1.00 8.80  ? 1529 VAL A CG2 1 
ATOM   692  N N   . MET A 1 85  ? -4.455  0.622   3.416   1.00 8.23  ? 1530 MET A N   1 
ATOM   693  C CA  . MET A 1 85  ? -5.814  1.131   3.296   1.00 9.41  ? 1530 MET A CA  1 
ATOM   694  C C   . MET A 1 85  ? -5.814  2.622   3.572   1.00 9.17  ? 1530 MET A C   1 
ATOM   695  O O   . MET A 1 85  ? -6.669  3.328   2.951   1.00 10.64 ? 1530 MET A O   1 
ATOM   696  C CB  . MET A 1 85  ? -6.736  0.408   4.289   1.00 10.54 ? 1530 MET A CB  1 
ATOM   697  C CG  . MET A 1 85  ? -6.920  -1.076  4.012   1.00 11.68 ? 1530 MET A CG  1 
ATOM   698  S SD  . MET A 1 85  ? -7.525  -1.471  2.397   1.00 12.28 ? 1530 MET A SD  1 
ATOM   699  C CE  . MET A 1 85  ? -7.251  -3.244  2.345   1.00 12.73 ? 1530 MET A CE  1 
ATOM   700  N N   . LEU A 1 86  ? -4.931  3.145   4.408   1.00 8.75  ? 1531 LEU A N   1 
ATOM   701  C CA  . LEU A 1 86  ? -4.781  4.582   4.558   1.00 8.38  ? 1531 LEU A CA  1 
ATOM   702  C C   . LEU A 1 86  ? -4.279  5.246   3.261   1.00 7.61  ? 1531 LEU A C   1 
ATOM   703  O O   . LEU A 1 86  ? -4.780  6.335   2.895   1.00 9.04  ? 1531 LEU A O   1 
ATOM   704  C CB  . LEU A 1 86  ? -3.872  4.822   5.761   1.00 9.05  ? 1531 LEU A CB  1 
ATOM   705  C CG  . LEU A 1 86  ? -3.546  6.291   5.970   1.00 10.50 ? 1531 LEU A CG  1 
ATOM   706  C CD1 . LEU A 1 86  ? -4.777  7.130   6.326   1.00 12.43 ? 1531 LEU A CD1 1 
ATOM   707  C CD2 . LEU A 1 86  ? -2.610  6.391   7.149   1.00 13.15 ? 1531 LEU A CD2 1 
ATOM   708  N N   . LEU A 1 87  ? -3.273  4.678   2.614   1.00 7.68  ? 1532 LEU A N   1 
ATOM   709  C CA  . LEU A 1 87  ? -2.841  5.197   1.313   1.00 8.04  ? 1532 LEU A CA  1 
ATOM   710  C C   . LEU A 1 87  ? -4.063  5.350   0.380   1.00 7.32  ? 1532 LEU A C   1 
ATOM   711  O O   . LEU A 1 87  ? -4.264  6.416   -0.252  1.00 7.81  ? 1532 LEU A O   1 
ATOM   712  C CB  . LEU A 1 87  ? -1.801  4.243   0.720   1.00 7.95  ? 1532 LEU A CB  1 
ATOM   713  C CG  . LEU A 1 87  ? -1.120  4.656   -0.576  1.00 8.24  ? 1532 LEU A CG  1 
ATOM   714  C CD1 . LEU A 1 87  ? 0.156   3.847   -0.783  1.00 10.47 ? 1532 LEU A CD1 1 
ATOM   715  C CD2 . LEU A 1 87  ? -2.008  4.450   -1.807  1.00 9.98  ? 1532 LEU A CD2 1 
ATOM   716  N N   . CYS A 1 88  ? -4.875  4.319   0.317   1.00 7.87  ? 1533 CYS A N   1 
ATOM   717  C CA  . CYS A 1 88  ? -6.021  4.329   -0.587  1.00 8.31  ? 1533 CYS A CA  1 
ATOM   718  C C   . CYS A 1 88  ? -7.066  5.341   -0.110  1.00 9.10  ? 1533 CYS A C   1 
ATOM   719  O O   . CYS A 1 88  ? -7.638  6.079   -0.943  1.00 9.41  ? 1533 CYS A O   1 
ATOM   720  C CB  . CYS A 1 88  ? -6.579  2.917   -0.719  1.00 9.25  ? 1533 CYS A CB  1 
ATOM   721  S SG  . CYS A 1 88  ? -5.459  1.756   -1.515  1.00 9.89  ? 1533 CYS A SG  1 
ATOM   722  N N   . GLN A 1 89  ? -7.376  5.379   1.198   1.00 10.00 ? 1534 GLN A N   1 
ATOM   723  C CA  . GLN A 1 89  ? -8.265  6.419   1.709   1.00 10.68 ? 1534 GLN A CA  1 
ATOM   724  C C   . GLN A 1 89  ? -7.796  7.827   1.353   1.00 9.79  ? 1534 GLN A C   1 
ATOM   725  O O   . GLN A 1 89  ? -8.656  8.664   0.961   1.00 10.97 ? 1534 GLN A O   1 
ATOM   726  C CB  . GLN A 1 89  ? -8.399  6.248   3.232   1.00 11.91 ? 1534 GLN A CB  1 
ATOM   727  C CG  . GLN A 1 89  ? -9.287  7.334   3.854   1.00 15.76 ? 1534 GLN A CG  1 
ATOM   728  C CD  . GLN A 1 89  ? -9.000  7.487   5.336   1.00 19.93 ? 1534 GLN A CD  1 
ATOM   729  O OE1 . GLN A 1 89  ? -9.252  6.581   6.130   1.00 24.91 ? 1534 GLN A OE1 1 
ATOM   730  N NE2 . GLN A 1 89  ? -8.362  8.589   5.717   1.00 20.13 ? 1534 GLN A NE2 1 
ATOM   731  N N   . ASN A 1 90  ? -6.518  8.094   1.441   1.00 9.23  ? 1535 ASN A N   1 
ATOM   732  C CA  . ASN A 1 90  ? -5.967  9.395   1.163   1.00 10.03 ? 1535 ASN A CA  1 
ATOM   733  C C   . ASN A 1 90  ? -6.202  9.740   -0.311  1.00 9.01  ? 1535 ASN A C   1 
ATOM   734  O O   . ASN A 1 90  ? -6.588  10.891  -0.660  1.00 9.94  ? 1535 ASN A O   1 
ATOM   735  C CB  . ASN A 1 90  ? -4.459  9.473   1.435   1.00 9.97  ? 1535 ASN A CB  1 
ATOM   736  C CG  . ASN A 1 90  ? -4.115  9.442   2.920   1.00 10.20 ? 1535 ASN A CG  1 
ATOM   737  O OD1 . ASN A 1 90  ? -4.974  9.686   3.800   1.00 10.83 ? 1535 ASN A OD1 1 
ATOM   738  N ND2 . ASN A 1 90  ? -2.858  9.130   3.201   1.00 10.75 ? 1535 ASN A ND2 1 
ATOM   739  N N   . ALA A 1 91  ? -5.966  8.771   -1.210  1.00 8.86  ? 1536 ALA A N   1 
ATOM   740  C CA  . ALA A 1 91  ? -6.243  8.959   -2.635  1.00 8.85  ? 1536 ALA A CA  1 
ATOM   741  C C   . ALA A 1 91  ? -7.702  9.342   -2.817  1.00 9.23  ? 1536 ALA A C   1 
ATOM   742  O O   . ALA A 1 91  ? -8.015  10.162  -3.687  1.00 10.26 ? 1536 ALA A O   1 
ATOM   743  C CB  . ALA A 1 91  ? -5.845  7.719   -3.413  1.00 8.84  ? 1536 ALA A CB  1 
ATOM   744  N N   . GLN A 1 92  ? -8.566  8.630   -2.149  1.00 9.46  ? 1537 GLN A N   1 
ATOM   745  C CA  . GLN A 1 92  ? -10.022 8.843   -2.251  1.00 12.00 ? 1537 GLN A CA  1 
ATOM   746  C C   . GLN A 1 92  ? -10.417 10.223  -1.695  1.00 11.48 ? 1537 GLN A C   1 
ATOM   747  O O   . GLN A 1 92  ? -11.332 10.910  -2.187  1.00 13.16 ? 1537 GLN A O   1 
ATOM   748  C CB  . GLN A 1 92  ? -10.837 7.717   -1.611  1.00 11.44 ? 1537 GLN A CB  1 
ATOM   749  C CG  . GLN A 1 92  ? -10.608 6.441   -2.393  1.00 12.16 ? 1537 GLN A CG  1 
ATOM   750  C CD  . GLN A 1 92  ? -10.842 5.160   -1.640  1.00 11.27 ? 1537 GLN A CD  1 
ATOM   751  O OE1 . GLN A 1 92  ? -10.133 4.165   -1.848  1.00 13.09 ? 1537 GLN A OE1 1 
ATOM   752  N NE2 . GLN A 1 92  ? -11.788 5.160   -0.711  1.00 14.70 ? 1537 GLN A NE2 1 
ATOM   753  N N   . THR A 1 93  ? -9.731  10.699  -0.678  1.00 11.42 ? 1538 THR A N   1 
ATOM   754  C CA  . THR A 1 93  ? -10.005 12.034  -0.123  1.00 13.07 ? 1538 THR A CA  1 
ATOM   755  C C   . THR A 1 93  ? -9.604  13.127  -1.106  1.00 12.31 ? 1538 THR A C   1 
ATOM   756  O O   . THR A 1 93  ? -10.304 14.141  -1.239  1.00 14.91 ? 1538 THR A O   1 
ATOM   757  C CB  . THR A 1 93  ? -9.284  12.218  1.228   1.00 12.68 ? 1538 THR A CB  1 
ATOM   758  O OG1 . THR A 1 93  ? -9.711  11.187  2.132   1.00 14.85 ? 1538 THR A OG1 1 
ATOM   759  C CG2 . THR A 1 93  ? -9.576  13.580  1.838   1.00 15.08 ? 1538 THR A CG2 1 
ATOM   760  N N   . PHE A 1 94  ? -8.452  12.983  -1.748  1.00 12.58 ? 1539 PHE A N   1 
ATOM   761  C CA  . PHE A 1 94  ? -7.869  14.064  -2.522  1.00 13.08 ? 1539 PHE A CA  1 
ATOM   762  C C   . PHE A 1 94  ? -8.448  14.131  -3.930  1.00 12.04 ? 1539 PHE A C   1 
ATOM   763  O O   . PHE A 1 94  ? -8.573  15.245  -4.471  1.00 12.98 ? 1539 PHE A O   1 
ATOM   764  C CB  . PHE A 1 94  ? -6.349  13.922  -2.606  1.00 13.77 ? 1539 PHE A CB  1 
ATOM   765  C CG  . PHE A 1 94  ? -5.660  15.063  -3.288  1.00 14.46 ? 1539 PHE A CG  1 
ATOM   766  C CD1 . PHE A 1 94  ? -5.531  16.302  -2.670  1.00 14.34 ? 1539 PHE A CD1 1 
ATOM   767  C CD2 . PHE A 1 94  ? -5.116  14.880  -4.538  1.00 15.78 ? 1539 PHE A CD2 1 
ATOM   768  C CE1 . PHE A 1 94  ? -4.906  17.355  -3.321  1.00 17.74 ? 1539 PHE A CE1 1 
ATOM   769  C CE2 . PHE A 1 94  ? -4.498  15.931  -5.183  1.00 15.93 ? 1539 PHE A CE2 1 
ATOM   770  C CZ  . PHE A 1 94  ? -4.403  17.168  -4.580  1.00 17.24 ? 1539 PHE A CZ  1 
ATOM   771  N N   . ASN A 1 95  ? -8.778  12.994  -4.510  1.00 11.88 ? 1540 ASN A N   1 
ATOM   772  C CA  . ASN A 1 95  ? -9.251  12.894  -5.877  1.00 11.38 ? 1540 ASN A CA  1 
ATOM   773  C C   . ASN A 1 95  ? -10.745 12.706  -5.931  1.00 12.27 ? 1540 ASN A C   1 
ATOM   774  O O   . ASN A 1 95  ? -11.366 12.247  -5.022  1.00 14.80 ? 1540 ASN A O   1 
ATOM   775  C CB  . ASN A 1 95  ? -8.560  11.679  -6.496  1.00 11.38 ? 1540 ASN A CB  1 
ATOM   776  C CG  . ASN A 1 95  ? -7.092  11.887  -6.659  1.00 11.90 ? 1540 ASN A CG  1 
ATOM   777  O OD1 . ASN A 1 95  ? -6.611  12.593  -7.530  1.00 12.02 ? 1540 ASN A OD1 1 
ATOM   778  N ND2 . ASN A 1 95  ? -6.371  11.347  -5.669  1.00 10.24 ? 1540 ASN A ND2 1 
ATOM   779  N N   . LEU A 1 96  ? -11.320 13.009  -7.097  1.00 13.49 ? 1541 LEU A N   1 
ATOM   780  C CA  . LEU A 1 96  ? -12.775 12.944  -7.262  1.00 16.34 ? 1541 LEU A CA  1 
ATOM   781  C C   . LEU A 1 96  ? -13.244 11.502  -7.474  1.00 14.24 ? 1541 LEU A C   1 
ATOM   782  O O   . LEU A 1 96  ? -12.558 10.685  -8.112  1.00 12.68 ? 1541 LEU A O   1 
ATOM   783  C CB  . LEU A 1 96  ? -13.219 13.834  -8.433  1.00 18.47 ? 1541 LEU A CB  1 
ATOM   784  C CG  . LEU A 1 96  ? -12.963 15.342  -8.296  1.00 21.16 ? 1541 LEU A CG  1 
ATOM   785  C CD1 . LEU A 1 96  ? -13.317 16.084  -9.592  1.00 21.84 ? 1541 LEU A CD1 1 
ATOM   786  C CD2 . LEU A 1 96  ? -13.758 15.925  -7.118  1.00 22.90 ? 1541 LEU A CD2 1 
ATOM   787  N N   . GLU A 1 97  ? -14.410 11.157  -6.937  1.00 15.23 ? 1542 GLU A N   1 
ATOM   788  C CA  . GLU A 1 97  ? -15.016 9.875   -7.225  1.00 15.41 ? 1542 GLU A CA  1 
ATOM   789  C C   . GLU A 1 97  ? -15.105 9.755   -8.744  1.00 15.34 ? 1542 GLU A C   1 
ATOM   790  O O   . GLU A 1 97  ? -15.347 10.740  -9.447  1.00 15.32 ? 1542 GLU A O   1 
ATOM   791  C CB  . GLU A 1 97  ? -16.437 9.806   -6.670  1.00 17.85 ? 1542 GLU A CB  1 
ATOM   792  C CG  . GLU A 1 97  ? -16.540 9.875   -5.145  1.00 20.70 ? 1542 GLU A CG  1 
ATOM   793  C CD  . GLU A 1 97  ? -17.902 10.242  -4.577  1.00 23.51 ? 1542 GLU A CD  1 
ATOM   794  O OE1 . GLU A 1 97  ? -18.083 10.004  -3.372  1.00 26.44 ? 1542 GLU A OE1 1 
ATOM   795  O OE2 . GLU A 1 97  ? -18.757 10.787  -5.330  1.00 27.74 ? 1542 GLU A OE2 1 
ATOM   796  N N   . GLY A 1 98  ? -14.811 8.567   -9.246  1.00 13.83 ? 1543 GLY A N   1 
ATOM   797  C CA  . GLY A 1 98  ? -14.867 8.409   -10.702 1.00 12.94 ? 1543 GLY A CA  1 
ATOM   798  C C   . GLY A 1 98  ? -13.562 8.635   -11.454 1.00 11.48 ? 1543 GLY A C   1 
ATOM   799  O O   . GLY A 1 98  ? -13.430 8.217   -12.612 1.00 11.35 ? 1543 GLY A O   1 
ATOM   800  N N   . SER A 1 99  ? -12.633 9.308   -10.791 1.00 10.94 ? 1544 SER A N   1 
ATOM   801  C CA  . SER A 1 99  ? -11.354 9.564   -11.376 1.00 10.34 ? 1544 SER A CA  1 
ATOM   802  C C   . SER A 1 99  ? -10.528 8.292   -11.441 1.00 9.13  ? 1544 SER A C   1 
ATOM   803  O O   . SER A 1 99  ? -10.705 7.326   -10.706 1.00 9.32  ? 1544 SER A O   1 
ATOM   804  C CB  . SER A 1 99  ? -10.611 10.666  -10.674 1.00 10.00 ? 1544 SER A CB  1 
ATOM   805  O OG  . SER A 1 99  ? -10.181 10.323  -9.343  1.00 10.45 ? 1544 SER A OG  1 
ATOM   806  N N   . LEU A 1 100 ? -9.526  8.323   -12.291 1.00 8.88  ? 1545 LEU A N   1 
ATOM   807  C CA  . LEU A 1 100 ? -8.635  7.187   -12.433 1.00 8.76  ? 1545 LEU A CA  1 
ATOM   808  C C   . LEU A 1 100 ? -7.954  6.876   -11.110 1.00 8.65  ? 1545 LEU A C   1 
ATOM   809  O O   . LEU A 1 100 ? -7.923  5.726   -10.664 1.00 8.71  ? 1545 LEU A O   1 
ATOM   810  C CB  . LEU A 1 100 ? -7.573  7.498   -13.485 1.00 10.63 ? 1545 LEU A CB  1 
ATOM   811  C CG  . LEU A 1 100 ? -6.528  6.370   -13.717 1.00 11.51 ? 1545 LEU A CG  1 
ATOM   812  C CD1 . LEU A 1 100 ? -6.153  6.149   -15.180 1.00 14.66 ? 1545 LEU A CD1 1 
ATOM   813  C CD2 . LEU A 1 100 ? -5.250  6.601   -12.915 1.00 13.12 ? 1545 LEU A CD2 1 
ATOM   814  N N   . ILE A 1 101 ? -7.410  7.904   -10.453 1.00 7.68  ? 1546 ILE A N   1 
ATOM   815  C CA  . ILE A 1 101 ? -6.664  7.675   -9.213  1.00 9.36  ? 1546 ILE A CA  1 
ATOM   816  C C   . ILE A 1 101 ? -7.562  7.192   -8.094  1.00 9.23  ? 1546 ILE A C   1 
ATOM   817  O O   . ILE A 1 101 ? -7.221  6.227   -7.393  1.00 9.18  ? 1546 ILE A O   1 
ATOM   818  C CB  . ILE A 1 101 ? -5.861  8.927   -8.811  1.00 9.55  ? 1546 ILE A CB  1 
ATOM   819  C CG1 . ILE A 1 101 ? -4.829  9.150   -9.894  1.00 10.86 ? 1546 ILE A CG1 1 
ATOM   820  C CG2 . ILE A 1 101 ? -5.176  8.740   -7.466  1.00 10.09 ? 1546 ILE A CG2 1 
ATOM   821  C CD1 . ILE A 1 101 ? -3.936  10.345  -9.726  1.00 14.91 ? 1546 ILE A CD1 1 
ATOM   822  N N   . TYR A 1 102 ? -8.723  7.802   -7.917  1.00 9.23  ? 1547 TYR A N   1 
ATOM   823  C CA  . TYR A 1 102 ? -9.653  7.325   -6.932  1.00 10.00 ? 1547 TYR A CA  1 
ATOM   824  C C   . TYR A 1 102 ? -10.026 5.874   -7.140  1.00 9.50  ? 1547 TYR A C   1 
ATOM   825  O O   . TYR A 1 102 ? -9.980  5.023   -6.230  1.00 9.87  ? 1547 TYR A O   1 
ATOM   826  C CB  . TYR A 1 102 ? -10.861 8.263   -6.960  1.00 11.79 ? 1547 TYR A CB  1 
ATOM   827  C CG  . TYR A 1 102 ? -11.940 7.944   -5.964  1.00 12.36 ? 1547 TYR A CG  1 
ATOM   828  C CD1 . TYR A 1 102 ? -12.705 6.806   -6.042  1.00 13.61 ? 1547 TYR A CD1 1 
ATOM   829  C CD2 . TYR A 1 102 ? -12.249 8.872   -4.982  1.00 12.12 ? 1547 TYR A CD2 1 
ATOM   830  C CE1 . TYR A 1 102 ? -13.717 6.554   -5.121  1.00 17.56 ? 1547 TYR A CE1 1 
ATOM   831  C CE2 . TYR A 1 102 ? -13.231 8.628   -4.033  1.00 13.45 ? 1547 TYR A CE2 1 
ATOM   832  C CZ  . TYR A 1 102 ? -13.967 7.464   -4.102  1.00 14.68 ? 1547 TYR A CZ  1 
ATOM   833  O OH  . TYR A 1 102 ? -14.968 7.191   -3.198  1.00 19.96 ? 1547 TYR A OH  1 
ATOM   834  N N   . GLU A 1 103 ? -10.480 5.551   -8.382  1.00 9.68  ? 1548 GLU A N   1 
ATOM   835  C CA  . GLU A 1 103 ? -10.975 4.200   -8.611  1.00 10.08 ? 1548 GLU A CA  1 
ATOM   836  C C   . GLU A 1 103 ? -9.879  3.130   -8.573  1.00 9.97  ? 1548 GLU A C   1 
ATOM   837  O O   . GLU A 1 103 ? -10.097 2.008   -8.181  1.00 9.66  ? 1548 GLU A O   1 
ATOM   838  C CB  . GLU A 1 103 ? -11.787 4.120   -9.909  1.00 10.51 ? 1548 GLU A CB  1 
ATOM   839  C CG  . GLU A 1 103 ? -12.975 5.080   -9.978  1.00 12.84 ? 1548 GLU A CG  1 
ATOM   840  C CD  . GLU A 1 103 ? -14.033 4.827   -8.915  1.00 14.94 ? 1548 GLU A CD  1 
ATOM   841  O OE1 . GLU A 1 103 ? -14.130 3.675   -8.409  1.00 17.77 ? 1548 GLU A OE1 1 
ATOM   842  O OE2 . GLU A 1 103 ? -14.752 5.784   -8.565  1.00 15.97 ? 1548 GLU A OE2 1 
ATOM   843  N N   . ASP A 1 104 ? -8.692  3.481   -9.051  1.00 8.72  ? 1549 ASP A N   1 
ATOM   844  C CA  . ASP A 1 104 ? -7.544  2.561   -8.942  1.00 7.98  ? 1549 ASP A CA  1 
ATOM   845  C C   . ASP A 1 104 ? -7.228  2.208   -7.480  1.00 7.86  ? 1549 ASP A C   1 
ATOM   846  O O   . ASP A 1 104 ? -6.907  1.060   -7.165  1.00 7.61  ? 1549 ASP A O   1 
ATOM   847  C CB  . ASP A 1 104 ? -6.279  3.102   -9.621  1.00 8.88  ? 1549 ASP A CB  1 
ATOM   848  C CG  . ASP A 1 104 ? -6.323  3.051   -11.138 1.00 9.18  ? 1549 ASP A CG  1 
ATOM   849  O OD1 . ASP A 1 104 ? -7.229  2.426   -11.727 1.00 10.54 ? 1549 ASP A OD1 1 
ATOM   850  O OD2 . ASP A 1 104 ? -5.422  3.644   -11.690 1.00 10.07 ? 1549 ASP A OD2 1 
ATOM   851  N N   . SER A 1 105 ? -7.361  3.210   -6.579  1.00 7.64  ? 1550 SER A N   1 
ATOM   852  C CA  . SER A 1 105 ? -7.146  2.957   -5.153  1.00 7.90  ? 1550 SER A CA  1 
ATOM   853  C C   . SER A 1 105 ? -8.165  1.962   -4.609  1.00 8.14  ? 1550 SER A C   1 
ATOM   854  O O   . SER A 1 105 ? -7.820  1.154   -3.739  1.00 9.16  ? 1550 SER A O   1 
ATOM   855  C CB  . SER A 1 105 ? -7.080  4.262   -4.401  1.00 8.62  ? 1550 SER A CB  1 
ATOM   856  O OG  . SER A 1 105 ? -8.325  4.797   -4.046  1.00 8.74  ? 1550 SER A OG  1 
ATOM   857  N N   . ILE A 1 106 ? -9.413  2.021   -5.110  1.00 9.03  ? 1551 ILE A N   1 
ATOM   858  C CA  . ILE A 1 106 ? -10.400 1.087   -4.630  1.00 10.19 ? 1551 ILE A CA  1 
ATOM   859  C C   . ILE A 1 106 ? -10.046 -0.331  -5.072  1.00 9.08  ? 1551 ILE A C   1 
ATOM   860  O O   . ILE A 1 106 ? -10.139 -1.273  -4.293  1.00 9.40  ? 1551 ILE A O   1 
ATOM   861  C CB  . ILE A 1 106 ? -11.783 1.501   -5.165  1.00 11.57 ? 1551 ILE A CB  1 
ATOM   862  C CG1 . ILE A 1 106 ? -12.237 2.823   -4.517  1.00 13.03 ? 1551 ILE A CG1 1 
ATOM   863  C CG2 . ILE A 1 106 ? -12.808 0.401   -4.984  1.00 14.11 ? 1551 ILE A CG2 1 
ATOM   864  C CD1 . ILE A 1 106 ? -12.890 2.705   -3.178  1.00 17.38 ? 1551 ILE A CD1 1 
ATOM   865  N N   . VAL A 1 107 ? -9.612  -0.467  -6.328  1.00 9.31  ? 1552 VAL A N   1 
ATOM   866  C CA  . VAL A 1 107 ? -9.194  -1.757  -6.816  1.00 8.78  ? 1552 VAL A CA  1 
ATOM   867  C C   . VAL A 1 107 ? -8.028  -2.302  -5.997  1.00 8.36  ? 1552 VAL A C   1 
ATOM   868  O O   . VAL A 1 107 ? -8.021  -3.485  -5.666  1.00 8.29  ? 1552 VAL A O   1 
ATOM   869  C CB  . VAL A 1 107 ? -8.876  -1.709  -8.323  1.00 9.86  ? 1552 VAL A CB  1 
ATOM   870  C CG1 . VAL A 1 107 ? -8.378  -3.073  -8.784  1.00 11.34 ? 1552 VAL A CG1 1 
ATOM   871  C CG2 . VAL A 1 107 ? -10.147 -1.343  -9.114  1.00 12.57 ? 1552 VAL A CG2 1 
ATOM   872  N N   . LEU A 1 108 ? -7.017  -1.440  -5.727  1.00 7.87  ? 1553 LEU A N   1 
ATOM   873  C CA  . LEU A 1 108 ? -5.879  -1.928  -4.947  1.00 6.73  ? 1553 LEU A CA  1 
ATOM   874  C C   . LEU A 1 108 ? -6.254  -2.358  -3.533  1.00 7.35  ? 1553 LEU A C   1 
ATOM   875  O O   . LEU A 1 108 ? -5.608  -3.264  -2.964  1.00 8.06  ? 1553 LEU A O   1 
ATOM   876  C CB  . LEU A 1 108 ? -4.774  -0.878  -4.955  1.00 8.34  ? 1553 LEU A CB  1 
ATOM   877  C CG  . LEU A 1 108 ? -4.074  -0.704  -6.295  1.00 8.13  ? 1553 LEU A CG  1 
ATOM   878  C CD1 . LEU A 1 108 ? -3.054  0.420   -6.215  1.00 11.71 ? 1553 LEU A CD1 1 
ATOM   879  C CD2 . LEU A 1 108 ? -3.390  -1.993  -6.771  1.00 10.77 ? 1553 LEU A CD2 1 
ATOM   880  N N   . GLN A 1 109 ? -7.344  -1.813  -2.971  1.00 7.70  ? 1554 GLN A N   1 
ATOM   881  C CA  . GLN A 1 109 ? -7.824  -2.314  -1.670  1.00 8.78  ? 1554 GLN A CA  1 
ATOM   882  C C   . GLN A 1 109 ? -8.227  -3.783  -1.776  1.00 8.86  ? 1554 GLN A C   1 
ATOM   883  O O   . GLN A 1 109 ? -7.865  -4.641  -0.952  1.00 9.34  ? 1554 GLN A O   1 
ATOM   884  C CB  . GLN A 1 109 ? -9.064  -1.581  -1.148  1.00 10.14 ? 1554 GLN A CB  1 
ATOM   885  C CG  . GLN A 1 109 ? -8.782  -0.150  -0.819  1.00 13.40 ? 1554 GLN A CG  1 
ATOM   886  C CD  . GLN A 1 109 ? -10.055 0.656   -0.614  1.00 17.82 ? 1554 GLN A CD  1 
ATOM   887  O OE1 . GLN A 1 109 ? -11.197 0.220   -0.778  1.00 23.53 ? 1554 GLN A OE1 1 
ATOM   888  N NE2 . GLN A 1 109 ? -9.876  1.903   -0.341  1.00 17.15 ? 1554 GLN A NE2 1 
ATOM   889  N N   A SER A 1 110 ? -8.943  -4.101  -2.849  0.50 9.19  ? 1555 SER A N   1 
ATOM   890  N N   B SER A 1 110 ? -8.972  -4.053  -2.835  0.50 8.97  ? 1555 SER A N   1 
ATOM   891  C CA  A SER A 1 110 ? -9.370  -5.471  -3.105  0.50 9.95  ? 1555 SER A CA  1 
ATOM   892  C CA  B SER A 1 110 ? -9.385  -5.414  -3.127  0.50 9.72  ? 1555 SER A CA  1 
ATOM   893  C C   A SER A 1 110 ? -8.210  -6.406  -3.469  0.50 8.45  ? 1555 SER A C   1 
ATOM   894  C C   B SER A 1 110 ? -8.186  -6.333  -3.391  0.50 8.30  ? 1555 SER A C   1 
ATOM   895  O O   A SER A 1 110 ? -8.205  -7.598  -3.134  0.50 9.07  ? 1555 SER A O   1 
ATOM   896  O O   B SER A 1 110 ? -8.119  -7.443  -2.865  0.50 8.70  ? 1555 SER A O   1 
ATOM   897  C CB  A SER A 1 110 ? -10.426 -5.476  -4.182  0.50 11.27 ? 1555 SER A CB  1 
ATOM   898  C CB  B SER A 1 110 ? -10.360 -5.415  -4.283  0.50 10.82 ? 1555 SER A CB  1 
ATOM   899  O OG  A SER A 1 110 ? -9.881  -5.138  -5.449  0.50 14.70 ? 1555 SER A OG  1 
ATOM   900  O OG  B SER A 1 110 ? -11.718 -5.398  -3.850  0.50 13.72 ? 1555 SER A OG  1 
ATOM   901  N N   . VAL A 1 111 ? -7.208  -5.861  -4.168  1.00 8.19  ? 1556 VAL A N   1 
ATOM   902  C CA  . VAL A 1 111 ? -6.043  -6.661  -4.527  1.00 7.55  ? 1556 VAL A CA  1 
ATOM   903  C C   . VAL A 1 111 ? -5.283  -6.972  -3.249  1.00 6.76  ? 1556 VAL A C   1 
ATOM   904  O O   . VAL A 1 111 ? -4.863  -8.120  -3.051  1.00 8.23  ? 1556 VAL A O   1 
ATOM   905  C CB  . VAL A 1 111 ? -5.179  -5.934  -5.554  1.00 8.26  ? 1556 VAL A CB  1 
ATOM   906  C CG1 . VAL A 1 111 ? -3.869  -6.684  -5.752  1.00 9.35  ? 1556 VAL A CG1 1 
ATOM   907  C CG2 . VAL A 1 111 ? -5.941  -5.791  -6.871  1.00 9.38  ? 1556 VAL A CG2 1 
ATOM   908  N N   . PHE A 1 112 ? -5.073  -5.966  -2.373  1.00 7.19  ? 1557 PHE A N   1 
ATOM   909  C CA  . PHE A 1 112 ? -4.408  -6.246  -1.111  1.00 7.36  ? 1557 PHE A CA  1 
ATOM   910  C C   . PHE A 1 112 ? -5.127  -7.379  -0.358  1.00 8.09  ? 1557 PHE A C   1 
ATOM   911  O O   . PHE A 1 112 ? -4.508  -8.342  0.108   1.00 7.58  ? 1557 PHE A O   1 
ATOM   912  C CB  . PHE A 1 112 ? -4.333  -5.000  -0.231  1.00 7.84  ? 1557 PHE A CB  1 
ATOM   913  C CG  . PHE A 1 112 ? -3.627  -5.263  1.074   1.00 7.53  ? 1557 PHE A CG  1 
ATOM   914  C CD1 . PHE A 1 112 ? -4.310  -5.884  2.130   1.00 8.91  ? 1557 PHE A CD1 1 
ATOM   915  C CD2 . PHE A 1 112 ? -2.285  -4.945  1.235   1.00 7.77  ? 1557 PHE A CD2 1 
ATOM   916  C CE1 . PHE A 1 112 ? -3.676  -6.187  3.316   1.00 8.96  ? 1557 PHE A CE1 1 
ATOM   917  C CE2 . PHE A 1 112 ? -1.628  -5.236  2.421   1.00 8.68  ? 1557 PHE A CE2 1 
ATOM   918  C CZ  . PHE A 1 112 ? -2.353  -5.868  3.417   1.00 9.01  ? 1557 PHE A CZ  1 
ATOM   919  N N   . THR A 1 113 ? -6.449  -7.301  -0.238  1.00 7.63  ? 1558 THR A N   1 
ATOM   920  C CA  . THR A 1 113 ? -7.179  -8.322  0.498   1.00 9.01  ? 1558 THR A CA  1 
ATOM   921  C C   . THR A 1 113 ? -6.999  -9.710  -0.100  1.00 8.11  ? 1558 THR A C   1 
ATOM   922  O O   . THR A 1 113 ? -6.753  -10.702 0.637   1.00 9.05  ? 1558 THR A O   1 
ATOM   923  C CB  . THR A 1 113 ? -8.656  -7.900  0.619   1.00 10.32 ? 1558 THR A CB  1 
ATOM   924  O OG1 . THR A 1 113 ? -8.697  -6.722  1.430   1.00 14.95 ? 1558 THR A OG1 1 
ATOM   925  C CG2 . THR A 1 113 ? -9.590  -8.935  1.211   1.00 10.96 ? 1558 THR A CG2 1 
ATOM   926  N N   . SER A 1 114 ? -7.103  -9.776  -1.439  1.00 8.55  ? 1559 SER A N   1 
ATOM   927  C CA  . SER A 1 114 ? -6.962  -11.066 -2.102  1.00 9.32  ? 1559 SER A CA  1 
ATOM   928  C C   . SER A 1 114 ? -5.552  -11.633 -1.957  1.00 8.23  ? 1559 SER A C   1 
ATOM   929  O O   . SER A 1 114 ? -5.389  -12.850 -1.769  1.00 8.80  ? 1559 SER A O   1 
ATOM   930  C CB  . SER A 1 114 ? -7.403  -10.958 -3.515  1.00 12.10 ? 1559 SER A CB  1 
ATOM   931  O OG  . SER A 1 114 ? -6.706  -10.019 -4.247  1.00 20.66 ? 1559 SER A OG  1 
ATOM   932  N N   . VAL A 1 115 ? -4.549  -10.776 -2.161  1.00 8.20  ? 1560 VAL A N   1 
ATOM   933  C CA  . VAL A 1 115 ? -3.161  -11.216 -2.040  1.00 8.05  ? 1560 VAL A CA  1 
ATOM   934  C C   . VAL A 1 115 ? -2.804  -11.682 -0.634  1.00 7.33  ? 1560 VAL A C   1 
ATOM   935  O O   . VAL A 1 115 ? -2.224  -12.754 -0.460  1.00 8.09  ? 1560 VAL A O   1 
ATOM   936  C CB  . VAL A 1 115 ? -2.229  -10.078 -2.514  1.00 8.00  ? 1560 VAL A CB  1 
ATOM   937  C CG1 . VAL A 1 115 ? -0.770  -10.303 -2.055  1.00 10.24 ? 1560 VAL A CG1 1 
ATOM   938  C CG2 . VAL A 1 115 ? -2.333  -9.793  -4.025  1.00 9.51  ? 1560 VAL A CG2 1 
ATOM   939  N N   . ARG A 1 116 ? -3.280  -10.906 0.349   1.00 7.13  ? 1561 ARG A N   1 
ATOM   940  C CA  . ARG A 1 116 ? -3.095  -11.322 1.745   1.00 6.68  ? 1561 ARG A CA  1 
ATOM   941  C C   . ARG A 1 116 ? -3.731  -12.658 2.027   1.00 7.42  ? 1561 ARG A C   1 
ATOM   942  O O   . ARG A 1 116 ? -3.145  -13.528 2.689   1.00 7.64  ? 1561 ARG A O   1 
ATOM   943  C CB  . ARG A 1 116 ? -3.543  -10.232 2.721   1.00 7.13  ? 1561 ARG A CB  1 
ATOM   944  C CG  . ARG A 1 116 ? -3.429  -10.715 4.165   1.00 7.69  ? 1561 ARG A CG  1 
ATOM   945  C CD  . ARG A 1 116 ? -3.829  -9.648  5.157   1.00 8.14  ? 1561 ARG A CD  1 
ATOM   946  N NE  . ARG A 1 116 ? -3.799  -10.239 6.514   1.00 9.03  ? 1561 ARG A NE  1 
ATOM   947  C CZ  . ARG A 1 116 ? -4.110  -9.671  7.664   1.00 8.12  ? 1561 ARG A CZ  1 
ATOM   948  N NH1 . ARG A 1 116 ? -4.399  -8.398  7.741   1.00 9.67  ? 1561 ARG A NH1 1 
ATOM   949  N NH2 . ARG A 1 116 ? -4.108  -10.407 8.763   1.00 9.18  ? 1561 ARG A NH2 1 
ATOM   950  N N   . GLN A 1 117 ? -4.970  -12.833 1.547   1.00 8.31  ? 1562 GLN A N   1 
ATOM   951  C CA  . GLN A 1 117 ? -5.668  -14.091 1.778   1.00 8.69  ? 1562 GLN A CA  1 
ATOM   952  C C   . GLN A 1 117 ? -4.916  -15.269 1.181   1.00 7.87  ? 1562 GLN A C   1 
ATOM   953  O O   . GLN A 1 117 ? -4.780  -16.308 1.816   1.00 7.85  ? 1562 GLN A O   1 
ATOM   954  C CB  . GLN A 1 117 ? -7.063  -14.021 1.135   1.00 9.64  ? 1562 GLN A CB  1 
ATOM   955  C CG  . GLN A 1 117 ? -7.806  -15.335 1.317   1.00 11.80 ? 1562 GLN A CG  1 
ATOM   956  C CD  . GLN A 1 117 ? -9.216  -15.270 0.782   1.00 14.33 ? 1562 GLN A CD  1 
ATOM   957  O OE1 . GLN A 1 117 ? -9.471  -15.130 -0.430  1.00 19.30 ? 1562 GLN A OE1 1 
ATOM   958  N NE2 . GLN A 1 117 ? -10.149 -15.421 1.689   1.00 19.32 ? 1562 GLN A NE2 1 
ATOM   959  N N   . LYS A 1 118 ? -4.425  -15.158 -0.041  1.00 8.80  ? 1563 LYS A N   1 
ATOM   960  C CA  . LYS A 1 118 ? -3.656  -16.250 -0.633  1.00 9.38  ? 1563 LYS A CA  1 
ATOM   961  C C   . LYS A 1 118 ? -2.408  -16.593 0.185   1.00 8.88  ? 1563 LYS A C   1 
ATOM   962  O O   . LYS A 1 118 ? -2.135  -17.769 0.459   1.00 9.48  ? 1563 LYS A O   1 
ATOM   963  C CB  . LYS A 1 118 ? -3.235  -15.849 -2.050  1.00 12.40 ? 1563 LYS A CB  1 
ATOM   964  C CG  . LYS A 1 118 ? -2.465  -16.971 -2.743  1.00 16.78 ? 1563 LYS A CG  1 
ATOM   965  C CD  . LYS A 1 118 ? -1.902  -16.670 -4.133  1.00 21.45 ? 1563 LYS A CD  1 
ATOM   966  C CE  . LYS A 1 118 ? -1.205  -17.875 -4.742  1.00 24.69 ? 1563 LYS A CE  1 
ATOM   967  N NZ  . LYS A 1 118 ? 0.268   -17.713 -4.744  1.00 31.54 ? 1563 LYS A NZ  1 
ATOM   968  N N   . ILE A 1 119 ? -1.652  -15.565 0.580   1.00 8.29  ? 1564 ILE A N   1 
ATOM   969  C CA  . ILE A 1 119 ? -0.419  -15.773 1.358   1.00 8.83  ? 1564 ILE A CA  1 
ATOM   970  C C   . ILE A 1 119 ? -0.747  -16.409 2.691   1.00 7.24  ? 1564 ILE A C   1 
ATOM   971  O O   . ILE A 1 119 ? -0.027  -17.324 3.126   1.00 8.31  ? 1564 ILE A O   1 
ATOM   972  C CB  . ILE A 1 119 ? 0.332   -14.433 1.464   1.00 9.81  ? 1564 ILE A CB  1 
ATOM   973  C CG1 . ILE A 1 119 ? 0.985   -14.215 0.094   1.00 13.43 ? 1564 ILE A CG1 1 
ATOM   974  C CG2 . ILE A 1 119 ? 1.389   -14.491 2.572   1.00 13.04 ? 1564 ILE A CG2 1 
ATOM   975  C CD1 . ILE A 1 119 ? 1.473   -12.834 -0.225  1.00 15.38 ? 1564 ILE A CD1 1 
ATOM   976  N N   . GLU A 1 120 ? -1.772  -15.940 3.396   1.00 7.35  ? 1565 GLU A N   1 
ATOM   977  C CA  . GLU A 1 120 ? -2.170  -16.551 4.666   1.00 7.39  ? 1565 GLU A CA  1 
ATOM   978  C C   . GLU A 1 120 ? -2.605  -18.004 4.491   1.00 7.19  ? 1565 GLU A C   1 
ATOM   979  O O   . GLU A 1 120 ? -2.227  -18.907 5.255   1.00 7.45  ? 1565 GLU A O   1 
ATOM   980  C CB  . GLU A 1 120 ? -3.240  -15.739 5.403   1.00 7.46  ? 1565 GLU A CB  1 
ATOM   981  C CG  . GLU A 1 120 ? -2.665  -14.460 5.981   1.00 8.52  ? 1565 GLU A CG  1 
ATOM   982  C CD  . GLU A 1 120 ? -3.690  -13.587 6.665   1.00 8.39  ? 1565 GLU A CD  1 
ATOM   983  O OE1 . GLU A 1 120 ? -3.278  -12.897 7.636   1.00 10.73 ? 1565 GLU A OE1 1 
ATOM   984  O OE2 . GLU A 1 120 ? -4.837  -13.517 6.266   1.00 11.17 ? 1565 GLU A OE2 1 
ATOM   985  N N   . LYS A 1 121 ? -3.466  -18.268 3.486   1.00 6.97  ? 1566 LYS A N   1 
ATOM   986  C CA  . LYS A 1 121 ? -3.921  -19.629 3.315   1.00 7.69  ? 1566 LYS A CA  1 
ATOM   987  C C   . LYS A 1 121 ? -2.733  -20.541 3.020   1.00 7.61  ? 1566 LYS A C   1 
ATOM   988  O O   . LYS A 1 121 ? -2.704  -21.650 3.546   1.00 7.57  ? 1566 LYS A O   1 
ATOM   989  C CB  . LYS A 1 121 ? -4.870  -19.770 2.127   1.00 7.91  ? 1566 LYS A CB  1 
ATOM   990  C CG  . LYS A 1 121 ? -6.272  -19.262 2.407   1.00 7.72  ? 1566 LYS A CG  1 
ATOM   991  C CD  . LYS A 1 121 ? -7.229  -19.531 1.257   1.00 9.15  ? 1566 LYS A CD  1 
ATOM   992  C CE  . LYS A 1 121 ? -8.670  -19.249 1.620   1.00 8.90  ? 1566 LYS A CE  1 
ATOM   993  N NZ  . LYS A 1 121 ? -9.600  -19.721 0.573   1.00 10.58 ? 1566 LYS A NZ  1 
ATOM   994  N N   . GLU A 1 122 ? -1.795  -20.121 2.203   1.00 7.10  ? 1567 GLU A N   1 
ATOM   995  C CA  . GLU A 1 122 ? -0.709  -21.000 1.834   1.00 7.72  ? 1567 GLU A CA  1 
ATOM   996  C C   . GLU A 1 122 ? 0.380   -21.101 2.891   1.00 7.02  ? 1567 GLU A C   1 
ATOM   997  O O   . GLU A 1 122 ? 1.222   -21.980 2.772   1.00 8.66  ? 1567 GLU A O   1 
ATOM   998  C CB  . GLU A 1 122 ? -0.142  -20.488 0.526   1.00 9.28  ? 1567 GLU A CB  1 
ATOM   999  C CG  . GLU A 1 122 ? -1.166  -20.739 -0.554  1.00 12.02 ? 1567 GLU A CG  1 
ATOM   1000 C CD  . GLU A 1 122 ? -0.618  -20.654 -1.935  1.00 17.25 ? 1567 GLU A CD  1 
ATOM   1001 O OE1 . GLU A 1 122 ? -1.183  -21.369 -2.824  1.00 19.74 ? 1567 GLU A OE1 1 
ATOM   1002 O OE2 . GLU A 1 122 ? 0.330   -19.848 -2.111  1.00 19.35 ? 1567 GLU A OE2 1 
ATOM   1003 N N   . ASP A 1 123 ? 0.389   -20.243 3.919   1.00 7.31  ? 1568 ASP A N   1 
ATOM   1004 C CA  . ASP A 1 123 ? 1.312   -20.376 5.035   1.00 7.10  ? 1568 ASP A CA  1 
ATOM   1005 C C   . ASP A 1 123 ? 0.795   -21.264 6.146   1.00 7.40  ? 1568 ASP A C   1 
ATOM   1006 O O   . ASP A 1 123 ? 1.523   -21.563 7.095   1.00 8.22  ? 1568 ASP A O   1 
ATOM   1007 C CB  . ASP A 1 123 ? 1.622   -18.991 5.594   1.00 8.07  ? 1568 ASP A CB  1 
ATOM   1008 C CG  . ASP A 1 123 ? 2.751   -19.071 6.643   1.00 9.02  ? 1568 ASP A CG  1 
ATOM   1009 O OD1 . ASP A 1 123 ? 3.847   -19.553 6.264   1.00 7.96  ? 1568 ASP A OD1 1 
ATOM   1010 O OD2 . ASP A 1 123 ? 2.557   -18.684 7.847   1.00 10.29 ? 1568 ASP A OD2 1 
ATOM   1011 N N   . ASP A 1 124 ? -0.493  -21.668 6.094   1.00 7.53  ? 1569 ASP A N   1 
ATOM   1012 C CA  . ASP A 1 124 ? -1.078  -22.397 7.210   1.00 8.25  ? 1569 ASP A CA  1 
ATOM   1013 C C   . ASP A 1 124 ? -0.801  -23.886 7.051   1.00 9.43  ? 1569 ASP A C   1 
ATOM   1014 O O   . ASP A 1 124 ? -1.601  -24.645 6.495   1.00 10.89 ? 1569 ASP A O   1 
ATOM   1015 C CB  . ASP A 1 124 ? -2.581  -22.119 7.248   1.00 8.09  ? 1569 ASP A CB  1 
ATOM   1016 C CG  . ASP A 1 124 ? -3.275  -22.742 8.435   1.00 9.58  ? 1569 ASP A CG  1 
ATOM   1017 O OD1 . ASP A 1 124 ? -2.592  -23.338 9.272   1.00 10.80 ? 1569 ASP A OD1 1 
ATOM   1018 O OD2 . ASP A 1 124 ? -4.526  -22.577 8.540   1.00 9.76  ? 1569 ASP A OD2 1 
ATOM   1019 N N   . SER A 1 125 ? 0.343   -24.328 7.587   1.00 10.91 ? 1570 SER A N   1 
ATOM   1020 C CA  . SER A 1 125 ? 0.822   -25.697 7.434   1.00 12.90 ? 1570 SER A CA  1 
ATOM   1021 C C   . SER A 1 125 ? 1.356   -26.197 8.773   1.00 14.64 ? 1570 SER A C   1 
ATOM   1022 O O   . SER A 1 125 ? 2.186   -27.196 8.657   1.00 20.83 ? 1570 SER A O   1 
ATOM   1023 C CB  . SER A 1 125 ? 1.883   -25.810 6.367   1.00 13.39 ? 1570 SER A CB  1 
ATOM   1024 O OG  . SER A 1 125 ? 1.437   -25.272 5.143   1.00 14.62 ? 1570 SER A OG  1 
HETATM 1025 C C1  . GGU B 2 .   ? -1.649  9.233   -3.281  1.00 9.01  ? 1601 GGU A C1  1 
HETATM 1026 C C2  . GGU B 2 .   ? -0.993  8.302   -2.472  1.00 10.79 ? 1601 GGU A C2  1 
HETATM 1027 C C3  . GGU B 2 .   ? 0.240   7.866   -2.759  1.00 10.23 ? 1601 GGU A C3  1 
HETATM 1028 C C4  . GGU B 2 .   ? 0.890   8.307   -3.833  1.00 10.59 ? 1601 GGU A C4  1 
HETATM 1029 C C5  . GGU B 2 .   ? 0.280   9.214   -4.673  1.00 10.18 ? 1601 GGU A C5  1 
HETATM 1030 C C6  . GGU B 2 .   ? -0.967  9.730   -4.388  1.00 9.59  ? 1601 GGU A C6  1 
HETATM 1031 C C9  . GGU B 2 .   ? -0.899  11.492  -6.288  1.00 9.97  ? 1601 GGU A C9  1 
HETATM 1032 C C10 . GGU B 2 .   ? -1.589  12.402  -7.082  1.00 10.07 ? 1601 GGU A C10 1 
HETATM 1033 C C14 . GGU B 2 .   ? 0.727   14.818  -9.727  1.00 11.98 ? 1601 GGU A C14 1 
HETATM 1034 N N1  . GGU B 2 .   ? -2.875  10.919  -5.193  1.00 9.43  ? 1601 GGU A N1  1 
HETATM 1035 O O1  . GGU B 2 .   ? -2.856  9.635   -2.926  1.00 10.18 ? 1601 GGU A O1  1 
HETATM 1036 C C7  . GGU B 2 .   ? -1.572  10.745  -5.328  1.00 10.84 ? 1601 GGU A C7  1 
HETATM 1037 N N2  . GGU B 2 .   ? -3.574  11.783  -5.970  1.00 9.99  ? 1601 GGU A N2  1 
HETATM 1038 C C8  . GGU B 2 .   ? -2.977  12.494  -6.884  1.00 9.63  ? 1601 GGU A C8  1 
HETATM 1039 N N3  . GGU B 2 .   ? -3.739  13.315  -7.614  1.00 10.22 ? 1601 GGU A N3  1 
HETATM 1040 C C11 . GGU B 2 .   ? -0.795  13.231  -8.011  1.00 11.40 ? 1601 GGU A C11 1 
HETATM 1041 C C12 . GGU B 2 .   ? -1.035  14.572  -8.174  1.00 10.78 ? 1601 GGU A C12 1 
HETATM 1042 C C13 . GGU B 2 .   ? -0.319  15.341  -9.040  1.00 11.91 ? 1601 GGU A C13 1 
HETATM 1043 C C15 . GGU B 2 .   ? 0.970   13.515  -9.606  1.00 12.35 ? 1601 GGU A C15 1 
HETATM 1044 C C16 . GGU B 2 .   ? 0.240   12.725  -8.779  1.00 12.77 ? 1601 GGU A C16 1 
HETATM 1045 O O   . HOH C 3 .   ? -11.702 9.696   1.732   1.00 27.01 ? 1701 HOH A O   1 
HETATM 1046 O O   . HOH C 3 .   ? 2.956   -23.501 4.166   1.00 11.68 ? 1702 HOH A O   1 
HETATM 1047 O O   . HOH C 3 .   ? -9.226  3.662   -12.697 1.00 24.01 ? 1703 HOH A O   1 
HETATM 1048 O O   . HOH C 3 .   ? 8.183   -5.088  -3.862  1.00 27.53 ? 1704 HOH A O   1 
HETATM 1049 O O   . HOH C 3 .   ? -7.387  10.657  4.062   1.00 21.46 ? 1705 HOH A O   1 
HETATM 1050 O O   . HOH C 3 .   ? -9.139  2.562   2.517   1.00 24.40 ? 1706 HOH A O   1 
HETATM 1051 O O   . HOH C 3 .   ? 8.660   -18.412 4.691   1.00 16.30 ? 1707 HOH A O   1 
HETATM 1052 O O   . HOH C 3 .   ? -3.756  -21.051 -3.356  1.00 27.46 ? 1708 HOH A O   1 
HETATM 1053 O O   . HOH C 3 .   ? 0.092   -5.387  15.591  1.00 16.83 ? 1709 HOH A O   1 
HETATM 1054 O O   . HOH C 3 .   ? 12.279  -9.231  10.395  1.00 11.26 ? 1710 HOH A O   1 
HETATM 1055 O O   . HOH C 3 .   ? -12.994 1.246   -8.400  1.00 20.27 ? 1711 HOH A O   1 
HETATM 1056 O O   . HOH C 3 .   ? 1.299   9.777   -8.991  1.00 15.33 ? 1712 HOH A O   1 
HETATM 1057 O O   . HOH C 3 .   ? 0.329   -9.443  -8.442  1.00 20.71 ? 1713 HOH A O   1 
HETATM 1058 O O   . HOH C 3 .   ? 9.999   6.457   -8.065  1.00 18.27 ? 1714 HOH A O   1 
HETATM 1059 O O   . HOH C 3 .   ? 10.381  -8.311  19.278  1.00 18.61 ? 1715 HOH A O   1 
HETATM 1060 O O   . HOH C 3 .   ? -1.920  4.697   -14.386 1.00 14.32 ? 1716 HOH A O   1 
HETATM 1061 O O   . HOH C 3 .   ? -1.274  -18.528 7.750   1.00 7.49  ? 1717 HOH A O   1 
HETATM 1062 O O   . HOH C 3 .   ? -6.682  -14.954 4.920   1.00 13.05 ? 1718 HOH A O   1 
HETATM 1063 O O   . HOH C 3 .   ? -0.671  -2.501  -9.220  1.00 7.19  ? 1719 HOH A O   1 
HETATM 1064 O O   . HOH C 3 .   ? -7.111  -14.794 -2.543  1.00 16.86 ? 1720 HOH A O   1 
HETATM 1065 O O   . HOH C 3 .   ? -6.104  -8.023  9.979   1.00 12.06 ? 1721 HOH A O   1 
HETATM 1066 O O   . HOH C 3 .   ? -5.919  -23.569 10.646  1.00 12.95 ? 1722 HOH A O   1 
HETATM 1067 O O   . HOH C 3 .   ? 13.797  0.199   13.115  1.00 11.89 ? 1723 HOH A O   1 
HETATM 1068 O O   . HOH C 3 .   ? -2.745  4.086   -11.742 1.00 16.50 ? 1724 HOH A O   1 
HETATM 1069 O O   . HOH C 3 .   ? 12.205  -12.197 6.570   1.00 12.98 ? 1725 HOH A O   1 
HETATM 1070 O O   . HOH C 3 .   ? 9.577   -6.212  9.527   1.00 9.02  ? 1726 HOH A O   1 
HETATM 1071 O O   . HOH C 3 .   ? -0.193  -15.995 8.253   1.00 10.22 ? 1727 HOH A O   1 
HETATM 1072 O O   . HOH C 3 .   ? 3.430   1.682   -15.538 1.00 12.40 ? 1728 HOH A O   1 
HETATM 1073 O O   . HOH C 3 .   ? 17.266  -0.788  7.526   1.00 23.86 ? 1729 HOH A O   1 
HETATM 1074 O O   . HOH C 3 .   ? 15.845  -2.600  9.676   1.00 21.87 ? 1730 HOH A O   1 
HETATM 1075 O O   . HOH C 3 .   ? 14.035  -9.390  4.195   1.00 26.44 ? 1731 HOH A O   1 
HETATM 1076 O O   . HOH C 3 .   ? 5.626   -3.251  -15.335 1.00 16.25 ? 1732 HOH A O   1 
HETATM 1077 O O   . HOH C 3 .   ? 4.286   -19.240 3.585   1.00 13.46 ? 1733 HOH A O   1 
HETATM 1078 O O   . HOH C 3 .   ? -10.195 -3.269  -17.460 1.00 24.74 ? 1734 HOH A O   1 
HETATM 1079 O O   . HOH C 3 .   ? -7.702  -7.692  -13.471 1.00 22.39 ? 1735 HOH A O   1 
HETATM 1080 O O   . HOH C 3 .   ? -1.830  3.148   9.338   1.00 15.93 ? 1736 HOH A O   1 
HETATM 1081 O O   . HOH C 3 .   ? 0.405   16.383  5.735   1.00 25.89 ? 1737 HOH A O   1 
HETATM 1082 O O   . HOH C 3 .   ? -6.467  2.541   7.557   1.00 16.55 ? 1738 HOH A O   1 
HETATM 1083 O O   . HOH C 3 .   ? 11.509  2.802   0.233   1.00 22.08 ? 1739 HOH A O   1 
HETATM 1084 O O   . HOH C 3 .   ? 20.884  3.917   21.663  1.00 22.58 ? 1740 HOH A O   1 
HETATM 1085 O O   . HOH C 3 .   ? 1.346   -2.026  16.412  1.00 12.59 ? 1741 HOH A O   1 
HETATM 1086 O O   . HOH C 3 .   ? -1.959  -14.283 9.621   1.00 9.45  ? 1742 HOH A O   1 
HETATM 1087 O O   . HOH C 3 .   ? -8.156  -4.004  -12.562 1.00 21.24 ? 1743 HOH A O   1 
HETATM 1088 O O   . HOH C 3 .   ? -0.559  0.916   10.566  1.00 11.60 ? 1744 HOH A O   1 
HETATM 1089 O O   . HOH C 3 .   ? -9.183  -3.199  5.741   1.00 21.78 ? 1745 HOH A O   1 
HETATM 1090 O O   . HOH C 3 .   ? 0.553   6.140   8.791   1.00 18.85 ? 1746 HOH A O   1 
HETATM 1091 O O   . HOH C 3 .   ? -7.608  12.723  -10.109 1.00 12.87 ? 1747 HOH A O   1 
HETATM 1092 O O   . HOH C 3 .   ? -6.694  0.111   -17.820 1.00 13.84 ? 1748 HOH A O   1 
HETATM 1093 O O   . HOH C 3 .   ? -6.621  -11.401 6.138   1.00 15.35 ? 1749 HOH A O   1 
HETATM 1094 O O   . HOH C 3 .   ? -1.034  9.200   0.955   1.00 10.33 ? 1750 HOH A O   1 
HETATM 1095 O O   . HOH C 3 .   ? 4.491   -11.797 -3.896  1.00 24.41 ? 1751 HOH A O   1 
HETATM 1096 O O   . HOH C 3 .   ? 2.215   -9.963  15.097  1.00 12.29 ? 1752 HOH A O   1 
HETATM 1097 O O   . HOH C 3 .   ? 5.687   -8.525  15.656  1.00 13.30 ? 1753 HOH A O   1 
HETATM 1098 O O   . HOH C 3 .   ? 5.688   0.316   15.808  1.00 16.59 ? 1754 HOH A O   1 
HETATM 1099 O O   . HOH C 3 .   ? 7.697   12.096  -2.686  1.00 30.83 ? 1755 HOH A O   1 
HETATM 1100 O O   . HOH C 3 .   ? -9.125  17.696  -3.253  1.00 25.95 ? 1756 HOH A O   1 
HETATM 1101 O O   . HOH C 3 .   ? 11.708  11.991  -8.198  1.00 15.66 ? 1757 HOH A O   1 
HETATM 1102 O O   . HOH C 3 .   ? 14.043  -11.654 12.979  1.00 18.15 ? 1758 HOH A O   1 
HETATM 1103 O O   . HOH C 3 .   ? 5.384   0.567   -14.088 1.00 14.92 ? 1759 HOH A O   1 
HETATM 1104 O O   . HOH C 3 .   ? -4.831  -9.352  -13.189 1.00 25.35 ? 1760 HOH A O   1 
HETATM 1105 O O   . HOH C 3 .   ? -10.552 -8.937  -2.358  1.00 20.30 ? 1761 HOH A O   1 
HETATM 1106 O O   . HOH C 3 .   ? 6.675   14.019  -8.972  1.00 17.07 ? 1762 HOH A O   1 
HETATM 1107 O O   . HOH C 3 .   ? -9.161  -18.345 -1.845  1.00 21.23 ? 1763 HOH A O   1 
HETATM 1108 O O   . HOH C 3 .   ? 3.848   -20.660 9.391   1.00 16.98 ? 1764 HOH A O   1 
HETATM 1109 O O   . HOH C 3 .   ? 4.049   15.013  -11.336 1.00 17.77 ? 1765 HOH A O   1 
HETATM 1110 O O   . HOH C 3 .   ? -1.637  -24.264 3.480   1.00 13.68 ? 1766 HOH A O   1 
HETATM 1111 O O   . HOH C 3 .   ? 10.820  -3.627  2.563   1.00 20.91 ? 1767 HOH A O   1 
HETATM 1112 O O   . HOH C 3 .   ? 4.629   -7.759  -15.960 1.00 22.29 ? 1768 HOH A O   1 
HETATM 1113 O O   . HOH C 3 .   ? -1.801  -24.053 -2.137  1.00 9.92  ? 1769 HOH A O   1 
HETATM 1114 O O   . HOH C 3 .   ? -4.207  11.019  6.243   1.00 15.36 ? 1770 HOH A O   1 
HETATM 1115 O O   . HOH C 3 .   ? 4.396   7.222   -8.347  1.00 11.84 ? 1771 HOH A O   1 
HETATM 1116 O O   . HOH C 3 .   ? 2.426   -18.071 1.900   1.00 12.38 ? 1772 HOH A O   1 
HETATM 1117 O O   . HOH C 3 .   ? 3.966   -14.606 10.449  1.00 12.15 ? 1773 HOH A O   1 
HETATM 1118 O O   . HOH C 3 .   ? 4.177   -6.329  -12.830 1.00 20.48 ? 1774 HOH A O   1 
HETATM 1119 O O   . HOH C 3 .   ? -7.184  -10.688 3.452   1.00 14.06 ? 1775 HOH A O   1 
HETATM 1120 O O   . HOH C 3 .   ? -3.157  -3.795  14.656  1.00 18.68 ? 1776 HOH A O   1 
HETATM 1121 O O   . HOH C 3 .   ? -8.390  -0.224  -15.814 1.00 21.66 ? 1777 HOH A O   1 
HETATM 1122 O O   . HOH C 3 .   ? -8.229  -3.472  -21.849 1.00 15.70 ? 1778 HOH A O   1 
HETATM 1123 O O   . HOH C 3 .   ? -9.561  -6.196  -17.015 1.00 28.18 ? 1779 HOH A O   1 
HETATM 1124 O O   . HOH C 3 .   ? 5.074   -17.973 10.902  1.00 20.38 ? 1780 HOH A O   1 
HETATM 1125 O O   . HOH C 3 .   ? 14.334  -5.656  7.480   1.00 20.15 ? 1781 HOH A O   1 
HETATM 1126 O O   . HOH C 3 .   ? 7.703   5.825   9.399   1.00 23.13 ? 1782 HOH A O   1 
HETATM 1127 O O   . HOH C 3 .   ? 2.580   -0.030  12.981  1.00 14.95 ? 1783 HOH A O   1 
HETATM 1128 O O   . HOH C 3 .   ? 13.113  1.071   1.701   1.00 25.08 ? 1784 HOH A O   1 
HETATM 1129 O O   . HOH C 3 .   ? 7.691   -5.511  -1.013  1.00 18.64 ? 1785 HOH A O   1 
HETATM 1130 O O   . HOH C 3 .   ? -9.903  13.985  -9.428  1.00 16.39 ? 1786 HOH A O   1 
HETATM 1131 O O   . HOH C 3 .   ? -0.547  16.389  9.632   1.00 28.25 ? 1787 HOH A O   1 
HETATM 1132 O O   . HOH C 3 .   ? 4.473   0.379   -10.001 1.00 15.49 ? 1788 HOH A O   1 
HETATM 1133 O O   . HOH C 3 .   ? 18.869  -6.496  12.728  1.00 23.74 ? 1789 HOH A O   1 
HETATM 1134 O O   . HOH C 3 .   ? -1.488  0.190   13.211  1.00 15.99 ? 1790 HOH A O   1 
HETATM 1135 O O   . HOH C 3 .   ? -1.275  -8.946  -12.519 1.00 17.91 ? 1791 HOH A O   1 
HETATM 1136 O O   . HOH C 3 .   ? 13.999  -9.584  17.132  1.00 20.80 ? 1792 HOH A O   1 
HETATM 1137 O O   . HOH C 3 .   ? 1.844   8.011   7.080   1.00 24.39 ? 1793 HOH A O   1 
HETATM 1138 O O   . HOH C 3 .   ? 17.261  0.018   19.950  1.00 12.42 ? 1794 HOH A O   1 
HETATM 1139 O O   . HOH C 3 .   ? -5.480  -1.836  14.819  1.00 22.66 ? 1795 HOH A O   1 
HETATM 1140 O O   . HOH C 3 .   ? 2.179   13.662  8.837   1.00 27.05 ? 1796 HOH A O   1 
HETATM 1141 O O   . HOH C 3 .   ? 2.563   -18.474 -0.738  1.00 19.35 ? 1797 HOH A O   1 
HETATM 1142 O O   . HOH C 3 .   ? -11.232 3.551   1.742   1.00 23.78 ? 1798 HOH A O   1 
HETATM 1143 O O   . HOH C 3 .   ? -7.952  3.932   5.679   1.00 24.11 ? 1799 HOH A O   1 
HETATM 1144 O O   . HOH C 3 .   ? 13.279  2.850   13.881  1.00 22.94 ? 1800 HOH A O   1 
HETATM 1145 O O   . HOH C 3 .   ? 5.838   -17.009 3.802   1.00 22.26 ? 1801 HOH A O   1 
HETATM 1146 O O   . HOH C 3 .   ? 15.903  -0.381  11.317  1.00 27.25 ? 1802 HOH A O   1 
HETATM 1147 O O   . HOH C 3 .   ? -7.776  -2.937  13.420  1.00 16.66 ? 1803 HOH A O   1 
HETATM 1148 O O   . HOH C 3 .   ? 4.785   -10.861 -6.346  1.00 22.41 ? 1804 HOH A O   1 
HETATM 1149 O O   . HOH C 3 .   ? 2.829   3.792   9.773   1.00 21.00 ? 1805 HOH A O   1 
HETATM 1150 O O   . HOH C 3 .   ? 8.145   0.524   -4.724  1.00 25.80 ? 1806 HOH A O   1 
HETATM 1151 O O   . HOH C 3 .   ? -16.135 13.416  -5.407  1.00 20.95 ? 1807 HOH A O   1 
HETATM 1152 O O   . HOH C 3 .   ? 7.520   6.654   -8.699  1.00 28.31 ? 1808 HOH A O   1 
HETATM 1153 O O   . HOH C 3 .   ? 11.850  -10.921 4.252   1.00 13.95 ? 1809 HOH A O   1 
HETATM 1154 O O   . HOH C 3 .   ? -6.613  -17.334 -1.856  1.00 20.01 ? 1810 HOH A O   1 
HETATM 1155 O O   . HOH C 3 .   ? 6.816   -0.439  -9.760  1.00 20.07 ? 1811 HOH A O   1 
HETATM 1156 O O   . HOH C 3 .   ? 6.162   -15.370 12.376  1.00 9.65  ? 1812 HOH A O   1 
HETATM 1157 O O   . HOH C 3 .   ? -7.416  -1.780  7.583   1.00 19.86 ? 1813 HOH A O   1 
HETATM 1158 O O   . HOH C 3 .   ? -12.337 -15.494 4.943   1.00 25.55 ? 1814 HOH A O   1 
HETATM 1159 O O   . HOH C 3 .   ? 19.625  4.646   13.780  1.00 25.96 ? 1815 HOH A O   1 
HETATM 1160 O O   . HOH C 3 .   ? 2.591   -28.364 2.885   1.00 15.77 ? 1816 HOH A O   1 
HETATM 1161 O O   . HOH C 3 .   ? 6.775   -21.201 10.034  1.00 26.84 ? 1817 HOH A O   1 
HETATM 1162 O O   . HOH C 3 .   ? 8.083   -0.268  -7.378  1.00 30.72 ? 1818 HOH A O   1 
HETATM 1163 O O   . HOH C 3 .   ? 2.997   15.303  6.752   1.00 21.55 ? 1819 HOH A O   1 
HETATM 1164 O O   . HOH C 3 .   ? -5.282  9.782   8.543   1.00 25.56 ? 1820 HOH A O   1 
HETATM 1165 O O   . HOH C 3 .   ? 5.211   -11.129 16.146  1.00 20.23 ? 1821 HOH A O   1 
HETATM 1166 O O   . HOH C 3 .   ? 1.975   2.041   11.388  1.00 19.11 ? 1822 HOH A O   1 
HETATM 1167 O O   . HOH C 3 .   ? 5.850   1.947   -11.803 1.00 16.22 ? 1823 HOH A O   1 
HETATM 1168 O O   . HOH C 3 .   ? 17.154  4.409   9.521   1.00 30.17 ? 1824 HOH A O   1 
HETATM 1169 O O   . HOH C 3 .   ? 9.922   -4.678  0.248   1.00 18.68 ? 1825 HOH A O   1 
HETATM 1170 O O   . HOH C 3 .   ? 8.252   0.974   -11.698 1.00 26.09 ? 1826 HOH A O   1 
# 
loop_
_pdbx_poly_seq_scheme.asym_id 
_pdbx_poly_seq_scheme.entity_id 
_pdbx_poly_seq_scheme.seq_id 
_pdbx_poly_seq_scheme.mon_id 
_pdbx_poly_seq_scheme.ndb_seq_num 
_pdbx_poly_seq_scheme.pdb_seq_num 
_pdbx_poly_seq_scheme.auth_seq_num 
_pdbx_poly_seq_scheme.pdb_mon_id 
_pdbx_poly_seq_scheme.auth_mon_id 
_pdbx_poly_seq_scheme.pdb_strand_id 
_pdbx_poly_seq_scheme.pdb_ins_code 
_pdbx_poly_seq_scheme.hetero 
A 1 1   GLY 1   1446 ?    ?   ?   A . n 
A 1 2   SER 2   1447 ?    ?   ?   A . n 
A 1 3   ALA 3   1448 1448 ALA ALA A . n 
A 1 4   GLU 4   1449 1449 GLU GLU A . n 
A 1 5   LYS 5   1450 1450 LYS LYS A . n 
A 1 6   LEU 6   1451 1451 LEU LEU A . n 
A 1 7   SER 7   1452 1452 SER SER A . n 
A 1 8   PRO 8   1453 1453 PRO PRO A . n 
A 1 9   ASN 9   1454 1454 ASN ASN A . n 
A 1 10  PRO 10  1455 1455 PRO PRO A . n 
A 1 11  PRO 11  1456 1456 PRO PRO A . n 
A 1 12  ASN 12  1457 1457 ASN ASN A . n 
A 1 13  LEU 13  1458 1458 LEU LEU A . n 
A 1 14  THR 14  1459 1459 THR THR A . n 
A 1 15  LYS 15  1460 1460 LYS LYS A . n 
A 1 16  LYS 16  1461 1461 LYS LYS A . n 
A 1 17  MET 17  1462 1462 MET MET A . n 
A 1 18  LYS 18  1463 1463 LYS LYS A . n 
A 1 19  LYS 19  1464 1464 LYS LYS A . n 
A 1 20  ILE 20  1465 1465 ILE ILE A . n 
A 1 21  VAL 21  1466 1466 VAL VAL A . n 
A 1 22  ASP 22  1467 1467 ASP ASP A . n 
A 1 23  ALA 23  1468 1468 ALA ALA A . n 
A 1 24  VAL 24  1469 1469 VAL VAL A . n 
A 1 25  ILE 25  1470 1470 ILE ILE A . n 
A 1 26  LYS 26  1471 1471 LYS LYS A . n 
A 1 27  TYR 27  1472 1472 TYR TYR A . n 
A 1 28  LYS 28  1473 1473 LYS LYS A . n 
A 1 29  ASP 29  1474 1474 ASP ASP A . n 
A 1 30  SER 30  1475 1475 SER SER A . n 
A 1 31  SER 31  1476 1476 SER SER A . n 
A 1 32  SER 32  1477 1477 SER SER A . n 
A 1 33  GLY 33  1478 1478 GLY GLY A . n 
A 1 34  ARG 34  1479 1479 ARG ARG A . n 
A 1 35  GLN 35  1480 1480 GLN GLN A . n 
A 1 36  LEU 36  1481 1481 LEU LEU A . n 
A 1 37  SER 37  1482 1482 SER SER A . n 
A 1 38  GLU 38  1483 1483 GLU GLU A . n 
A 1 39  VAL 39  1484 1484 VAL VAL A . n 
A 1 40  PHE 40  1485 1485 PHE PHE A . n 
A 1 41  ILE 41  1486 1486 ILE ILE A . n 
A 1 42  GLN 42  1487 1487 GLN GLN A . n 
A 1 43  LEU 43  1488 1488 LEU LEU A . n 
A 1 44  PRO 44  1489 1489 PRO PRO A . n 
A 1 45  SER 45  1490 1490 SER SER A . n 
A 1 46  ARG 46  1491 1491 ARG ARG A . n 
A 1 47  LYS 47  1492 1492 LYS LYS A . n 
A 1 48  GLU 48  1493 1493 GLU GLU A . n 
A 1 49  LEU 49  1494 1494 LEU LEU A . n 
A 1 50  PRO 50  1495 1495 PRO PRO A . n 
A 1 51  GLU 51  1496 1496 GLU GLU A . n 
A 1 52  TYR 52  1497 1497 TYR TYR A . n 
A 1 53  TYR 53  1498 1498 TYR TYR A . n 
A 1 54  GLU 54  1499 1499 GLU GLU A . n 
A 1 55  LEU 55  1500 1500 LEU LEU A . n 
A 1 56  ILE 56  1501 1501 ILE ILE A . n 
A 1 57  ARG 57  1502 1502 ARG ARG A . n 
A 1 58  LYS 58  1503 1503 LYS LYS A . n 
A 1 59  PRO 59  1504 1504 PRO PRO A . n 
A 1 60  VAL 60  1505 1505 VAL VAL A . n 
A 1 61  ASP 61  1506 1506 ASP ASP A . n 
A 1 62  PHE 62  1507 1507 PHE PHE A . n 
A 1 63  LYS 63  1508 1508 LYS LYS A . n 
A 1 64  LYS 64  1509 1509 LYS LYS A . n 
A 1 65  ILE 65  1510 1510 ILE ILE A . n 
A 1 66  LYS 66  1511 1511 LYS LYS A . n 
A 1 67  GLU 67  1512 1512 GLU GLU A . n 
A 1 68  ARG 68  1513 1513 ARG ARG A . n 
A 1 69  ILE 69  1514 1514 ILE ILE A . n 
A 1 70  ARG 70  1515 1515 ARG ARG A . n 
A 1 71  ASN 71  1516 1516 ASN ASN A . n 
A 1 72  HIS 72  1517 1517 HIS HIS A . n 
A 1 73  LYS 73  1518 1518 LYS LYS A . n 
A 1 74  TYR 74  1519 1519 TYR TYR A . n 
A 1 75  ARG 75  1520 1520 ARG ARG A . n 
A 1 76  SER 76  1521 1521 SER SER A . n 
A 1 77  LEU 77  1522 1522 LEU LEU A . n 
A 1 78  ASN 78  1523 1523 ASN ASN A . n 
A 1 79  ASP 79  1524 1524 ASP ASP A . n 
A 1 80  LEU 80  1525 1525 LEU LEU A . n 
A 1 81  GLU 81  1526 1526 GLU GLU A . n 
A 1 82  LYS 82  1527 1527 LYS LYS A . n 
A 1 83  ASP 83  1528 1528 ASP ASP A . n 
A 1 84  VAL 84  1529 1529 VAL VAL A . n 
A 1 85  MET 85  1530 1530 MET MET A . n 
A 1 86  LEU 86  1531 1531 LEU LEU A . n 
A 1 87  LEU 87  1532 1532 LEU LEU A . n 
A 1 88  CYS 88  1533 1533 CYS CYS A . n 
A 1 89  GLN 89  1534 1534 GLN GLN A . n 
A 1 90  ASN 90  1535 1535 ASN ASN A . n 
A 1 91  ALA 91  1536 1536 ALA ALA A . n 
A 1 92  GLN 92  1537 1537 GLN GLN A . n 
A 1 93  THR 93  1538 1538 THR THR A . n 
A 1 94  PHE 94  1539 1539 PHE PHE A . n 
A 1 95  ASN 95  1540 1540 ASN ASN A . n 
A 1 96  LEU 96  1541 1541 LEU LEU A . n 
A 1 97  GLU 97  1542 1542 GLU GLU A . n 
A 1 98  GLY 98  1543 1543 GLY GLY A . n 
A 1 99  SER 99  1544 1544 SER SER A . n 
A 1 100 LEU 100 1545 1545 LEU LEU A . n 
A 1 101 ILE 101 1546 1546 ILE ILE A . n 
A 1 102 TYR 102 1547 1547 TYR TYR A . n 
A 1 103 GLU 103 1548 1548 GLU GLU A . n 
A 1 104 ASP 104 1549 1549 ASP ASP A . n 
A 1 105 SER 105 1550 1550 SER SER A . n 
A 1 106 ILE 106 1551 1551 ILE ILE A . n 
A 1 107 VAL 107 1552 1552 VAL VAL A . n 
A 1 108 LEU 108 1553 1553 LEU LEU A . n 
A 1 109 GLN 109 1554 1554 GLN GLN A . n 
A 1 110 SER 110 1555 1555 SER SER A . n 
A 1 111 VAL 111 1556 1556 VAL VAL A . n 
A 1 112 PHE 112 1557 1557 PHE PHE A . n 
A 1 113 THR 113 1558 1558 THR THR A . n 
A 1 114 SER 114 1559 1559 SER SER A . n 
A 1 115 VAL 115 1560 1560 VAL VAL A . n 
A 1 116 ARG 116 1561 1561 ARG ARG A . n 
A 1 117 GLN 117 1562 1562 GLN GLN A . n 
A 1 118 LYS 118 1563 1563 LYS LYS A . n 
A 1 119 ILE 119 1564 1564 ILE ILE A . n 
A 1 120 GLU 120 1565 1565 GLU GLU A . n 
A 1 121 LYS 121 1566 1566 LYS LYS A . n 
A 1 122 GLU 122 1567 1567 GLU GLU A . n 
A 1 123 ASP 123 1568 1568 ASP ASP A . n 
A 1 124 ASP 124 1569 1569 ASP ASP A . n 
A 1 125 SER 125 1570 1570 SER SER A . n 
A 1 126 GLU 126 1571 ?    ?   ?   A . n 
A 1 127 GLY 127 1572 ?    ?   ?   A . n 
A 1 128 GLU 128 1573 ?    ?   ?   A . n 
A 1 129 GLU 129 1574 ?    ?   ?   A . n 
A 1 130 SER 130 1575 ?    ?   ?   A . n 
# 
_pdbx_contact_author.id                 2 
_pdbx_contact_author.email              cochran.andrea@gene.com 
_pdbx_contact_author.name_first         Andrea 
_pdbx_contact_author.name_last          Cochran 
_pdbx_contact_author.name_mi            G 
_pdbx_contact_author.role               'principal investigator/group leader' 
_pdbx_contact_author.identifier_ORCID   0000-0001-6469-795X 
# 
loop_
_pdbx_nonpoly_scheme.asym_id 
_pdbx_nonpoly_scheme.entity_id 
_pdbx_nonpoly_scheme.mon_id 
_pdbx_nonpoly_scheme.ndb_seq_num 
_pdbx_nonpoly_scheme.pdb_seq_num 
_pdbx_nonpoly_scheme.auth_seq_num 
_pdbx_nonpoly_scheme.pdb_mon_id 
_pdbx_nonpoly_scheme.auth_mon_id 
_pdbx_nonpoly_scheme.pdb_strand_id 
_pdbx_nonpoly_scheme.pdb_ins_code 
B 2 GGU 1   1601 1601 GGU 877 A . 
C 3 HOH 1   1701 90   HOH HOH A . 
C 3 HOH 2   1702 9    HOH HOH A . 
C 3 HOH 3   1703 125  HOH HOH A . 
C 3 HOH 4   1704 94   HOH HOH A . 
C 3 HOH 5   1705 54   HOH HOH A . 
C 3 HOH 6   1706 81   HOH HOH A . 
C 3 HOH 7   1707 87   HOH HOH A . 
C 3 HOH 8   1708 79   HOH HOH A . 
C 3 HOH 9   1709 55   HOH HOH A . 
C 3 HOH 10  1710 16   HOH HOH A . 
C 3 HOH 11  1711 40   HOH HOH A . 
C 3 HOH 12  1712 48   HOH HOH A . 
C 3 HOH 13  1713 47   HOH HOH A . 
C 3 HOH 14  1714 104  HOH HOH A . 
C 3 HOH 15  1715 61   HOH HOH A . 
C 3 HOH 16  1716 59   HOH HOH A . 
C 3 HOH 17  1717 1    HOH HOH A . 
C 3 HOH 18  1718 19   HOH HOH A . 
C 3 HOH 19  1719 5    HOH HOH A . 
C 3 HOH 20  1720 33   HOH HOH A . 
C 3 HOH 21  1721 78   HOH HOH A . 
C 3 HOH 22  1722 35   HOH HOH A . 
C 3 HOH 23  1723 10   HOH HOH A . 
C 3 HOH 24  1724 42   HOH HOH A . 
C 3 HOH 25  1725 13   HOH HOH A . 
C 3 HOH 26  1726 2    HOH HOH A . 
C 3 HOH 27  1727 68   HOH HOH A . 
C 3 HOH 28  1728 73   HOH HOH A . 
C 3 HOH 29  1729 49   HOH HOH A . 
C 3 HOH 30  1730 58   HOH HOH A . 
C 3 HOH 31  1731 98   HOH HOH A . 
C 3 HOH 32  1732 44   HOH HOH A . 
C 3 HOH 33  1733 30   HOH HOH A . 
C 3 HOH 34  1734 112  HOH HOH A . 
C 3 HOH 35  1735 121  HOH HOH A . 
C 3 HOH 36  1736 7    HOH HOH A . 
C 3 HOH 37  1737 116  HOH HOH A . 
C 3 HOH 38  1738 17   HOH HOH A . 
C 3 HOH 39  1739 24   HOH HOH A . 
C 3 HOH 40  1740 100  HOH HOH A . 
C 3 HOH 41  1741 36   HOH HOH A . 
C 3 HOH 42  1742 66   HOH HOH A . 
C 3 HOH 43  1743 23   HOH HOH A . 
C 3 HOH 44  1744 11   HOH HOH A . 
C 3 HOH 45  1745 110  HOH HOH A . 
C 3 HOH 46  1746 50   HOH HOH A . 
C 3 HOH 47  1747 83   HOH HOH A . 
C 3 HOH 48  1748 32   HOH HOH A . 
C 3 HOH 49  1749 45   HOH HOH A . 
C 3 HOH 50  1750 3    HOH HOH A . 
C 3 HOH 51  1751 119  HOH HOH A . 
C 3 HOH 52  1752 14   HOH HOH A . 
C 3 HOH 53  1753 22   HOH HOH A . 
C 3 HOH 54  1754 37   HOH HOH A . 
C 3 HOH 55  1755 89   HOH HOH A . 
C 3 HOH 56  1756 97   HOH HOH A . 
C 3 HOH 57  1757 67   HOH HOH A . 
C 3 HOH 58  1758 46   HOH HOH A . 
C 3 HOH 59  1759 69   HOH HOH A . 
C 3 HOH 60  1760 39   HOH HOH A . 
C 3 HOH 61  1761 28   HOH HOH A . 
C 3 HOH 62  1762 43   HOH HOH A . 
C 3 HOH 63  1763 76   HOH HOH A . 
C 3 HOH 64  1764 29   HOH HOH A . 
C 3 HOH 65  1765 74   HOH HOH A . 
C 3 HOH 66  1766 52   HOH HOH A . 
C 3 HOH 67  1767 38   HOH HOH A . 
C 3 HOH 68  1768 20   HOH HOH A . 
C 3 HOH 69  1769 4    HOH HOH A . 
C 3 HOH 70  1770 31   HOH HOH A . 
C 3 HOH 71  1771 15   HOH HOH A . 
C 3 HOH 72  1772 12   HOH HOH A . 
C 3 HOH 73  1773 26   HOH HOH A . 
C 3 HOH 74  1774 113  HOH HOH A . 
C 3 HOH 75  1775 41   HOH HOH A . 
C 3 HOH 76  1776 101  HOH HOH A . 
C 3 HOH 77  1777 111  HOH HOH A . 
C 3 HOH 78  1778 77   HOH HOH A . 
C 3 HOH 79  1779 92   HOH HOH A . 
C 3 HOH 80  1780 56   HOH HOH A . 
C 3 HOH 81  1781 106  HOH HOH A . 
C 3 HOH 82  1782 102  HOH HOH A . 
C 3 HOH 83  1783 51   HOH HOH A . 
C 3 HOH 84  1784 124  HOH HOH A . 
C 3 HOH 85  1785 72   HOH HOH A . 
C 3 HOH 86  1786 34   HOH HOH A . 
C 3 HOH 87  1787 117  HOH HOH A . 
C 3 HOH 88  1788 70   HOH HOH A . 
C 3 HOH 89  1789 80   HOH HOH A . 
C 3 HOH 90  1790 25   HOH HOH A . 
C 3 HOH 91  1791 27   HOH HOH A . 
C 3 HOH 92  1792 65   HOH HOH A . 
C 3 HOH 93  1793 93   HOH HOH A . 
C 3 HOH 94  1794 8    HOH HOH A . 
C 3 HOH 95  1795 95   HOH HOH A . 
C 3 HOH 96  1796 118  HOH HOH A . 
C 3 HOH 97  1797 71   HOH HOH A . 
C 3 HOH 98  1798 120  HOH HOH A . 
C 3 HOH 99  1799 114  HOH HOH A . 
C 3 HOH 100 1800 126  HOH HOH A . 
C 3 HOH 101 1801 53   HOH HOH A . 
C 3 HOH 102 1802 85   HOH HOH A . 
C 3 HOH 103 1803 75   HOH HOH A . 
C 3 HOH 104 1804 62   HOH HOH A . 
C 3 HOH 105 1805 108  HOH HOH A . 
C 3 HOH 106 1806 99   HOH HOH A . 
C 3 HOH 107 1807 109  HOH HOH A . 
C 3 HOH 108 1808 105  HOH HOH A . 
C 3 HOH 109 1809 21   HOH HOH A . 
C 3 HOH 110 1810 57   HOH HOH A . 
C 3 HOH 111 1811 103  HOH HOH A . 
C 3 HOH 112 1812 6    HOH HOH A . 
C 3 HOH 113 1813 63   HOH HOH A . 
C 3 HOH 114 1814 91   HOH HOH A . 
C 3 HOH 115 1815 86   HOH HOH A . 
C 3 HOH 116 1816 18   HOH HOH A . 
C 3 HOH 117 1817 88   HOH HOH A . 
C 3 HOH 118 1818 84   HOH HOH A . 
C 3 HOH 119 1819 115  HOH HOH A . 
C 3 HOH 120 1820 96   HOH HOH A . 
C 3 HOH 121 1821 122  HOH HOH A . 
C 3 HOH 122 1822 107  HOH HOH A . 
C 3 HOH 123 1823 64   HOH HOH A . 
C 3 HOH 124 1824 82   HOH HOH A . 
C 3 HOH 125 1825 60   HOH HOH A . 
C 3 HOH 126 1826 123  HOH HOH A . 
# 
_pdbx_struct_assembly.id                   1 
_pdbx_struct_assembly.details              author_and_software_defined_assembly 
_pdbx_struct_assembly.method_details       PISA 
_pdbx_struct_assembly.oligomeric_details   monomeric 
_pdbx_struct_assembly.oligomeric_count     1 
# 
_pdbx_struct_assembly_gen.assembly_id       1 
_pdbx_struct_assembly_gen.oper_expression   1 
_pdbx_struct_assembly_gen.asym_id_list      A,B,C 
# 
_pdbx_struct_oper_list.id                   1 
_pdbx_struct_oper_list.type                 'identity operation' 
_pdbx_struct_oper_list.name                 1_555 
_pdbx_struct_oper_list.symmetry_operation   x,y,z 
_pdbx_struct_oper_list.matrix[1][1]         1.0000000000 
_pdbx_struct_oper_list.matrix[1][2]         0.0000000000 
_pdbx_struct_oper_list.matrix[1][3]         0.0000000000 
_pdbx_struct_oper_list.vector[1]            0.0000000000 
_pdbx_struct_oper_list.matrix[2][1]         0.0000000000 
_pdbx_struct_oper_list.matrix[2][2]         1.0000000000 
_pdbx_struct_oper_list.matrix[2][3]         0.0000000000 
_pdbx_struct_oper_list.vector[2]            0.0000000000 
_pdbx_struct_oper_list.matrix[3][1]         0.0000000000 
_pdbx_struct_oper_list.matrix[3][2]         0.0000000000 
_pdbx_struct_oper_list.matrix[3][3]         1.0000000000 
_pdbx_struct_oper_list.vector[3]            0.0000000000 
# 
loop_
_pdbx_audit_revision_history.ordinal 
_pdbx_audit_revision_history.data_content_type 
_pdbx_audit_revision_history.major_revision 
_pdbx_audit_revision_history.minor_revision 
_pdbx_audit_revision_history.revision_date 
1 'Structure model' 1 0 2022-08-17 
2 'Structure model' 1 1 2022-09-07 
3 'Structure model' 1 2 2023-10-18 
# 
_pdbx_audit_revision_details.ordinal             1 
_pdbx_audit_revision_details.revision_ordinal    1 
_pdbx_audit_revision_details.data_content_type   'Structure model' 
_pdbx_audit_revision_details.provider            repository 
_pdbx_audit_revision_details.type                'Initial release' 
_pdbx_audit_revision_details.description         ? 
_pdbx_audit_revision_details.details             ? 
# 
loop_
_pdbx_audit_revision_group.ordinal 
_pdbx_audit_revision_group.revision_ordinal 
_pdbx_audit_revision_group.data_content_type 
_pdbx_audit_revision_group.group 
1 2 'Structure model' 'Database references'    
2 3 'Structure model' 'Data collection'        
3 3 'Structure model' 'Refinement description' 
# 
loop_
_pdbx_audit_revision_category.ordinal 
_pdbx_audit_revision_category.revision_ordinal 
_pdbx_audit_revision_category.data_content_type 
_pdbx_audit_revision_category.category 
1 2 'Structure model' citation                      
2 2 'Structure model' citation_author               
3 3 'Structure model' chem_comp_atom                
4 3 'Structure model' chem_comp_bond                
5 3 'Structure model' pdbx_initial_refinement_model 
# 
loop_
_pdbx_audit_revision_item.ordinal 
_pdbx_audit_revision_item.revision_ordinal 
_pdbx_audit_revision_item.data_content_type 
_pdbx_audit_revision_item.item 
1 2 'Structure model' '_citation.journal_volume'          
2 2 'Structure model' '_citation.page_first'              
3 2 'Structure model' '_citation.page_last'               
4 2 'Structure model' '_citation_author.identifier_ORCID' 
# 
loop_
_software.citation_id 
_software.classification 
_software.compiler_name 
_software.compiler_version 
_software.contact_author 
_software.contact_author_email 
_software.date 
_software.description 
_software.dependencies 
_software.hardware 
_software.language 
_software.location 
_software.mods 
_software.name 
_software.os 
_software.os_version 
_software.type 
_software.version 
_software.pdbx_ordinal 
? 'data reduction'  ? ? ? ? ? ? ? ? ? ? ? HKL-2000    ? ? ? .        1 
? 'data scaling'    ? ? ? ? ? ? ? ? ? ? ? SCALEPACK   ? ? ? .        2 
? refinement        ? ? ? ? ? ? ? ? ? ? ? REFMAC      ? ? ? 5.8.0267 3 
? 'data extraction' ? ? ? ? ? ? ? ? ? ? ? PDB_EXTRACT ? ? ? 3.27     4 
? phasing           ? ? ? ? ? ? ? ? ? ? ? MOLREP      ? ? ? .        5 
# 
_pdbx_entry_details.entry_id                 7TAB 
_pdbx_entry_details.has_ligand_of_interest   Y 
_pdbx_entry_details.compound_details         ? 
_pdbx_entry_details.source_details           ? 
_pdbx_entry_details.nonpolymer_details       ? 
_pdbx_entry_details.sequence_details         ? 
# 
loop_
_pdbx_validate_rmsd_angle.id 
_pdbx_validate_rmsd_angle.PDB_model_num 
_pdbx_validate_rmsd_angle.auth_atom_id_1 
_pdbx_validate_rmsd_angle.auth_asym_id_1 
_pdbx_validate_rmsd_angle.auth_comp_id_1 
_pdbx_validate_rmsd_angle.auth_seq_id_1 
_pdbx_validate_rmsd_angle.PDB_ins_code_1 
_pdbx_validate_rmsd_angle.label_alt_id_1 
_pdbx_validate_rmsd_angle.auth_atom_id_2 
_pdbx_validate_rmsd_angle.auth_asym_id_2 
_pdbx_validate_rmsd_angle.auth_comp_id_2 
_pdbx_validate_rmsd_angle.auth_seq_id_2 
_pdbx_validate_rmsd_angle.PDB_ins_code_2 
_pdbx_validate_rmsd_angle.label_alt_id_2 
_pdbx_validate_rmsd_angle.auth_atom_id_3 
_pdbx_validate_rmsd_angle.auth_asym_id_3 
_pdbx_validate_rmsd_angle.auth_comp_id_3 
_pdbx_validate_rmsd_angle.auth_seq_id_3 
_pdbx_validate_rmsd_angle.PDB_ins_code_3 
_pdbx_validate_rmsd_angle.label_alt_id_3 
_pdbx_validate_rmsd_angle.angle_value 
_pdbx_validate_rmsd_angle.angle_target_value 
_pdbx_validate_rmsd_angle.angle_deviation 
_pdbx_validate_rmsd_angle.angle_standard_deviation 
_pdbx_validate_rmsd_angle.linker_flag 
1 1 NE A ARG 1513 ? ? CZ A ARG 1513 ? ? NH1 A ARG 1513 ? ? 124.05 120.30 3.75  0.50 N 
2 1 NE A ARG 1515 ? ? CZ A ARG 1515 ? ? NH2 A ARG 1515 ? ? 116.94 120.30 -3.36 0.50 N 
# 
loop_
_pdbx_unobs_or_zero_occ_residues.id 
_pdbx_unobs_or_zero_occ_residues.PDB_model_num 
_pdbx_unobs_or_zero_occ_residues.polymer_flag 
_pdbx_unobs_or_zero_occ_residues.occupancy_flag 
_pdbx_unobs_or_zero_occ_residues.auth_asym_id 
_pdbx_unobs_or_zero_occ_residues.auth_comp_id 
_pdbx_unobs_or_zero_occ_residues.auth_seq_id 
_pdbx_unobs_or_zero_occ_residues.PDB_ins_code 
_pdbx_unobs_or_zero_occ_residues.label_asym_id 
_pdbx_unobs_or_zero_occ_residues.label_comp_id 
_pdbx_unobs_or_zero_occ_residues.label_seq_id 
1 1 Y 1 A GLY 1446 ? A GLY 1   
2 1 Y 1 A SER 1447 ? A SER 2   
3 1 Y 1 A GLU 1571 ? A GLU 126 
4 1 Y 1 A GLY 1572 ? A GLY 127 
5 1 Y 1 A GLU 1573 ? A GLU 128 
6 1 Y 1 A GLU 1574 ? A GLU 129 
7 1 Y 1 A SER 1575 ? A SER 130 
# 
loop_
_chem_comp_atom.comp_id 
_chem_comp_atom.atom_id 
_chem_comp_atom.type_symbol 
_chem_comp_atom.pdbx_aromatic_flag 
_chem_comp_atom.pdbx_stereo_config 
_chem_comp_atom.pdbx_ordinal 
ALA N    N N N 1   
ALA CA   C N S 2   
ALA C    C N N 3   
ALA O    O N N 4   
ALA CB   C N N 5   
ALA OXT  O N N 6   
ALA H    H N N 7   
ALA H2   H N N 8   
ALA HA   H N N 9   
ALA HB1  H N N 10  
ALA HB2  H N N 11  
ALA HB3  H N N 12  
ALA HXT  H N N 13  
ARG N    N N N 14  
ARG CA   C N S 15  
ARG C    C N N 16  
ARG O    O N N 17  
ARG CB   C N N 18  
ARG CG   C N N 19  
ARG CD   C N N 20  
ARG NE   N N N 21  
ARG CZ   C N N 22  
ARG NH1  N N N 23  
ARG NH2  N N N 24  
ARG OXT  O N N 25  
ARG H    H N N 26  
ARG H2   H N N 27  
ARG HA   H N N 28  
ARG HB2  H N N 29  
ARG HB3  H N N 30  
ARG HG2  H N N 31  
ARG HG3  H N N 32  
ARG HD2  H N N 33  
ARG HD3  H N N 34  
ARG HE   H N N 35  
ARG HH11 H N N 36  
ARG HH12 H N N 37  
ARG HH21 H N N 38  
ARG HH22 H N N 39  
ARG HXT  H N N 40  
ASN N    N N N 41  
ASN CA   C N S 42  
ASN C    C N N 43  
ASN O    O N N 44  
ASN CB   C N N 45  
ASN CG   C N N 46  
ASN OD1  O N N 47  
ASN ND2  N N N 48  
ASN OXT  O N N 49  
ASN H    H N N 50  
ASN H2   H N N 51  
ASN HA   H N N 52  
ASN HB2  H N N 53  
ASN HB3  H N N 54  
ASN HD21 H N N 55  
ASN HD22 H N N 56  
ASN HXT  H N N 57  
ASP N    N N N 58  
ASP CA   C N S 59  
ASP C    C N N 60  
ASP O    O N N 61  
ASP CB   C N N 62  
ASP CG   C N N 63  
ASP OD1  O N N 64  
ASP OD2  O N N 65  
ASP OXT  O N N 66  
ASP H    H N N 67  
ASP H2   H N N 68  
ASP HA   H N N 69  
ASP HB2  H N N 70  
ASP HB3  H N N 71  
ASP HD2  H N N 72  
ASP HXT  H N N 73  
CYS N    N N N 74  
CYS CA   C N R 75  
CYS C    C N N 76  
CYS O    O N N 77  
CYS CB   C N N 78  
CYS SG   S N N 79  
CYS OXT  O N N 80  
CYS H    H N N 81  
CYS H2   H N N 82  
CYS HA   H N N 83  
CYS HB2  H N N 84  
CYS HB3  H N N 85  
CYS HG   H N N 86  
CYS HXT  H N N 87  
GGU C1   C Y N 88  
GGU C2   C Y N 89  
GGU C3   C Y N 90  
GGU C4   C Y N 91  
GGU C5   C Y N 92  
GGU C6   C Y N 93  
GGU C9   C Y N 94  
GGU C10  C Y N 95  
GGU C14  C Y N 96  
GGU N1   N Y N 97  
GGU O1   O N N 98  
GGU C7   C Y N 99  
GGU N2   N Y N 100 
GGU C8   C Y N 101 
GGU N3   N N N 102 
GGU C11  C Y N 103 
GGU C12  C Y N 104 
GGU C13  C Y N 105 
GGU C15  C Y N 106 
GGU C16  C Y N 107 
GGU H1   H N N 108 
GGU H2   H N N 109 
GGU H3   H N N 110 
GGU H4   H N N 111 
GGU H5   H N N 112 
GGU H6   H N N 113 
GGU H7   H N N 114 
GGU H8   H N N 115 
GGU H9   H N N 116 
GGU H10  H N N 117 
GGU H11  H N N 118 
GGU H12  H N N 119 
GGU H13  H N N 120 
GLN N    N N N 121 
GLN CA   C N S 122 
GLN C    C N N 123 
GLN O    O N N 124 
GLN CB   C N N 125 
GLN CG   C N N 126 
GLN CD   C N N 127 
GLN OE1  O N N 128 
GLN NE2  N N N 129 
GLN OXT  O N N 130 
GLN H    H N N 131 
GLN H2   H N N 132 
GLN HA   H N N 133 
GLN HB2  H N N 134 
GLN HB3  H N N 135 
GLN HG2  H N N 136 
GLN HG3  H N N 137 
GLN HE21 H N N 138 
GLN HE22 H N N 139 
GLN HXT  H N N 140 
GLU N    N N N 141 
GLU CA   C N S 142 
GLU C    C N N 143 
GLU O    O N N 144 
GLU CB   C N N 145 
GLU CG   C N N 146 
GLU CD   C N N 147 
GLU OE1  O N N 148 
GLU OE2  O N N 149 
GLU OXT  O N N 150 
GLU H    H N N 151 
GLU H2   H N N 152 
GLU HA   H N N 153 
GLU HB2  H N N 154 
GLU HB3  H N N 155 
GLU HG2  H N N 156 
GLU HG3  H N N 157 
GLU HE2  H N N 158 
GLU HXT  H N N 159 
GLY N    N N N 160 
GLY CA   C N N 161 
GLY C    C N N 162 
GLY O    O N N 163 
GLY OXT  O N N 164 
GLY H    H N N 165 
GLY H2   H N N 166 
GLY HA2  H N N 167 
GLY HA3  H N N 168 
GLY HXT  H N N 169 
HIS N    N N N 170 
HIS CA   C N S 171 
HIS C    C N N 172 
HIS O    O N N 173 
HIS CB   C N N 174 
HIS CG   C Y N 175 
HIS ND1  N Y N 176 
HIS CD2  C Y N 177 
HIS CE1  C Y N 178 
HIS NE2  N Y N 179 
HIS OXT  O N N 180 
HIS H    H N N 181 
HIS H2   H N N 182 
HIS HA   H N N 183 
HIS HB2  H N N 184 
HIS HB3  H N N 185 
HIS HD1  H N N 186 
HIS HD2  H N N 187 
HIS HE1  H N N 188 
HIS HE2  H N N 189 
HIS HXT  H N N 190 
HOH O    O N N 191 
HOH H1   H N N 192 
HOH H2   H N N 193 
ILE N    N N N 194 
ILE CA   C N S 195 
ILE C    C N N 196 
ILE O    O N N 197 
ILE CB   C N S 198 
ILE CG1  C N N 199 
ILE CG2  C N N 200 
ILE CD1  C N N 201 
ILE OXT  O N N 202 
ILE H    H N N 203 
ILE H2   H N N 204 
ILE HA   H N N 205 
ILE HB   H N N 206 
ILE HG12 H N N 207 
ILE HG13 H N N 208 
ILE HG21 H N N 209 
ILE HG22 H N N 210 
ILE HG23 H N N 211 
ILE HD11 H N N 212 
ILE HD12 H N N 213 
ILE HD13 H N N 214 
ILE HXT  H N N 215 
LEU N    N N N 216 
LEU CA   C N S 217 
LEU C    C N N 218 
LEU O    O N N 219 
LEU CB   C N N 220 
LEU CG   C N N 221 
LEU CD1  C N N 222 
LEU CD2  C N N 223 
LEU OXT  O N N 224 
LEU H    H N N 225 
LEU H2   H N N 226 
LEU HA   H N N 227 
LEU HB2  H N N 228 
LEU HB3  H N N 229 
LEU HG   H N N 230 
LEU HD11 H N N 231 
LEU HD12 H N N 232 
LEU HD13 H N N 233 
LEU HD21 H N N 234 
LEU HD22 H N N 235 
LEU HD23 H N N 236 
LEU HXT  H N N 237 
LYS N    N N N 238 
LYS CA   C N S 239 
LYS C    C N N 240 
LYS O    O N N 241 
LYS CB   C N N 242 
LYS CG   C N N 243 
LYS CD   C N N 244 
LYS CE   C N N 245 
LYS NZ   N N N 246 
LYS OXT  O N N 247 
LYS H    H N N 248 
LYS H2   H N N 249 
LYS HA   H N N 250 
LYS HB2  H N N 251 
LYS HB3  H N N 252 
LYS HG2  H N N 253 
LYS HG3  H N N 254 
LYS HD2  H N N 255 
LYS HD3  H N N 256 
LYS HE2  H N N 257 
LYS HE3  H N N 258 
LYS HZ1  H N N 259 
LYS HZ2  H N N 260 
LYS HZ3  H N N 261 
LYS HXT  H N N 262 
MET N    N N N 263 
MET CA   C N S 264 
MET C    C N N 265 
MET O    O N N 266 
MET CB   C N N 267 
MET CG   C N N 268 
MET SD   S N N 269 
MET CE   C N N 270 
MET OXT  O N N 271 
MET H    H N N 272 
MET H2   H N N 273 
MET HA   H N N 274 
MET HB2  H N N 275 
MET HB3  H N N 276 
MET HG2  H N N 277 
MET HG3  H N N 278 
MET HE1  H N N 279 
MET HE2  H N N 280 
MET HE3  H N N 281 
MET HXT  H N N 282 
PHE N    N N N 283 
PHE CA   C N S 284 
PHE C    C N N 285 
PHE O    O N N 286 
PHE CB   C N N 287 
PHE CG   C Y N 288 
PHE CD1  C Y N 289 
PHE CD2  C Y N 290 
PHE CE1  C Y N 291 
PHE CE2  C Y N 292 
PHE CZ   C Y N 293 
PHE OXT  O N N 294 
PHE H    H N N 295 
PHE H2   H N N 296 
PHE HA   H N N 297 
PHE HB2  H N N 298 
PHE HB3  H N N 299 
PHE HD1  H N N 300 
PHE HD2  H N N 301 
PHE HE1  H N N 302 
PHE HE2  H N N 303 
PHE HZ   H N N 304 
PHE HXT  H N N 305 
PRO N    N N N 306 
PRO CA   C N S 307 
PRO C    C N N 308 
PRO O    O N N 309 
PRO CB   C N N 310 
PRO CG   C N N 311 
PRO CD   C N N 312 
PRO OXT  O N N 313 
PRO H    H N N 314 
PRO HA   H N N 315 
PRO HB2  H N N 316 
PRO HB3  H N N 317 
PRO HG2  H N N 318 
PRO HG3  H N N 319 
PRO HD2  H N N 320 
PRO HD3  H N N 321 
PRO HXT  H N N 322 
SER N    N N N 323 
SER CA   C N S 324 
SER C    C N N 325 
SER O    O N N 326 
SER CB   C N N 327 
SER OG   O N N 328 
SER OXT  O N N 329 
SER H    H N N 330 
SER H2   H N N 331 
SER HA   H N N 332 
SER HB2  H N N 333 
SER HB3  H N N 334 
SER HG   H N N 335 
SER HXT  H N N 336 
THR N    N N N 337 
THR CA   C N S 338 
THR C    C N N 339 
THR O    O N N 340 
THR CB   C N R 341 
THR OG1  O N N 342 
THR CG2  C N N 343 
THR OXT  O N N 344 
THR H    H N N 345 
THR H2   H N N 346 
THR HA   H N N 347 
THR HB   H N N 348 
THR HG1  H N N 349 
THR HG21 H N N 350 
THR HG22 H N N 351 
THR HG23 H N N 352 
THR HXT  H N N 353 
TYR N    N N N 354 
TYR CA   C N S 355 
TYR C    C N N 356 
TYR O    O N N 357 
TYR CB   C N N 358 
TYR CG   C Y N 359 
TYR CD1  C Y N 360 
TYR CD2  C Y N 361 
TYR CE1  C Y N 362 
TYR CE2  C Y N 363 
TYR CZ   C Y N 364 
TYR OH   O N N 365 
TYR OXT  O N N 366 
TYR H    H N N 367 
TYR H2   H N N 368 
TYR HA   H N N 369 
TYR HB2  H N N 370 
TYR HB3  H N N 371 
TYR HD1  H N N 372 
TYR HD2  H N N 373 
TYR HE1  H N N 374 
TYR HE2  H N N 375 
TYR HH   H N N 376 
TYR HXT  H N N 377 
VAL N    N N N 378 
VAL CA   C N S 379 
VAL C    C N N 380 
VAL O    O N N 381 
VAL CB   C N N 382 
VAL CG1  C N N 383 
VAL CG2  C N N 384 
VAL OXT  O N N 385 
VAL H    H N N 386 
VAL H2   H N N 387 
VAL HA   H N N 388 
VAL HB   H N N 389 
VAL HG11 H N N 390 
VAL HG12 H N N 391 
VAL HG13 H N N 392 
VAL HG21 H N N 393 
VAL HG22 H N N 394 
VAL HG23 H N N 395 
VAL HXT  H N N 396 
# 
loop_
_chem_comp_bond.comp_id 
_chem_comp_bond.atom_id_1 
_chem_comp_bond.atom_id_2 
_chem_comp_bond.value_order 
_chem_comp_bond.pdbx_aromatic_flag 
_chem_comp_bond.pdbx_stereo_config 
_chem_comp_bond.pdbx_ordinal 
ALA N   CA   sing N N 1   
ALA N   H    sing N N 2   
ALA N   H2   sing N N 3   
ALA CA  C    sing N N 4   
ALA CA  CB   sing N N 5   
ALA CA  HA   sing N N 6   
ALA C   O    doub N N 7   
ALA C   OXT  sing N N 8   
ALA CB  HB1  sing N N 9   
ALA CB  HB2  sing N N 10  
ALA CB  HB3  sing N N 11  
ALA OXT HXT  sing N N 12  
ARG N   CA   sing N N 13  
ARG N   H    sing N N 14  
ARG N   H2   sing N N 15  
ARG CA  C    sing N N 16  
ARG CA  CB   sing N N 17  
ARG CA  HA   sing N N 18  
ARG C   O    doub N N 19  
ARG C   OXT  sing N N 20  
ARG CB  CG   sing N N 21  
ARG CB  HB2  sing N N 22  
ARG CB  HB3  sing N N 23  
ARG CG  CD   sing N N 24  
ARG CG  HG2  sing N N 25  
ARG CG  HG3  sing N N 26  
ARG CD  NE   sing N N 27  
ARG CD  HD2  sing N N 28  
ARG CD  HD3  sing N N 29  
ARG NE  CZ   sing N N 30  
ARG NE  HE   sing N N 31  
ARG CZ  NH1  sing N N 32  
ARG CZ  NH2  doub N N 33  
ARG NH1 HH11 sing N N 34  
ARG NH1 HH12 sing N N 35  
ARG NH2 HH21 sing N N 36  
ARG NH2 HH22 sing N N 37  
ARG OXT HXT  sing N N 38  
ASN N   CA   sing N N 39  
ASN N   H    sing N N 40  
ASN N   H2   sing N N 41  
ASN CA  C    sing N N 42  
ASN CA  CB   sing N N 43  
ASN CA  HA   sing N N 44  
ASN C   O    doub N N 45  
ASN C   OXT  sing N N 46  
ASN CB  CG   sing N N 47  
ASN CB  HB2  sing N N 48  
ASN CB  HB3  sing N N 49  
ASN CG  OD1  doub N N 50  
ASN CG  ND2  sing N N 51  
ASN ND2 HD21 sing N N 52  
ASN ND2 HD22 sing N N 53  
ASN OXT HXT  sing N N 54  
ASP N   CA   sing N N 55  
ASP N   H    sing N N 56  
ASP N   H2   sing N N 57  
ASP CA  C    sing N N 58  
ASP CA  CB   sing N N 59  
ASP CA  HA   sing N N 60  
ASP C   O    doub N N 61  
ASP C   OXT  sing N N 62  
ASP CB  CG   sing N N 63  
ASP CB  HB2  sing N N 64  
ASP CB  HB3  sing N N 65  
ASP CG  OD1  doub N N 66  
ASP CG  OD2  sing N N 67  
ASP OD2 HD2  sing N N 68  
ASP OXT HXT  sing N N 69  
CYS N   CA   sing N N 70  
CYS N   H    sing N N 71  
CYS N   H2   sing N N 72  
CYS CA  C    sing N N 73  
CYS CA  CB   sing N N 74  
CYS CA  HA   sing N N 75  
CYS C   O    doub N N 76  
CYS C   OXT  sing N N 77  
CYS CB  SG   sing N N 78  
CYS CB  HB2  sing N N 79  
CYS CB  HB3  sing N N 80  
CYS SG  HG   sing N N 81  
CYS OXT HXT  sing N N 82  
GGU C4  C3   doub Y N 83  
GGU C4  C5   sing Y N 84  
GGU C3  C2   sing Y N 85  
GGU C5  C6   doub Y N 86  
GGU C2  C1   doub Y N 87  
GGU C6  C1   sing Y N 88  
GGU C6  C7   sing N N 89  
GGU C1  O1   sing N N 90  
GGU C16 C15  doub Y N 91  
GGU C16 C11  sing Y N 92  
GGU C15 C14  sing Y N 93  
GGU C7  C9   doub Y N 94  
GGU C7  N1   sing Y N 95  
GGU C9  C10  sing Y N 96  
GGU N1  N2   doub Y N 97  
GGU C10 C11  sing N N 98  
GGU C10 C8   doub Y N 99  
GGU C11 C12  doub Y N 100 
GGU N2  C8   sing Y N 101 
GGU C14 C13  doub Y N 102 
GGU C8  N3   sing N N 103 
GGU C12 C13  sing Y N 104 
GGU C2  H1   sing N N 105 
GGU C3  H2   sing N N 106 
GGU C4  H3   sing N N 107 
GGU C5  H4   sing N N 108 
GGU C9  H5   sing N N 109 
GGU C14 H6   sing N N 110 
GGU O1  H7   sing N N 111 
GGU N3  H8   sing N N 112 
GGU N3  H9   sing N N 113 
GGU C12 H10  sing N N 114 
GGU C13 H11  sing N N 115 
GGU C15 H12  sing N N 116 
GGU C16 H13  sing N N 117 
GLN N   CA   sing N N 118 
GLN N   H    sing N N 119 
GLN N   H2   sing N N 120 
GLN CA  C    sing N N 121 
GLN CA  CB   sing N N 122 
GLN CA  HA   sing N N 123 
GLN C   O    doub N N 124 
GLN C   OXT  sing N N 125 
GLN CB  CG   sing N N 126 
GLN CB  HB2  sing N N 127 
GLN CB  HB3  sing N N 128 
GLN CG  CD   sing N N 129 
GLN CG  HG2  sing N N 130 
GLN CG  HG3  sing N N 131 
GLN CD  OE1  doub N N 132 
GLN CD  NE2  sing N N 133 
GLN NE2 HE21 sing N N 134 
GLN NE2 HE22 sing N N 135 
GLN OXT HXT  sing N N 136 
GLU N   CA   sing N N 137 
GLU N   H    sing N N 138 
GLU N   H2   sing N N 139 
GLU CA  C    sing N N 140 
GLU CA  CB   sing N N 141 
GLU CA  HA   sing N N 142 
GLU C   O    doub N N 143 
GLU C   OXT  sing N N 144 
GLU CB  CG   sing N N 145 
GLU CB  HB2  sing N N 146 
GLU CB  HB3  sing N N 147 
GLU CG  CD   sing N N 148 
GLU CG  HG2  sing N N 149 
GLU CG  HG3  sing N N 150 
GLU CD  OE1  doub N N 151 
GLU CD  OE2  sing N N 152 
GLU OE2 HE2  sing N N 153 
GLU OXT HXT  sing N N 154 
GLY N   CA   sing N N 155 
GLY N   H    sing N N 156 
GLY N   H2   sing N N 157 
GLY CA  C    sing N N 158 
GLY CA  HA2  sing N N 159 
GLY CA  HA3  sing N N 160 
GLY C   O    doub N N 161 
GLY C   OXT  sing N N 162 
GLY OXT HXT  sing N N 163 
HIS N   CA   sing N N 164 
HIS N   H    sing N N 165 
HIS N   H2   sing N N 166 
HIS CA  C    sing N N 167 
HIS CA  CB   sing N N 168 
HIS CA  HA   sing N N 169 
HIS C   O    doub N N 170 
HIS C   OXT  sing N N 171 
HIS CB  CG   sing N N 172 
HIS CB  HB2  sing N N 173 
HIS CB  HB3  sing N N 174 
HIS CG  ND1  sing Y N 175 
HIS CG  CD2  doub Y N 176 
HIS ND1 CE1  doub Y N 177 
HIS ND1 HD1  sing N N 178 
HIS CD2 NE2  sing Y N 179 
HIS CD2 HD2  sing N N 180 
HIS CE1 NE2  sing Y N 181 
HIS CE1 HE1  sing N N 182 
HIS NE2 HE2  sing N N 183 
HIS OXT HXT  sing N N 184 
HOH O   H1   sing N N 185 
HOH O   H2   sing N N 186 
ILE N   CA   sing N N 187 
ILE N   H    sing N N 188 
ILE N   H2   sing N N 189 
ILE CA  C    sing N N 190 
ILE CA  CB   sing N N 191 
ILE CA  HA   sing N N 192 
ILE C   O    doub N N 193 
ILE C   OXT  sing N N 194 
ILE CB  CG1  sing N N 195 
ILE CB  CG2  sing N N 196 
ILE CB  HB   sing N N 197 
ILE CG1 CD1  sing N N 198 
ILE CG1 HG12 sing N N 199 
ILE CG1 HG13 sing N N 200 
ILE CG2 HG21 sing N N 201 
ILE CG2 HG22 sing N N 202 
ILE CG2 HG23 sing N N 203 
ILE CD1 HD11 sing N N 204 
ILE CD1 HD12 sing N N 205 
ILE CD1 HD13 sing N N 206 
ILE OXT HXT  sing N N 207 
LEU N   CA   sing N N 208 
LEU N   H    sing N N 209 
LEU N   H2   sing N N 210 
LEU CA  C    sing N N 211 
LEU CA  CB   sing N N 212 
LEU CA  HA   sing N N 213 
LEU C   O    doub N N 214 
LEU C   OXT  sing N N 215 
LEU CB  CG   sing N N 216 
LEU CB  HB2  sing N N 217 
LEU CB  HB3  sing N N 218 
LEU CG  CD1  sing N N 219 
LEU CG  CD2  sing N N 220 
LEU CG  HG   sing N N 221 
LEU CD1 HD11 sing N N 222 
LEU CD1 HD12 sing N N 223 
LEU CD1 HD13 sing N N 224 
LEU CD2 HD21 sing N N 225 
LEU CD2 HD22 sing N N 226 
LEU CD2 HD23 sing N N 227 
LEU OXT HXT  sing N N 228 
LYS N   CA   sing N N 229 
LYS N   H    sing N N 230 
LYS N   H2   sing N N 231 
LYS CA  C    sing N N 232 
LYS CA  CB   sing N N 233 
LYS CA  HA   sing N N 234 
LYS C   O    doub N N 235 
LYS C   OXT  sing N N 236 
LYS CB  CG   sing N N 237 
LYS CB  HB2  sing N N 238 
LYS CB  HB3  sing N N 239 
LYS CG  CD   sing N N 240 
LYS CG  HG2  sing N N 241 
LYS CG  HG3  sing N N 242 
LYS CD  CE   sing N N 243 
LYS CD  HD2  sing N N 244 
LYS CD  HD3  sing N N 245 
LYS CE  NZ   sing N N 246 
LYS CE  HE2  sing N N 247 
LYS CE  HE3  sing N N 248 
LYS NZ  HZ1  sing N N 249 
LYS NZ  HZ2  sing N N 250 
LYS NZ  HZ3  sing N N 251 
LYS OXT HXT  sing N N 252 
MET N   CA   sing N N 253 
MET N   H    sing N N 254 
MET N   H2   sing N N 255 
MET CA  C    sing N N 256 
MET CA  CB   sing N N 257 
MET CA  HA   sing N N 258 
MET C   O    doub N N 259 
MET C   OXT  sing N N 260 
MET CB  CG   sing N N 261 
MET CB  HB2  sing N N 262 
MET CB  HB3  sing N N 263 
MET CG  SD   sing N N 264 
MET CG  HG2  sing N N 265 
MET CG  HG3  sing N N 266 
MET SD  CE   sing N N 267 
MET CE  HE1  sing N N 268 
MET CE  HE2  sing N N 269 
MET CE  HE3  sing N N 270 
MET OXT HXT  sing N N 271 
PHE N   CA   sing N N 272 
PHE N   H    sing N N 273 
PHE N   H2   sing N N 274 
PHE CA  C    sing N N 275 
PHE CA  CB   sing N N 276 
PHE CA  HA   sing N N 277 
PHE C   O    doub N N 278 
PHE C   OXT  sing N N 279 
PHE CB  CG   sing N N 280 
PHE CB  HB2  sing N N 281 
PHE CB  HB3  sing N N 282 
PHE CG  CD1  doub Y N 283 
PHE CG  CD2  sing Y N 284 
PHE CD1 CE1  sing Y N 285 
PHE CD1 HD1  sing N N 286 
PHE CD2 CE2  doub Y N 287 
PHE CD2 HD2  sing N N 288 
PHE CE1 CZ   doub Y N 289 
PHE CE1 HE1  sing N N 290 
PHE CE2 CZ   sing Y N 291 
PHE CE2 HE2  sing N N 292 
PHE CZ  HZ   sing N N 293 
PHE OXT HXT  sing N N 294 
PRO N   CA   sing N N 295 
PRO N   CD   sing N N 296 
PRO N   H    sing N N 297 
PRO CA  C    sing N N 298 
PRO CA  CB   sing N N 299 
PRO CA  HA   sing N N 300 
PRO C   O    doub N N 301 
PRO C   OXT  sing N N 302 
PRO CB  CG   sing N N 303 
PRO CB  HB2  sing N N 304 
PRO CB  HB3  sing N N 305 
PRO CG  CD   sing N N 306 
PRO CG  HG2  sing N N 307 
PRO CG  HG3  sing N N 308 
PRO CD  HD2  sing N N 309 
PRO CD  HD3  sing N N 310 
PRO OXT HXT  sing N N 311 
SER N   CA   sing N N 312 
SER N   H    sing N N 313 
SER N   H2   sing N N 314 
SER CA  C    sing N N 315 
SER CA  CB   sing N N 316 
SER CA  HA   sing N N 317 
SER C   O    doub N N 318 
SER C   OXT  sing N N 319 
SER CB  OG   sing N N 320 
SER CB  HB2  sing N N 321 
SER CB  HB3  sing N N 322 
SER OG  HG   sing N N 323 
SER OXT HXT  sing N N 324 
THR N   CA   sing N N 325 
THR N   H    sing N N 326 
THR N   H2   sing N N 327 
THR CA  C    sing N N 328 
THR CA  CB   sing N N 329 
THR CA  HA   sing N N 330 
THR C   O    doub N N 331 
THR C   OXT  sing N N 332 
THR CB  OG1  sing N N 333 
THR CB  CG2  sing N N 334 
THR CB  HB   sing N N 335 
THR OG1 HG1  sing N N 336 
THR CG2 HG21 sing N N 337 
THR CG2 HG22 sing N N 338 
THR CG2 HG23 sing N N 339 
THR OXT HXT  sing N N 340 
TYR N   CA   sing N N 341 
TYR N   H    sing N N 342 
TYR N   H2   sing N N 343 
TYR CA  C    sing N N 344 
TYR CA  CB   sing N N 345 
TYR CA  HA   sing N N 346 
TYR C   O    doub N N 347 
TYR C   OXT  sing N N 348 
TYR CB  CG   sing N N 349 
TYR CB  HB2  sing N N 350 
TYR CB  HB3  sing N N 351 
TYR CG  CD1  doub Y N 352 
TYR CG  CD2  sing Y N 353 
TYR CD1 CE1  sing Y N 354 
TYR CD1 HD1  sing N N 355 
TYR CD2 CE2  doub Y N 356 
TYR CD2 HD2  sing N N 357 
TYR CE1 CZ   doub Y N 358 
TYR CE1 HE1  sing N N 359 
TYR CE2 CZ   sing Y N 360 
TYR CE2 HE2  sing N N 361 
TYR CZ  OH   sing N N 362 
TYR OH  HH   sing N N 363 
TYR OXT HXT  sing N N 364 
VAL N   CA   sing N N 365 
VAL N   H    sing N N 366 
VAL N   H2   sing N N 367 
VAL CA  C    sing N N 368 
VAL CA  CB   sing N N 369 
VAL CA  HA   sing N N 370 
VAL C   O    doub N N 371 
VAL C   OXT  sing N N 372 
VAL CB  CG1  sing N N 373 
VAL CB  CG2  sing N N 374 
VAL CB  HB   sing N N 375 
VAL CG1 HG11 sing N N 376 
VAL CG1 HG12 sing N N 377 
VAL CG1 HG13 sing N N 378 
VAL CG2 HG21 sing N N 379 
VAL CG2 HG22 sing N N 380 
VAL CG2 HG23 sing N N 381 
VAL OXT HXT  sing N N 382 
# 
_pdbx_audit_support.funding_organization   'Not funded' 
_pdbx_audit_support.country                ? 
_pdbx_audit_support.grant_number           ? 
_pdbx_audit_support.ordinal                1 
# 
_pdbx_entity_instance_feature.ordinal        1 
_pdbx_entity_instance_feature.comp_id        GGU 
_pdbx_entity_instance_feature.asym_id        ? 
_pdbx_entity_instance_feature.seq_num        ? 
_pdbx_entity_instance_feature.auth_comp_id   GGU 
_pdbx_entity_instance_feature.auth_asym_id   ? 
_pdbx_entity_instance_feature.auth_seq_num   ? 
_pdbx_entity_instance_feature.feature_type   'SUBJECT OF INVESTIGATION' 
_pdbx_entity_instance_feature.details        ? 
# 
loop_
_pdbx_entity_nonpoly.entity_id 
_pdbx_entity_nonpoly.name 
_pdbx_entity_nonpoly.comp_id 
2 '2-(6-amino-5-phenylpyridazin-3-yl)phenol' GGU 
3 water                                      HOH 
# 
_pdbx_initial_refinement_model.id               1 
_pdbx_initial_refinement_model.entity_id_list   ? 
_pdbx_initial_refinement_model.type             'experimental model' 
_pdbx_initial_refinement_model.source_name      PDB 
_pdbx_initial_refinement_model.accession_code   2GRC 
_pdbx_initial_refinement_model.details          ? 
# 
_pdbx_struct_assembly_auth_evidence.id                     1 
_pdbx_struct_assembly_auth_evidence.assembly_id            1 
_pdbx_struct_assembly_auth_evidence.experimental_support   'gel filtration' 
_pdbx_struct_assembly_auth_evidence.details                ? 
# 
